data_6LDD
#
_entry.id   6LDD
#
_cell.length_a   92.557
_cell.length_b   105.623
_cell.length_c   161.987
_cell.angle_alpha   90.000
_cell.angle_beta   91.300
_cell.angle_gamma   90.000
#
_symmetry.space_group_name_H-M   'P 1 21 1'
#
loop_
_entity.id
_entity.type
_entity.pdbx_description
1 polymer 'LacZ1 Beta-galactosidase'
2 non-polymer '(2~{S},3~{S},4~{R},5~{R})-4,5-bis(oxidanyl)-2-propyl-piperidine-3-carboxylic acid'
3 water water
#
_entity_poly.entity_id   1
_entity_poly.type   'polypeptide(L)'
_entity_poly.pdbx_seq_one_letter_code
;NGMLYPQSNDSRIVFPLDGVWDFRTAGEDSYPAEWADAPLPEPLPMAVPGSYNDQNDELNLRAHYGWVVYQRSFAVPSRL
VAGQRMILRFDAATHAADVYLNGQLLGSHFGGFLPFEFDVTSALHAGENLLTVAVDNRIGSSTLPVGNDAGTAFMGSDNA
NVPAVAEAKKHARRQNLPNFDFFNFAGLNRHVELYTTPADAYIADIAITTERLDHIAGDACTAANALIAYDVTFGGDFPS
NPTDPNTPIQPSDPAINHADSSESAESDIQRATTYGRQVRISILDGEGTVVAGVTADIERSGDGTAKASGEIAIRDAKLW
NPGAAYLYTAVAELLPEGGAESSSRIIDAYRQTFGIRTVEVSGTTFLINGKPFYFKGFGKHEDSYFHGRGTDDVLNVKDV
SLIHWLHANSFRTSHYPYAESMYDLCDREGIVIIDEVPAVGMSWLQYANPLVAERHREAIRGMIARDKNHPCIVMWSIAN
EPGLDGDGERPRQAYDYFRPLYELAHASDPQNRPVTLVCCQNDYTTDITERTMDVVCINRYYGWYNLSGDLDAACHALNI
ELDFWENIGKPVMFTEYGADTIEGIHGTHGEMFSEEFQRDYYARINAEIDKRPWFIGEQLWNFADFATFQGIIRVEGNRK
GILTRDRQPKMAAHWLRERWAGIPDYGYKG
;
_entity_poly.pdbx_strand_id   A,B,C,D
#
# COMPACT_ATOMS: atom_id res chain seq x y z
N ASN A 1 43.00 20.25 18.21
CA ASN A 1 42.38 20.15 16.89
C ASN A 1 42.06 18.71 16.49
N GLY A 2 42.98 17.80 16.81
CA GLY A 2 42.81 16.40 16.47
C GLY A 2 41.73 15.70 17.25
N MET A 3 40.94 14.89 16.55
CA MET A 3 39.91 14.07 17.16
C MET A 3 40.00 12.64 16.64
N LEU A 4 41.14 12.00 16.85
CA LEU A 4 41.34 10.61 16.43
C LEU A 4 40.33 9.71 17.10
N TYR A 5 39.73 8.79 16.35
CA TYR A 5 38.76 7.90 16.96
C TYR A 5 39.46 7.04 18.01
N PRO A 6 38.84 6.92 19.18
CA PRO A 6 39.38 6.13 20.30
C PRO A 6 39.80 4.74 19.88
N GLN A 7 40.98 4.33 20.33
CA GLN A 7 41.57 3.09 19.89
C GLN A 7 42.07 2.31 21.11
N SER A 8 41.94 1.00 21.06
CA SER A 8 42.49 0.14 22.10
C SER A 8 43.75 -0.54 21.60
N ASN A 9 44.82 -0.45 22.38
CA ASN A 9 46.08 -1.13 22.09
C ASN A 9 46.85 -1.33 23.39
N ASP A 10 48.16 -1.50 23.30
CA ASP A 10 48.94 -1.78 24.50
C ASP A 10 49.09 -0.54 25.40
N SER A 11 48.92 0.64 24.81
CA SER A 11 49.04 1.88 25.58
C SER A 11 47.71 2.58 25.80
N ARG A 12 46.64 2.05 25.20
CA ARG A 12 45.34 2.69 25.27
C ARG A 12 44.20 1.69 25.41
N ILE A 13 43.19 2.04 26.20
CA ILE A 13 42.00 1.22 26.30
C ILE A 13 40.75 2.09 26.10
N VAL A 14 39.73 1.51 25.47
CA VAL A 14 38.45 2.18 25.28
C VAL A 14 37.35 1.46 26.06
N PHE A 15 36.58 2.23 26.82
CA PHE A 15 35.44 1.75 27.57
C PHE A 15 34.16 2.42 27.07
N PRO A 16 33.41 1.72 26.21
CA PRO A 16 32.16 2.25 25.66
C PRO A 16 31.09 2.49 26.72
N LEU A 17 30.31 3.55 26.56
CA LEU A 17 29.27 3.89 27.53
C LEU A 17 27.88 3.82 26.91
N ASP A 18 27.79 3.15 25.76
CA ASP A 18 26.52 2.90 25.08
C ASP A 18 25.65 1.97 25.92
N GLY A 19 24.36 1.93 25.58
CA GLY A 19 23.43 1.03 26.23
C GLY A 19 22.12 1.72 26.54
N VAL A 20 21.40 1.22 27.53
CA VAL A 20 20.13 1.81 27.91
C VAL A 20 20.33 2.77 29.07
N TRP A 21 20.23 4.08 28.78
CA TRP A 21 20.40 5.12 29.79
C TRP A 21 19.07 5.51 30.42
N ASP A 22 19.18 6.33 31.48
CA ASP A 22 18.06 7.04 32.07
C ASP A 22 17.84 8.34 31.30
N PHE A 23 16.60 8.83 31.30
CA PHE A 23 16.21 9.91 30.42
C PHE A 23 14.99 10.65 30.97
N ARG A 24 15.00 11.97 30.88
CA ARG A 24 13.81 12.76 31.22
C ARG A 24 13.68 13.91 30.23
N THR A 25 12.47 14.25 29.83
CA THR A 25 12.29 15.49 29.09
C THR A 25 12.35 16.65 30.06
N ALA A 26 12.76 17.81 29.56
CA ALA A 26 12.82 19.01 30.40
C ALA A 26 12.11 20.18 29.71
N GLY A 27 12.52 21.40 30.07
CA GLY A 27 11.83 22.61 29.61
C GLY A 27 12.23 23.15 28.25
N GLU A 28 11.45 24.10 27.76
CA GLU A 28 11.71 24.74 26.48
C GLU A 28 13.03 25.50 26.44
N ASP A 29 13.45 26.04 27.58
CA ASP A 29 14.74 26.74 27.63
C ASP A 29 15.53 26.51 28.92
N SER A 30 15.18 25.48 29.68
CA SER A 30 15.91 25.14 30.88
C SER A 30 15.72 23.69 31.33
N TYR A 31 16.55 23.26 32.26
CA TYR A 31 16.43 21.96 32.89
C TYR A 31 16.90 22.08 34.34
N PRO A 32 16.36 21.24 35.23
CA PRO A 32 16.75 21.28 36.66
C PRO A 32 18.20 20.90 36.89
N ALA A 33 18.97 21.82 37.45
CA ALA A 33 20.40 21.59 37.65
C ALA A 33 20.69 20.45 38.61
N GLU A 34 19.77 20.20 39.53
CA GLU A 34 19.98 19.16 40.52
C GLU A 34 19.85 17.78 39.90
N TRP A 35 19.38 17.72 38.66
CA TRP A 35 19.36 16.47 37.93
C TRP A 35 20.77 16.00 37.61
N ALA A 36 21.73 16.92 37.63
CA ALA A 36 23.12 16.54 37.41
C ALA A 36 23.81 16.04 38.68
N ASP A 37 23.18 16.28 39.82
CA ASP A 37 23.78 16.03 41.12
C ASP A 37 23.36 14.72 41.77
N ALA A 38 22.30 14.13 41.24
CA ALA A 38 21.71 12.93 41.82
C ALA A 38 21.00 12.15 40.72
N PRO A 39 20.67 10.88 40.96
CA PRO A 39 19.92 10.12 39.96
C PRO A 39 18.65 10.84 39.48
N LEU A 40 18.36 10.77 38.18
CA LEU A 40 17.14 11.34 37.64
C LEU A 40 15.94 10.73 38.37
N PRO A 41 14.98 11.58 38.77
CA PRO A 41 13.74 11.07 39.35
C PRO A 41 12.86 10.47 38.26
N GLU A 42 12.22 9.33 38.56
CA GLU A 42 11.31 8.66 37.65
C GLU A 42 11.79 8.60 36.20
N PRO A 43 12.98 8.02 35.96
CA PRO A 43 13.56 8.11 34.62
C PRO A 43 12.87 7.19 33.61
N LEU A 44 12.89 7.61 32.35
CA LEU A 44 12.49 6.77 31.22
C LEU A 44 13.74 6.06 30.70
N PRO A 45 13.56 4.89 30.07
CA PRO A 45 14.72 4.29 29.41
C PRO A 45 14.95 4.94 28.05
N MET A 46 16.21 5.04 27.65
CA MET A 46 16.56 5.58 26.35
C MET A 46 17.85 4.96 25.84
N ALA A 47 17.78 4.29 24.69
CA ALA A 47 18.95 3.63 24.14
C ALA A 47 19.91 4.65 23.57
N VAL A 48 21.20 4.40 23.77
CA VAL A 48 22.30 5.24 23.29
C VAL A 48 23.31 4.32 22.63
N PRO A 49 23.60 4.56 21.33
CA PRO A 49 23.23 5.72 20.49
C PRO A 49 21.86 5.62 19.85
N GLY A 50 21.30 6.77 19.49
CA GLY A 50 19.98 6.83 18.88
C GLY A 50 19.33 8.18 19.10
N SER A 51 18.47 8.59 18.18
CA SER A 51 17.62 9.76 18.43
C SER A 51 16.60 9.35 19.49
N TYR A 52 16.17 10.30 20.32
CA TYR A 52 15.20 9.95 21.35
C TYR A 52 13.76 10.02 20.83
N ASN A 53 13.54 10.70 19.71
CA ASN A 53 12.19 11.08 19.30
C ASN A 53 11.25 9.90 19.01
N ASP A 54 11.79 8.83 18.43
CA ASP A 54 10.96 7.67 18.10
C ASP A 54 11.16 6.49 19.05
N GLN A 55 11.68 6.78 20.25
CA GLN A 55 11.90 5.73 21.25
C GLN A 55 10.86 5.71 22.37
N ASN A 56 9.76 6.43 22.20
CA ASN A 56 8.68 6.36 23.18
C ASN A 56 7.33 6.79 22.60
N ASP A 57 6.49 5.81 22.30
CA ASP A 57 5.20 6.06 21.68
C ASP A 57 4.12 6.48 22.67
N GLU A 58 4.43 6.47 23.96
CA GLU A 58 3.52 7.03 24.95
C GLU A 58 3.57 8.55 24.90
N LEU A 59 4.76 9.06 24.58
CA LEU A 59 4.97 10.49 24.46
C LEU A 59 5.00 10.86 22.99
N ASN A 60 4.93 12.15 22.69
CA ASN A 60 5.12 12.61 21.33
C ASN A 60 6.41 13.42 21.25
N LEU A 61 7.53 12.72 21.35
CA LEU A 61 8.83 13.38 21.45
C LEU A 61 9.25 14.05 20.15
N ARG A 62 8.61 13.72 19.03
CA ARG A 62 8.84 14.45 17.79
C ARG A 62 8.41 15.91 17.92
N ALA A 63 7.43 16.14 18.78
CA ALA A 63 6.93 17.50 19.00
C ALA A 63 7.72 18.22 20.09
N HIS A 64 8.68 17.53 20.71
CA HIS A 64 9.40 18.14 21.82
C HIS A 64 10.21 19.35 21.39
N TYR A 65 10.17 20.39 22.21
CA TYR A 65 10.93 21.61 21.97
C TYR A 65 11.78 21.94 23.18
N GLY A 66 13.10 22.00 22.97
CA GLY A 66 14.00 22.37 24.04
C GLY A 66 14.89 21.26 24.55
N TRP A 67 14.96 21.11 25.87
CA TRP A 67 15.94 20.26 26.52
C TRP A 67 15.42 18.87 26.89
N VAL A 68 16.34 17.91 26.88
CA VAL A 68 16.14 16.62 27.51
C VAL A 68 17.39 16.34 28.34
N VAL A 69 17.31 15.41 29.27
CA VAL A 69 18.45 15.05 30.10
C VAL A 69 18.66 13.55 30.12
N TYR A 70 19.85 13.14 29.68
CA TYR A 70 20.33 11.77 29.74
C TYR A 70 21.13 11.55 31.00
N GLN A 71 21.15 10.32 31.49
CA GLN A 71 22.01 10.03 32.63
C GLN A 71 22.32 8.55 32.72
N ARG A 72 23.54 8.22 33.13
CA ARG A 72 23.85 6.84 33.48
C ARG A 72 24.99 6.76 34.50
N SER A 73 25.15 5.60 35.11
CA SER A 73 26.28 5.35 35.98
C SER A 73 27.26 4.42 35.28
N PHE A 74 28.53 4.50 35.69
CA PHE A 74 29.53 3.56 35.23
C PHE A 74 30.64 3.47 36.25
N ALA A 75 31.35 2.35 36.23
CA ALA A 75 32.52 2.15 37.09
C ALA A 75 33.59 1.45 36.30
N VAL A 76 34.85 1.82 36.52
CA VAL A 76 35.98 1.14 35.90
C VAL A 76 37.02 0.84 36.97
N PRO A 77 37.83 -0.22 36.74
CA PRO A 77 38.85 -0.57 37.74
C PRO A 77 39.83 0.58 37.96
N SER A 78 40.15 0.84 39.23
CA SER A 78 41.10 1.90 39.59
C SER A 78 42.47 1.70 38.94
N ARG A 79 42.85 0.45 38.73
CA ARG A 79 44.16 0.14 38.16
C ARG A 79 44.22 0.52 36.68
N LEU A 80 43.06 0.62 36.05
CA LEU A 80 43.00 1.00 34.63
C LEU A 80 43.20 2.49 34.44
N VAL A 81 42.69 3.29 35.38
CA VAL A 81 42.77 4.74 35.27
C VAL A 81 44.07 5.26 35.84
N ALA A 82 44.72 4.44 36.65
CA ALA A 82 45.95 4.84 37.36
C ALA A 82 47.04 5.32 36.42
N GLY A 83 47.43 6.59 36.58
CA GLY A 83 48.53 7.15 35.82
C GLY A 83 48.15 7.53 34.41
N GLN A 84 46.88 7.34 34.06
CA GLN A 84 46.43 7.60 32.70
C GLN A 84 45.68 8.91 32.56
N ARG A 85 45.69 9.41 31.33
CA ARG A 85 44.85 10.52 30.91
C ARG A 85 43.49 9.98 30.50
N MET A 86 42.45 10.43 31.19
CA MET A 86 41.09 9.93 30.98
C MET A 86 40.25 10.91 30.19
N ILE A 87 39.75 10.47 29.03
CA ILE A 87 38.99 11.34 28.14
C ILE A 87 37.59 10.80 27.92
N LEU A 88 36.59 11.64 28.10
CA LEU A 88 35.20 11.26 27.82
C LEU A 88 34.81 11.83 26.48
N ARG A 89 34.47 10.96 25.54
CA ARG A 89 34.18 11.37 24.18
C ARG A 89 32.73 11.14 23.75
N PHE A 90 32.14 12.19 23.19
CA PHE A 90 30.82 12.13 22.58
C PHE A 90 30.93 12.23 21.07
N ASP A 91 30.61 11.14 20.35
CA ASP A 91 30.70 11.16 18.90
C ASP A 91 29.72 12.17 18.28
N ALA A 92 28.57 12.34 18.91
CA ALA A 92 27.58 13.36 18.50
C ALA A 92 26.46 13.53 19.50
N ALA A 93 26.22 14.77 19.89
CA ALA A 93 25.03 15.14 20.66
C ALA A 93 24.30 16.26 19.91
N THR A 94 23.07 15.99 19.49
CA THR A 94 22.37 16.88 18.57
C THR A 94 21.28 17.66 19.28
N HIS A 95 21.35 19.00 19.30
CA HIS A 95 22.37 19.80 18.62
C HIS A 95 23.43 20.35 19.57
N ALA A 96 23.02 20.63 20.80
CA ALA A 96 23.92 21.22 21.79
C ALA A 96 23.83 20.45 23.10
N ALA A 97 24.91 20.43 23.86
CA ALA A 97 24.95 19.63 25.09
C ALA A 97 25.68 20.32 26.23
N ASP A 98 25.18 20.09 27.44
CA ASP A 98 25.94 20.36 28.67
C ASP A 98 26.28 19.03 29.32
N VAL A 99 27.54 18.84 29.68
CA VAL A 99 27.95 17.56 30.27
C VAL A 99 28.43 17.71 31.70
N TYR A 100 27.88 16.87 32.57
CA TYR A 100 28.23 16.83 33.99
C TYR A 100 28.74 15.46 34.40
N LEU A 101 29.78 15.45 35.21
CA LEU A 101 30.27 14.20 35.80
C LEU A 101 30.37 14.37 37.32
N ASN A 102 29.64 13.54 38.06
CA ASN A 102 29.64 13.58 39.51
C ASN A 102 29.29 14.97 40.09
N GLY A 103 28.35 15.66 39.46
CA GLY A 103 27.88 16.95 39.95
C GLY A 103 28.69 18.14 39.47
N GLN A 104 29.81 17.86 38.82
CA GLN A 104 30.69 18.89 38.27
C GLN A 104 30.45 19.14 36.77
N LEU A 105 30.31 20.41 36.40
CA LEU A 105 30.22 20.77 34.99
C LEU A 105 31.52 20.53 34.26
N LEU A 106 31.51 19.62 33.28
CA LEU A 106 32.70 19.39 32.47
C LEU A 106 32.81 20.45 31.37
N GLY A 107 31.66 20.86 30.84
CA GLY A 107 31.64 21.84 29.76
C GLY A 107 30.46 21.66 28.82
N SER A 108 30.49 22.39 27.71
CA SER A 108 29.37 22.43 26.78
C SER A 108 29.84 22.32 25.33
N HIS A 109 28.90 22.07 24.43
CA HIS A 109 29.21 21.99 22.99
C HIS A 109 28.03 22.37 22.11
N PHE A 110 28.30 23.10 21.02
CA PHE A 110 27.30 23.26 19.98
C PHE A 110 27.79 22.59 18.70
N GLY A 111 26.85 21.96 18.01
CA GLY A 111 27.12 21.30 16.75
C GLY A 111 26.71 19.85 16.91
N GLY A 112 25.64 19.49 16.22
CA GLY A 112 25.00 18.21 16.42
C GLY A 112 25.56 17.02 15.68
N PHE A 113 26.61 17.25 14.89
CA PHE A 113 27.04 16.20 13.96
C PHE A 113 28.54 15.98 13.93
N LEU A 114 29.24 16.55 14.91
CA LEU A 114 30.69 16.38 15.01
C LEU A 114 31.07 16.08 16.48
N PRO A 115 32.13 15.30 16.68
CA PRO A 115 32.47 14.82 18.02
C PRO A 115 33.13 15.88 18.90
N PHE A 116 32.99 15.71 20.22
CA PHE A 116 33.66 16.56 21.19
C PHE A 116 34.01 15.72 22.41
N GLU A 117 34.97 16.17 23.21
CA GLU A 117 35.44 15.39 24.34
C GLU A 117 35.91 16.26 25.51
N PHE A 118 36.00 15.64 26.69
CA PHE A 118 36.41 16.33 27.91
C PHE A 118 37.47 15.52 28.66
N ASP A 119 38.45 16.20 29.24
CA ASP A 119 39.41 15.53 30.13
C ASP A 119 38.74 15.32 31.48
N VAL A 120 38.47 14.06 31.83
CA VAL A 120 37.77 13.77 33.09
C VAL A 120 38.69 13.12 34.11
N THR A 121 39.99 13.23 33.90
CA THR A 121 40.99 12.63 34.79
C THR A 121 40.76 13.01 36.26
N SER A 122 40.52 14.28 36.51
CA SER A 122 40.34 14.77 37.88
C SER A 122 38.90 14.64 38.40
N ALA A 123 37.94 14.59 37.50
CA ALA A 123 36.53 14.53 37.90
C ALA A 123 36.11 13.11 38.23
N LEU A 124 36.82 12.13 37.67
CA LEU A 124 36.53 10.72 37.94
C LEU A 124 36.86 10.38 39.38
N HIS A 125 36.13 9.42 39.94
CA HIS A 125 36.53 8.80 41.19
C HIS A 125 36.23 7.31 41.17
N ALA A 126 36.71 6.60 42.19
CA ALA A 126 36.56 5.15 42.27
C ALA A 126 35.10 4.78 42.47
N GLY A 127 34.75 3.54 42.12
CA GLY A 127 33.36 3.10 42.21
C GLY A 127 32.49 3.75 41.16
N GLU A 128 31.19 3.86 41.46
CA GLU A 128 30.20 4.37 40.52
C GLU A 128 30.36 5.86 40.25
N ASN A 129 30.38 6.24 38.97
CA ASN A 129 30.38 7.65 38.58
C ASN A 129 29.05 8.03 37.94
N LEU A 130 28.57 9.24 38.19
CA LEU A 130 27.29 9.67 37.65
C LEU A 130 27.44 10.66 36.50
N LEU A 131 27.08 10.22 35.31
CA LEU A 131 27.24 10.99 34.09
C LEU A 131 25.90 11.52 33.59
N THR A 132 25.79 12.85 33.56
CA THR A 132 24.55 13.52 33.18
C THR A 132 24.78 14.38 31.95
N VAL A 133 23.96 14.20 30.93
CA VAL A 133 24.12 14.93 29.68
C VAL A 133 22.83 15.60 29.25
N ALA A 134 22.79 16.93 29.34
CA ALA A 134 21.61 17.66 28.88
C ALA A 134 21.77 17.96 27.39
N VAL A 135 20.75 17.64 26.61
CA VAL A 135 20.78 17.83 25.16
C VAL A 135 19.67 18.75 24.68
N ASP A 136 20.05 19.74 23.88
CA ASP A 136 19.16 20.79 23.39
C ASP A 136 18.86 20.59 21.89
N ASN A 137 17.59 20.51 21.54
CA ASN A 137 17.23 20.23 20.15
C ASN A 137 16.88 21.47 19.33
N ARG A 138 16.98 22.64 19.95
CA ARG A 138 16.46 23.86 19.34
C ARG A 138 17.28 24.35 18.16
N ILE A 139 16.56 24.73 17.10
CA ILE A 139 17.14 25.35 15.93
C ILE A 139 16.51 26.72 15.73
N GLY A 140 17.23 27.62 15.08
CA GLY A 140 16.75 28.97 14.87
C GLY A 140 17.62 29.69 13.86
N SER A 141 17.50 31.00 13.80
CA SER A 141 18.17 31.81 12.80
C SER A 141 19.70 31.81 12.95
N SER A 142 20.21 31.37 14.09
CA SER A 142 21.66 31.36 14.31
C SER A 142 22.28 29.97 14.46
N THR A 143 21.50 28.92 14.22
CA THR A 143 22.03 27.55 14.28
C THR A 143 22.37 27.00 12.90
N LEU A 144 23.27 26.02 12.87
CA LEU A 144 23.48 25.18 11.70
C LEU A 144 23.23 23.73 12.10
N PRO A 145 22.20 23.10 11.50
CA PRO A 145 21.32 23.58 10.44
C PRO A 145 20.36 24.68 10.89
N VAL A 146 19.85 25.45 9.93
CA VAL A 146 19.10 26.67 10.22
C VAL A 146 17.62 26.42 10.50
N GLY A 147 17.12 27.01 11.58
CA GLY A 147 15.70 26.99 11.84
C GLY A 147 15.10 28.36 11.60
N ASN A 148 13.78 28.40 11.45
CA ASN A 148 13.08 29.67 11.30
C ASN A 148 12.55 30.13 12.65
N ASP A 149 12.71 31.42 12.95
CA ASP A 149 12.29 31.95 14.25
C ASP A 149 10.77 32.15 14.29
N ALA A 150 10.14 32.27 13.12
CA ALA A 150 8.69 32.32 13.03
C ALA A 150 8.14 31.78 11.72
N GLY A 151 6.82 31.62 11.65
CA GLY A 151 6.13 31.27 10.42
C GLY A 151 5.81 29.81 10.23
N THR A 152 6.33 29.23 9.14
CA THR A 152 6.05 27.85 8.79
C THR A 152 7.35 27.09 8.62
N ALA A 153 7.27 25.76 8.64
CA ALA A 153 8.45 24.94 8.35
C ALA A 153 8.78 25.01 6.86
N PHE A 154 9.92 24.47 6.49
CA PHE A 154 10.37 24.41 5.09
C PHE A 154 9.41 23.62 4.21
N MET A 155 8.93 24.27 3.14
CA MET A 155 7.98 23.70 2.19
C MET A 155 6.65 23.44 2.89
N GLY A 156 6.30 24.34 3.80
CA GLY A 156 5.04 24.29 4.53
C GLY A 156 3.92 25.11 3.92
N SER A 157 2.68 24.78 4.28
CA SER A 157 1.49 25.48 3.78
C SER A 157 1.00 26.57 4.74
N ASP A 158 0.39 27.62 4.17
CA ASP A 158 -0.15 28.72 4.98
C ASP A 158 -1.36 29.42 4.34
N ASN A 159 -2.19 30.03 5.19
CA ASN A 159 -3.23 30.97 4.77
C ASN A 159 -3.10 32.26 5.59
N ALA A 160 -1.98 32.96 5.41
CA ALA A 160 -1.62 34.10 6.26
C ALA A 160 -2.64 35.25 6.24
N ASN A 161 -3.41 35.36 5.16
CA ASN A 161 -4.39 36.45 5.04
C ASN A 161 -5.64 36.24 5.89
N VAL A 162 -5.79 35.07 6.49
CA VAL A 162 -6.92 34.78 7.37
C VAL A 162 -6.61 35.20 8.80
N PRO A 163 -7.36 36.20 9.32
CA PRO A 163 -7.11 36.79 10.64
C PRO A 163 -7.08 35.76 11.77
N ALA A 164 -7.97 34.78 11.70
CA ALA A 164 -8.01 33.73 12.72
C ALA A 164 -6.70 32.94 12.75
N VAL A 165 -6.10 32.75 11.59
CA VAL A 165 -4.82 32.05 11.49
C VAL A 165 -3.70 32.86 12.13
N ALA A 166 -3.62 34.14 11.76
CA ALA A 166 -2.61 35.05 12.30
C ALA A 166 -2.71 35.12 13.82
N GLU A 167 -3.93 35.17 14.34
CA GLU A 167 -4.14 35.20 15.79
C GLU A 167 -3.80 33.87 16.48
N ALA A 168 -4.23 32.76 15.90
CA ALA A 168 -3.97 31.45 16.48
C ALA A 168 -2.47 31.13 16.53
N LYS A 169 -1.74 31.60 15.51
CA LYS A 169 -0.29 31.41 15.41
C LYS A 169 0.47 31.94 16.62
N LYS A 170 -0.01 33.06 17.15
CA LYS A 170 0.66 33.78 18.23
C LYS A 170 0.61 33.00 19.54
N HIS A 171 -0.33 32.06 19.62
CA HIS A 171 -0.55 31.30 20.84
C HIS A 171 -0.27 29.81 20.66
N ALA A 172 0.18 29.42 19.47
CA ALA A 172 0.46 28.02 19.18
C ALA A 172 1.61 27.53 20.04
N ARG A 173 1.58 26.24 20.37
CA ARG A 173 2.69 25.63 21.09
C ARG A 173 4.00 25.84 20.34
N ARG A 174 5.04 26.19 21.08
CA ARG A 174 6.34 26.39 20.45
C ARG A 174 6.93 25.13 19.84
N GLN A 175 7.38 25.26 18.59
CA GLN A 175 7.99 24.15 17.86
C GLN A 175 9.25 24.61 17.14
N ASN A 176 10.17 23.68 16.94
CA ASN A 176 11.27 23.95 16.02
C ASN A 176 10.72 24.04 14.61
N LEU A 177 11.07 25.11 13.92
CA LEU A 177 10.62 25.32 12.54
C LEU A 177 11.81 25.22 11.61
N PRO A 178 12.05 24.02 11.08
CA PRO A 178 13.25 23.77 10.27
C PRO A 178 13.19 24.52 8.94
N ASN A 179 14.32 25.08 8.53
CA ASN A 179 14.44 25.63 7.19
C ASN A 179 15.11 24.58 6.29
N PHE A 180 14.84 23.32 6.61
CA PHE A 180 15.37 22.20 5.85
C PHE A 180 14.37 21.05 5.79
N ASP A 181 14.58 20.16 4.82
CA ASP A 181 13.61 19.12 4.48
C ASP A 181 14.01 17.76 5.03
N PHE A 182 14.32 17.69 6.32
CA PHE A 182 14.49 16.41 7.01
C PHE A 182 14.18 16.60 8.49
N PHE A 183 13.63 15.59 9.13
CA PHE A 183 13.17 15.77 10.51
C PHE A 183 14.31 16.06 11.49
N ASN A 184 14.01 16.93 12.45
CA ASN A 184 14.99 17.39 13.44
C ASN A 184 15.23 16.36 14.55
N PHE A 185 15.68 15.17 14.17
CA PHE A 185 16.01 14.12 15.14
C PHE A 185 17.12 14.59 16.07
N ALA A 186 16.91 14.45 17.37
CA ALA A 186 17.85 14.97 18.36
C ALA A 186 18.24 13.93 19.41
N GLY A 187 19.22 14.27 20.24
CA GLY A 187 19.69 13.39 21.29
C GLY A 187 21.11 12.87 21.06
N LEU A 188 21.45 11.80 21.77
CA LEU A 188 22.77 11.18 21.63
C LEU A 188 22.77 10.26 20.42
N ASN A 189 22.83 10.86 19.24
CA ASN A 189 22.71 10.13 17.99
C ASN A 189 23.88 9.19 17.68
N ARG A 190 25.03 9.42 18.32
CA ARG A 190 26.19 8.57 18.08
C ARG A 190 26.83 8.15 19.41
N HIS A 191 27.85 7.29 19.33
CA HIS A 191 28.39 6.61 20.51
C HIS A 191 28.96 7.54 21.58
N VAL A 192 28.97 7.06 22.82
CA VAL A 192 29.64 7.72 23.92
C VAL A 192 30.65 6.76 24.50
N GLU A 193 31.89 7.21 24.70
CA GLU A 193 32.89 6.30 25.27
C GLU A 193 33.95 7.02 26.09
N LEU A 194 34.38 6.36 27.16
CA LEU A 194 35.52 6.81 27.94
C LEU A 194 36.74 6.14 27.32
N TYR A 195 37.84 6.85 27.19
CA TYR A 195 39.06 6.20 26.72
C TYR A 195 40.30 6.73 27.42
N THR A 196 41.40 6.02 27.20
CA THR A 196 42.65 6.23 27.93
C THR A 196 43.79 6.59 26.98
N THR A 197 44.64 7.53 27.40
CA THR A 197 45.95 7.69 26.76
C THR A 197 47.00 7.84 27.85
N PRO A 198 48.28 7.71 27.51
CA PRO A 198 49.30 8.10 28.50
C PRO A 198 49.18 9.58 28.87
N ALA A 199 49.59 9.94 30.09
CA ALA A 199 49.40 11.30 30.59
C ALA A 199 50.54 12.25 30.23
N ASP A 200 51.78 11.76 30.33
CA ASP A 200 52.96 12.61 30.17
C ASP A 200 53.16 13.08 28.73
N ALA A 201 52.97 12.17 27.78
CA ALA A 201 53.06 12.51 26.37
C ALA A 201 52.21 11.52 25.57
N TYR A 202 51.52 12.01 24.56
CA TYR A 202 50.58 11.16 23.83
C TYR A 202 50.35 11.67 22.42
N ILE A 203 49.94 10.77 21.53
CA ILE A 203 49.60 11.15 20.17
C ILE A 203 48.21 11.81 20.15
N ALA A 204 48.17 13.05 19.67
CA ALA A 204 46.94 13.84 19.67
C ALA A 204 46.31 13.92 18.28
N ASP A 205 47.14 13.84 17.24
CA ASP A 205 46.64 13.92 15.87
C ASP A 205 47.61 13.31 14.86
N ILE A 206 47.03 12.79 13.78
CA ILE A 206 47.79 12.24 12.66
C ILE A 206 47.16 12.69 11.34
N ALA A 207 47.99 13.15 10.42
CA ALA A 207 47.54 13.48 9.07
C ALA A 207 48.43 12.78 8.06
N ILE A 208 47.82 12.00 7.19
CA ILE A 208 48.54 11.34 6.10
C ILE A 208 48.05 11.90 4.78
N THR A 209 48.97 12.26 3.89
CA THR A 209 48.59 12.78 2.58
C THR A 209 49.31 12.08 1.45
N THR A 210 48.65 11.97 0.30
CA THR A 210 49.33 11.50 -0.90
C THR A 210 49.89 12.73 -1.62
N GLU A 211 51.20 12.88 -1.56
CA GLU A 211 51.87 14.06 -2.07
C GLU A 211 52.08 13.98 -3.57
N ARG A 212 52.58 12.83 -4.04
CA ARG A 212 52.85 12.68 -5.46
C ARG A 212 52.82 11.23 -5.91
N LEU A 213 52.43 11.00 -7.15
CA LEU A 213 52.50 9.66 -7.74
C LEU A 213 53.37 9.71 -8.98
N ASP A 214 54.35 8.81 -9.06
CA ASP A 214 55.20 8.75 -10.23
C ASP A 214 54.85 7.51 -11.04
N HIS A 215 54.56 7.71 -12.32
CA HIS A 215 54.28 6.61 -13.25
C HIS A 215 53.19 5.67 -12.74
N ILE A 216 51.97 6.19 -12.70
CA ILE A 216 50.80 5.39 -12.39
C ILE A 216 50.59 4.36 -13.50
N ALA A 217 50.36 3.11 -13.11
CA ALA A 217 50.09 2.06 -14.08
C ALA A 217 48.84 2.35 -14.92
N GLY A 218 48.74 1.71 -16.08
CA GLY A 218 47.61 1.90 -16.98
C GLY A 218 46.27 1.56 -16.34
N ASP A 219 46.25 0.55 -15.47
CA ASP A 219 45.03 0.13 -14.82
C ASP A 219 44.83 0.81 -13.46
N ALA A 220 45.77 1.69 -13.12
CA ALA A 220 45.73 2.49 -11.89
C ALA A 220 45.78 1.65 -10.61
N CYS A 221 46.13 0.38 -10.72
CA CYS A 221 46.26 -0.47 -9.54
C CYS A 221 47.50 -0.12 -8.74
N THR A 222 48.55 0.33 -9.42
CA THR A 222 49.81 0.68 -8.78
C THR A 222 50.44 1.95 -9.35
N ALA A 223 51.40 2.49 -8.61
CA ALA A 223 52.32 3.51 -9.12
C ALA A 223 53.74 3.04 -8.82
N ALA A 224 54.67 3.37 -9.71
CA ALA A 224 56.07 2.98 -9.51
C ALA A 224 56.59 3.53 -8.20
N ASN A 225 56.19 4.76 -7.89
CA ASN A 225 56.51 5.37 -6.61
C ASN A 225 55.38 6.26 -6.12
N ALA A 226 55.11 6.20 -4.81
CA ALA A 226 54.18 7.14 -4.19
C ALA A 226 54.88 7.89 -3.08
N LEU A 227 54.80 9.20 -3.11
CA LEU A 227 55.33 10.03 -2.05
C LEU A 227 54.17 10.45 -1.18
N ILE A 228 54.21 10.00 0.07
CA ILE A 228 53.20 10.36 1.05
C ILE A 228 53.85 11.19 2.14
N ALA A 229 53.06 12.01 2.81
CA ALA A 229 53.59 12.83 3.89
C ALA A 229 52.88 12.48 5.18
N TYR A 230 53.59 12.61 6.30
CA TYR A 230 52.99 12.41 7.61
C TYR A 230 53.19 13.65 8.46
N ASP A 231 52.23 13.85 9.36
CA ASP A 231 52.24 14.96 10.29
C ASP A 231 51.56 14.47 11.56
N VAL A 232 52.36 14.23 12.59
CA VAL A 232 51.89 13.71 13.86
C VAL A 232 52.02 14.78 14.93
N THR A 233 50.91 15.09 15.60
CA THR A 233 50.91 16.10 16.65
C THR A 233 50.84 15.39 18.00
N PHE A 234 51.49 15.98 19.01
CA PHE A 234 51.54 15.36 20.33
C PHE A 234 51.01 16.30 21.40
N GLY A 235 50.46 15.70 22.46
CA GLY A 235 50.07 16.44 23.64
C GLY A 235 50.86 15.96 24.83
N GLY A 236 50.75 16.68 25.95
CA GLY A 236 51.47 16.34 27.16
C GLY A 236 52.61 17.30 27.47
N ASP A 237 53.34 17.00 28.55
CA ASP A 237 54.38 17.87 29.09
C ASP A 237 53.80 19.21 29.52
N GLY A 276 64.67 15.78 22.77
CA GLY A 276 65.24 14.62 22.12
C GLY A 276 64.27 13.47 22.01
N ARG A 277 62.99 13.78 21.82
CA ARG A 277 61.98 12.74 21.71
C ARG A 277 61.71 12.37 20.26
N GLN A 278 61.35 11.11 20.04
CA GLN A 278 61.17 10.58 18.69
C GLN A 278 59.88 9.80 18.54
N VAL A 279 59.38 9.74 17.31
CA VAL A 279 58.27 8.85 16.99
C VAL A 279 58.68 7.96 15.82
N ARG A 280 58.37 6.66 15.94
CA ARG A 280 58.59 5.75 14.83
C ARG A 280 57.31 5.56 14.04
N ILE A 281 57.43 5.69 12.72
CA ILE A 281 56.28 5.52 11.85
C ILE A 281 56.52 4.34 10.93
N SER A 282 55.64 3.35 11.03
CA SER A 282 55.76 2.15 10.20
C SER A 282 54.59 2.10 9.25
N ILE A 283 54.86 1.86 7.97
CA ILE A 283 53.80 1.74 6.99
C ILE A 283 53.52 0.27 6.72
N LEU A 284 52.29 -0.13 7.01
CA LEU A 284 51.84 -1.51 6.83
C LEU A 284 50.93 -1.61 5.62
N ASP A 285 51.17 -2.60 4.77
CA ASP A 285 50.32 -2.80 3.60
C ASP A 285 49.07 -3.59 3.99
N GLY A 286 48.27 -3.96 2.99
CA GLY A 286 47.02 -4.66 3.24
C GLY A 286 47.13 -5.97 3.99
N GLU A 287 48.33 -6.55 4.02
CA GLU A 287 48.54 -7.83 4.69
C GLU A 287 49.24 -7.68 6.04
N GLY A 288 49.53 -6.44 6.43
CA GLY A 288 50.19 -6.18 7.70
C GLY A 288 51.70 -6.17 7.58
N THR A 289 52.19 -6.26 6.35
CA THR A 289 53.63 -6.28 6.10
C THR A 289 54.19 -4.88 6.18
N VAL A 290 55.29 -4.71 6.92
CA VAL A 290 55.97 -3.43 6.98
C VAL A 290 56.70 -3.17 5.67
N VAL A 291 56.23 -2.21 4.90
CA VAL A 291 56.83 -1.90 3.59
C VAL A 291 57.69 -0.65 3.66
N ALA A 292 57.52 0.12 4.75
CA ALA A 292 58.31 1.33 4.97
C ALA A 292 58.29 1.69 6.44
N GLY A 293 59.31 2.43 6.87
CA GLY A 293 59.47 2.79 8.26
C GLY A 293 60.48 3.90 8.42
N VAL A 294 60.21 4.82 9.34
CA VAL A 294 61.14 5.90 9.62
C VAL A 294 61.00 6.32 11.08
N THR A 295 62.09 6.81 11.66
CA THR A 295 62.06 7.39 12.99
C THR A 295 62.25 8.89 12.83
N ALA A 296 61.30 9.67 13.33
CA ALA A 296 61.34 11.12 13.14
C ALA A 296 61.48 11.85 14.48
N ASP A 297 62.06 13.04 14.43
CA ASP A 297 62.23 13.83 15.64
C ASP A 297 60.98 14.64 15.97
N ILE A 298 60.69 14.76 17.26
CA ILE A 298 59.56 15.55 17.70
C ILE A 298 60.02 16.96 18.04
N GLU A 299 59.55 17.94 17.28
CA GLU A 299 59.96 19.33 17.47
C GLU A 299 58.85 20.16 18.11
N ARG A 300 59.25 21.01 19.04
CA ARG A 300 58.34 21.88 19.77
C ARG A 300 58.33 23.29 19.21
N THR A 305 53.66 23.12 21.43
CA THR A 305 53.14 22.48 20.22
C THR A 305 54.06 21.42 19.60
N ALA A 306 54.04 20.24 20.19
CA ALA A 306 54.95 19.16 19.80
C ALA A 306 54.47 18.47 18.53
N LYS A 307 55.38 18.29 17.59
CA LYS A 307 55.04 17.85 16.23
C LYS A 307 56.20 17.15 15.55
N ALA A 308 55.88 16.09 14.81
CA ALA A 308 56.85 15.40 13.97
C ALA A 308 56.25 15.35 12.56
N SER A 309 57.07 15.60 11.54
CA SER A 309 56.54 15.75 10.20
C SER A 309 57.58 15.32 9.19
N GLY A 310 57.14 14.72 8.08
CA GLY A 310 58.09 14.30 7.08
C GLY A 310 57.47 13.58 5.89
N GLU A 311 58.32 12.98 5.06
CA GLU A 311 57.84 12.28 3.87
C GLU A 311 58.34 10.84 3.83
N ILE A 312 57.56 9.98 3.20
CA ILE A 312 57.91 8.57 3.01
C ILE A 312 57.62 8.17 1.57
N ALA A 313 58.63 7.58 0.93
CA ALA A 313 58.48 7.06 -0.43
C ALA A 313 58.17 5.58 -0.40
N ILE A 314 57.19 5.17 -1.22
CA ILE A 314 56.75 3.79 -1.27
C ILE A 314 56.78 3.29 -2.71
N ARG A 315 57.69 2.35 -3.00
CA ARG A 315 57.85 1.85 -4.37
C ARG A 315 56.77 0.82 -4.64
N ASP A 316 56.29 0.80 -5.88
CA ASP A 316 55.25 -0.12 -6.31
C ASP A 316 54.03 -0.04 -5.39
N ALA A 317 53.65 1.18 -5.06
CA ALA A 317 52.53 1.42 -4.16
C ALA A 317 51.21 0.97 -4.78
N LYS A 318 50.36 0.33 -3.97
CA LYS A 318 49.02 -0.03 -4.43
C LYS A 318 48.03 1.08 -4.12
N LEU A 319 47.36 1.54 -5.17
CA LEU A 319 46.51 2.72 -5.09
C LEU A 319 45.08 2.39 -4.67
N TRP A 320 44.44 3.36 -4.05
CA TRP A 320 43.02 3.30 -3.71
C TRP A 320 42.21 3.81 -4.90
N ASN A 321 41.27 3.01 -5.37
CA ASN A 321 40.37 3.45 -6.45
C ASN A 321 38.91 3.16 -6.12
N PRO A 322 37.99 3.93 -6.72
CA PRO A 322 36.57 3.55 -6.64
C PRO A 322 36.38 2.14 -7.20
N GLY A 323 35.65 1.29 -6.49
CA GLY A 323 35.44 -0.08 -6.95
C GLY A 323 36.61 -1.01 -6.76
N ALA A 324 37.71 -0.48 -6.24
CA ALA A 324 38.92 -1.26 -6.03
C ALA A 324 39.76 -0.61 -4.93
N ALA A 325 39.24 -0.67 -3.71
CA ALA A 325 39.90 -0.07 -2.57
C ALA A 325 41.17 -0.81 -2.20
N TYR A 326 42.17 -0.07 -1.72
CA TYR A 326 43.34 -0.66 -1.08
C TYR A 326 43.76 0.25 0.06
N LEU A 327 43.97 -0.35 1.23
CA LEU A 327 44.28 0.43 2.42
C LEU A 327 45.60 0.05 3.07
N TYR A 328 46.35 1.08 3.45
CA TYR A 328 47.54 0.95 4.28
C TYR A 328 47.23 1.38 5.71
N THR A 329 48.15 1.07 6.62
CA THR A 329 48.08 1.54 7.99
C THR A 329 49.38 2.27 8.36
N ALA A 330 49.24 3.48 8.86
CA ALA A 330 50.39 4.21 9.39
C ALA A 330 50.41 4.01 10.90
N VAL A 331 51.40 3.27 11.38
CA VAL A 331 51.51 3.01 12.81
C VAL A 331 52.49 4.01 13.42
N ALA A 332 51.97 4.84 14.32
CA ALA A 332 52.79 5.81 15.01
C ALA A 332 53.05 5.34 16.43
N GLU A 333 54.33 5.23 16.77
CA GLU A 333 54.73 4.80 18.10
C GLU A 333 55.66 5.81 18.74
N LEU A 334 55.21 6.39 19.84
CA LEU A 334 56.03 7.33 20.60
C LEU A 334 57.08 6.56 21.40
N LEU A 335 58.35 6.87 21.16
CA LEU A 335 59.46 6.17 21.81
C LEU A 335 59.87 6.90 23.09
N PRO A 336 60.35 6.14 24.09
CA PRO A 336 60.89 6.76 25.31
C PRO A 336 62.26 7.40 25.06
N SER A 344 63.34 -0.59 23.88
CA SER A 344 62.45 -1.44 23.07
C SER A 344 60.98 -1.20 23.41
N ARG A 345 60.75 -0.54 24.53
CA ARG A 345 59.40 -0.28 25.02
C ARG A 345 58.73 0.86 24.27
N ILE A 346 57.40 0.91 24.34
CA ILE A 346 56.62 1.93 23.63
C ILE A 346 55.80 2.76 24.61
N ILE A 347 55.87 4.08 24.48
CA ILE A 347 55.13 4.97 25.36
C ILE A 347 53.67 5.06 24.93
N ASP A 348 53.44 5.31 23.64
CA ASP A 348 52.10 5.46 23.10
C ASP A 348 52.05 4.96 21.66
N ALA A 349 50.86 4.60 21.18
CA ALA A 349 50.73 4.11 19.82
C ALA A 349 49.36 4.42 19.24
N TYR A 350 49.31 4.63 17.94
CA TYR A 350 48.05 4.77 17.23
C TYR A 350 48.19 4.24 15.81
N ARG A 351 47.17 3.53 15.35
CA ARG A 351 47.14 2.98 14.00
C ARG A 351 46.17 3.76 13.11
N GLN A 352 46.71 4.47 12.14
CA GLN A 352 45.90 5.31 11.26
C GLN A 352 45.76 4.73 9.86
N THR A 353 44.56 4.32 9.50
CA THR A 353 44.29 3.80 8.16
C THR A 353 44.40 4.94 7.13
N PHE A 354 44.91 4.63 5.95
CA PHE A 354 44.88 5.59 4.85
C PHE A 354 44.91 4.87 3.51
N GLY A 355 44.67 5.62 2.45
CA GLY A 355 44.72 5.06 1.11
C GLY A 355 45.53 5.98 0.24
N ILE A 356 46.27 5.41 -0.70
CA ILE A 356 47.14 6.20 -1.56
C ILE A 356 46.45 6.51 -2.88
N ARG A 357 46.12 7.78 -3.08
CA ARG A 357 45.43 8.22 -4.29
C ARG A 357 45.48 9.74 -4.39
N THR A 358 45.46 10.25 -5.62
CA THR A 358 45.40 11.69 -5.83
C THR A 358 44.05 12.10 -6.40
N VAL A 359 43.65 13.34 -6.09
CA VAL A 359 42.44 13.93 -6.63
C VAL A 359 42.80 15.27 -7.26
N GLU A 360 42.41 15.46 -8.51
CA GLU A 360 42.71 16.72 -9.18
C GLU A 360 41.64 17.10 -10.19
N VAL A 361 41.08 18.29 -10.03
CA VAL A 361 40.20 18.84 -11.05
C VAL A 361 41.07 19.44 -12.14
N SER A 362 40.85 19.00 -13.38
CA SER A 362 41.60 19.53 -14.51
C SER A 362 40.63 19.92 -15.60
N GLY A 363 40.51 21.21 -15.84
CA GLY A 363 39.54 21.72 -16.79
C GLY A 363 38.15 21.29 -16.40
N THR A 364 37.49 20.52 -17.26
CA THR A 364 36.17 19.98 -16.96
C THR A 364 36.22 18.50 -16.60
N THR A 365 37.36 18.02 -16.11
CA THR A 365 37.49 16.62 -15.71
C THR A 365 37.79 16.48 -14.22
N PHE A 366 37.39 15.35 -13.66
CA PHE A 366 37.64 15.04 -12.26
C PHE A 366 38.54 13.81 -12.21
N LEU A 367 39.82 14.05 -11.96
CA LEU A 367 40.82 13.00 -12.08
C LEU A 367 41.12 12.35 -10.75
N ILE A 368 40.88 11.04 -10.68
CA ILE A 368 41.34 10.25 -9.56
C ILE A 368 42.48 9.35 -10.06
N ASN A 369 43.64 9.49 -9.44
CA ASN A 369 44.86 8.84 -9.90
C ASN A 369 45.06 9.07 -11.40
N GLY A 370 44.80 10.29 -11.83
CA GLY A 370 44.95 10.69 -13.22
C GLY A 370 43.91 10.17 -14.18
N LYS A 371 42.88 9.49 -13.68
CA LYS A 371 41.84 8.94 -14.55
C LYS A 371 40.56 9.77 -14.44
N PRO A 372 39.88 10.02 -15.57
CA PRO A 372 38.67 10.85 -15.55
C PRO A 372 37.49 10.12 -14.93
N PHE A 373 37.14 10.50 -13.71
CA PHE A 373 36.10 9.84 -12.92
C PHE A 373 34.70 10.35 -13.27
N TYR A 374 33.71 9.46 -13.15
CA TYR A 374 32.30 9.87 -13.29
C TYR A 374 31.49 9.44 -12.06
N PHE A 375 30.88 10.40 -11.38
CA PHE A 375 30.06 10.08 -10.21
C PHE A 375 28.75 9.39 -10.59
N LYS A 376 28.50 8.24 -9.98
CA LYS A 376 27.20 7.59 -10.03
C LYS A 376 26.71 7.45 -8.61
N GLY A 377 25.57 8.05 -8.30
CA GLY A 377 25.03 7.90 -6.96
C GLY A 377 23.87 8.79 -6.57
N PHE A 378 23.95 9.32 -5.35
CA PHE A 378 22.81 9.92 -4.69
C PHE A 378 23.22 10.69 -3.46
N GLY A 379 22.37 11.59 -3.00
CA GLY A 379 22.49 12.08 -1.65
C GLY A 379 21.86 11.03 -0.75
N LYS A 380 22.41 10.84 0.44
CA LYS A 380 21.80 9.93 1.40
C LYS A 380 21.22 10.72 2.56
N HIS A 381 20.74 9.99 3.56
CA HIS A 381 20.49 10.53 4.89
C HIS A 381 20.85 9.47 5.91
N GLU A 382 21.27 9.91 7.08
CA GLU A 382 21.29 9.02 8.23
C GLU A 382 19.88 9.08 8.81
N ASP A 383 19.08 8.10 8.42
CA ASP A 383 17.66 8.07 8.73
C ASP A 383 17.18 6.63 8.67
N SER A 384 16.44 6.20 9.70
CA SER A 384 15.83 4.87 9.74
C SER A 384 14.71 4.88 10.77
N TYR A 385 13.81 3.90 10.65
CA TYR A 385 12.58 3.85 11.44
C TYR A 385 12.55 4.00 12.97
N PHE A 386 13.54 3.49 13.67
CA PHE A 386 13.48 3.56 15.13
C PHE A 386 14.63 4.41 15.68
N HIS A 387 15.75 4.36 14.96
CA HIS A 387 16.97 5.05 15.35
C HIS A 387 16.92 6.53 15.01
N GLY A 388 16.09 6.90 14.04
CA GLY A 388 16.05 8.26 13.55
C GLY A 388 17.36 8.63 12.90
N ARG A 389 18.07 9.60 13.46
CA ARG A 389 19.39 9.98 12.95
C ARG A 389 20.48 9.16 13.66
N GLY A 390 20.07 8.24 14.52
CA GLY A 390 21.02 7.41 15.25
C GLY A 390 21.84 6.51 14.35
N THR A 391 23.14 6.44 14.61
CA THR A 391 24.03 5.60 13.82
C THR A 391 23.72 4.12 14.01
N ASP A 392 23.76 3.37 12.92
CA ASP A 392 23.41 1.96 12.89
C ASP A 392 24.30 1.28 11.87
N ASP A 393 25.29 0.52 12.35
CA ASP A 393 26.28 -0.05 11.45
C ASP A 393 25.77 -1.26 10.67
N VAL A 394 24.74 -1.93 11.20
CA VAL A 394 24.03 -2.94 10.41
C VAL A 394 23.48 -2.28 9.16
N LEU A 395 22.85 -1.12 9.36
CA LEU A 395 22.28 -0.37 8.25
C LEU A 395 23.33 0.22 7.33
N ASN A 396 24.46 0.67 7.88
CA ASN A 396 25.55 1.16 7.05
C ASN A 396 26.11 0.07 6.13
N VAL A 397 26.38 -1.10 6.72
CA VAL A 397 26.86 -2.25 5.95
C VAL A 397 25.86 -2.62 4.85
N LYS A 398 24.58 -2.69 5.22
CA LYS A 398 23.56 -3.02 4.24
C LYS A 398 23.51 -1.99 3.11
N ASP A 399 23.53 -0.71 3.47
CA ASP A 399 23.43 0.38 2.51
C ASP A 399 24.60 0.36 1.54
N VAL A 400 25.80 0.12 2.06
CA VAL A 400 26.99 0.00 1.22
C VAL A 400 26.82 -1.15 0.22
N SER A 401 26.28 -2.27 0.71
CA SER A 401 26.00 -3.39 -0.19
C SER A 401 24.98 -3.03 -1.26
N LEU A 402 24.02 -2.18 -0.91
CA LEU A 402 23.00 -1.73 -1.85
C LEU A 402 23.59 -0.78 -2.89
N ILE A 403 24.55 0.04 -2.45
CA ILE A 403 25.29 0.92 -3.34
C ILE A 403 26.02 0.06 -4.38
N HIS A 404 26.63 -1.03 -3.92
CA HIS A 404 27.24 -1.98 -4.85
C HIS A 404 26.21 -2.64 -5.79
N TRP A 405 25.07 -3.05 -5.23
CA TRP A 405 23.99 -3.68 -6.00
C TRP A 405 23.49 -2.78 -7.13
N LEU A 406 23.42 -1.48 -6.85
CA LEU A 406 22.96 -0.49 -7.81
C LEU A 406 24.03 -0.17 -8.84
N HIS A 407 25.27 -0.58 -8.55
CA HIS A 407 26.45 -0.23 -9.34
C HIS A 407 26.71 1.27 -9.29
N ALA A 408 26.32 1.87 -8.17
CA ALA A 408 26.71 3.25 -7.85
C ALA A 408 28.14 3.23 -7.32
N ASN A 409 28.77 4.39 -7.27
CA ASN A 409 30.15 4.48 -6.79
C ASN A 409 30.40 5.59 -5.77
N SER A 410 29.34 6.31 -5.42
CA SER A 410 29.50 7.53 -4.63
C SER A 410 28.23 7.99 -3.93
N PHE A 411 28.40 8.79 -2.88
CA PHE A 411 27.29 9.58 -2.36
C PHE A 411 27.81 10.83 -1.65
N ARG A 412 26.89 11.73 -1.30
CA ARG A 412 27.19 12.95 -0.55
C ARG A 412 26.60 12.83 0.85
N THR A 413 27.30 13.33 1.87
CA THR A 413 26.77 13.28 3.22
C THR A 413 25.79 14.42 3.46
N SER A 414 24.74 14.47 2.65
CA SER A 414 23.66 15.42 2.84
C SER A 414 22.91 15.09 4.12
N HIS A 415 22.69 16.07 5.00
CA HIS A 415 23.25 17.42 4.90
C HIS A 415 24.04 17.73 6.17
N TYR A 416 24.98 16.86 6.50
CA TYR A 416 25.69 16.91 7.77
C TYR A 416 26.75 15.83 7.73
N PRO A 417 27.86 16.01 8.46
CA PRO A 417 28.83 14.91 8.51
C PRO A 417 28.20 13.65 9.09
N TYR A 418 28.52 12.49 8.52
CA TYR A 418 27.94 11.23 8.96
C TYR A 418 28.78 10.61 10.08
N ALA A 419 28.32 9.50 10.64
CA ALA A 419 29.10 8.75 11.62
C ALA A 419 30.41 8.27 11.00
N GLU A 420 31.48 8.33 11.79
CA GLU A 420 32.84 8.02 11.33
C GLU A 420 32.98 6.60 10.74
N SER A 421 32.29 5.65 11.35
CA SER A 421 32.30 4.26 10.91
C SER A 421 31.88 4.10 9.46
N MET A 422 30.99 4.98 8.99
CA MET A 422 30.54 4.91 7.61
C MET A 422 31.67 5.27 6.65
N TYR A 423 32.52 6.22 7.05
CA TYR A 423 33.65 6.61 6.23
C TYR A 423 34.69 5.50 6.22
N ASP A 424 34.91 4.86 7.37
CA ASP A 424 35.81 3.70 7.38
C ASP A 424 35.30 2.60 6.44
N LEU A 425 33.99 2.39 6.49
CA LEU A 425 33.34 1.39 5.67
C LEU A 425 33.54 1.70 4.18
N CYS A 426 33.35 2.96 3.80
CA CYS A 426 33.50 3.30 2.40
C CYS A 426 34.96 3.30 1.97
N ASP A 427 35.86 3.55 2.92
CA ASP A 427 37.29 3.38 2.68
C ASP A 427 37.58 1.95 2.26
N ARG A 428 37.08 0.98 3.02
CA ARG A 428 37.41 -0.41 2.69
C ARG A 428 36.54 -0.95 1.54
N GLU A 429 35.47 -0.25 1.18
CA GLU A 429 34.57 -0.75 0.16
C GLU A 429 34.64 0.00 -1.16
N GLY A 430 35.57 0.94 -1.27
CA GLY A 430 35.79 1.64 -2.52
C GLY A 430 34.63 2.53 -2.98
N ILE A 431 33.98 3.19 -2.04
CA ILE A 431 32.89 4.10 -2.38
C ILE A 431 33.31 5.54 -2.08
N VAL A 432 33.15 6.40 -3.09
CA VAL A 432 33.62 7.78 -3.03
C VAL A 432 32.62 8.69 -2.30
N ILE A 433 33.12 9.59 -1.46
CA ILE A 433 32.25 10.45 -0.67
C ILE A 433 32.52 11.94 -0.89
N ILE A 434 31.42 12.70 -0.99
CA ILE A 434 31.43 14.15 -0.89
C ILE A 434 30.98 14.53 0.52
N ASP A 435 31.90 15.10 1.31
CA ASP A 435 31.68 15.35 2.72
C ASP A 435 31.10 16.75 2.95
N GLU A 436 29.95 16.83 3.62
CA GLU A 436 29.21 18.09 3.70
C GLU A 436 28.89 18.52 5.14
N VAL A 437 29.11 19.81 5.44
CA VAL A 437 28.78 20.40 6.73
C VAL A 437 27.28 20.70 6.86
N PRO A 438 26.78 20.87 8.10
CA PRO A 438 25.33 21.10 8.28
C PRO A 438 24.87 22.51 7.91
N ALA A 439 25.55 23.16 6.97
CA ALA A 439 25.17 24.51 6.57
C ALA A 439 24.03 24.47 5.56
N VAL A 440 22.85 24.07 6.04
CA VAL A 440 21.67 23.98 5.20
C VAL A 440 20.55 24.89 5.73
N GLY A 441 19.85 25.56 4.83
CA GLY A 441 18.78 26.46 5.21
C GLY A 441 19.22 27.90 5.31
N MET A 442 20.41 28.19 4.78
CA MET A 442 21.00 29.52 4.92
C MET A 442 20.48 30.53 3.91
N SER A 443 20.30 31.77 4.36
CA SER A 443 20.03 32.88 3.47
C SER A 443 20.72 34.12 4.03
N TRP A 444 20.33 35.28 3.53
CA TRP A 444 21.05 36.52 3.82
C TRP A 444 20.97 36.95 5.29
N LEU A 445 19.91 36.53 5.97
CA LEU A 445 19.80 36.75 7.41
C LEU A 445 21.00 36.15 8.16
N GLN A 446 21.48 35.00 7.69
CA GLN A 446 22.60 34.32 8.34
C GLN A 446 23.96 34.95 8.01
N TYR A 447 24.13 35.44 6.79
CA TYR A 447 25.43 35.94 6.33
C TYR A 447 25.90 37.16 7.15
N ALA A 448 24.95 37.87 7.76
CA ALA A 448 25.26 39.05 8.55
C ALA A 448 25.39 38.71 10.04
N ASN A 449 25.24 37.43 10.37
CA ASN A 449 25.28 36.97 11.75
C ASN A 449 26.64 36.37 12.09
N PRO A 450 27.39 37.05 12.97
CA PRO A 450 28.76 36.64 13.34
C PRO A 450 28.82 35.26 13.98
N LEU A 451 27.82 34.94 14.79
CA LEU A 451 27.77 33.64 15.46
C LEU A 451 27.60 32.52 14.44
N VAL A 452 26.75 32.76 13.44
CA VAL A 452 26.56 31.80 12.35
C VAL A 452 27.85 31.58 11.60
N ALA A 453 28.52 32.67 11.23
CA ALA A 453 29.79 32.60 10.53
C ALA A 453 30.83 31.78 11.30
N GLU A 454 30.89 32.00 12.62
CA GLU A 454 31.85 31.27 13.45
C GLU A 454 31.48 29.79 13.55
N ARG A 455 30.19 29.51 13.67
CA ARG A 455 29.73 28.12 13.71
C ARG A 455 29.99 27.39 12.39
N HIS A 456 29.92 28.13 11.30
CA HIS A 456 30.18 27.60 9.97
C HIS A 456 31.66 27.25 9.83
N ARG A 457 32.52 28.17 10.22
CA ARG A 457 33.96 27.91 10.23
C ARG A 457 34.29 26.72 11.14
N GLU A 458 33.63 26.65 12.28
CA GLU A 458 33.80 25.52 13.20
C GLU A 458 33.41 24.19 12.56
N ALA A 459 32.29 24.19 11.83
CA ALA A 459 31.83 22.98 11.20
C ALA A 459 32.80 22.52 10.11
N ILE A 460 33.28 23.46 9.30
CA ILE A 460 34.23 23.12 8.24
C ILE A 460 35.55 22.56 8.82
N ARG A 461 36.11 23.29 9.78
CA ARG A 461 37.37 22.89 10.41
C ARG A 461 37.23 21.56 11.15
N GLY A 462 36.09 21.38 11.82
CA GLY A 462 35.83 20.15 12.57
C GLY A 462 35.64 18.94 11.68
N MET A 463 34.90 19.12 10.59
CA MET A 463 34.66 18.05 9.64
C MET A 463 35.98 17.61 9.03
N ILE A 464 36.74 18.58 8.54
CA ILE A 464 37.98 18.26 7.85
C ILE A 464 39.01 17.69 8.82
N ALA A 465 39.09 18.24 10.03
CA ALA A 465 39.96 17.69 11.06
C ALA A 465 39.62 16.25 11.40
N ARG A 466 38.33 15.94 11.45
CA ARG A 466 37.89 14.59 11.76
C ARG A 466 38.12 13.60 10.61
N ASP A 467 37.97 14.07 9.38
CA ASP A 467 37.80 13.18 8.24
C ASP A 467 38.93 13.22 7.20
N LYS A 468 39.96 14.00 7.46
CA LYS A 468 41.02 14.27 6.47
C LYS A 468 41.72 13.02 5.94
N ASN A 469 41.84 11.99 6.77
CA ASN A 469 42.63 10.80 6.41
C ASN A 469 41.90 9.78 5.54
N HIS A 470 40.60 9.97 5.35
CA HIS A 470 39.82 9.02 4.54
C HIS A 470 40.13 9.19 3.06
N PRO A 471 40.64 8.13 2.42
CA PRO A 471 40.84 8.16 0.97
C PRO A 471 39.53 8.26 0.19
N CYS A 472 38.44 7.75 0.74
CA CYS A 472 37.15 7.75 0.03
C CYS A 472 36.59 9.16 -0.18
N ILE A 473 36.95 10.09 0.70
CA ILE A 473 36.49 11.48 0.56
C ILE A 473 37.27 12.19 -0.54
N VAL A 474 36.58 12.70 -1.56
CA VAL A 474 37.28 13.35 -2.65
C VAL A 474 36.93 14.84 -2.81
N MET A 475 35.95 15.30 -2.04
CA MET A 475 35.48 16.67 -2.19
C MET A 475 34.72 17.15 -0.94
N TRP A 476 34.86 18.43 -0.63
CA TRP A 476 34.12 19.04 0.48
C TRP A 476 32.96 19.89 -0.04
N SER A 477 31.80 19.78 0.61
CA SER A 477 30.70 20.69 0.34
C SER A 477 30.48 21.62 1.54
N ILE A 478 30.56 22.93 1.32
CA ILE A 478 30.50 23.87 2.43
C ILE A 478 29.09 24.36 2.76
N ALA A 479 28.12 23.97 1.95
CA ALA A 479 26.71 24.31 2.19
C ALA A 479 25.78 23.57 1.26
N ASN A 480 24.52 23.41 1.67
CA ASN A 480 23.48 22.94 0.77
C ASN A 480 22.36 23.95 0.59
N GLU A 481 22.13 24.32 -0.66
CA GLU A 481 21.07 25.24 -1.06
C GLU A 481 20.96 26.54 -0.26
N PRO A 482 22.06 27.30 -0.12
CA PRO A 482 21.90 28.64 0.46
C PRO A 482 21.42 29.62 -0.60
N GLY A 483 20.90 30.77 -0.19
CA GLY A 483 20.54 31.82 -1.12
C GLY A 483 21.76 32.46 -1.76
N LEU A 484 21.83 32.43 -3.09
CA LEU A 484 23.00 32.95 -3.80
C LEU A 484 22.64 33.96 -4.89
N ASP A 485 21.38 33.97 -5.31
CA ASP A 485 20.96 34.74 -6.48
C ASP A 485 20.08 35.92 -6.09
N GLY A 486 19.55 36.60 -7.11
CA GLY A 486 18.69 37.75 -6.90
C GLY A 486 19.27 39.01 -7.51
N ASP A 487 18.80 40.16 -7.04
CA ASP A 487 19.26 41.45 -7.53
C ASP A 487 19.87 42.29 -6.41
N GLY A 488 20.23 43.53 -6.74
CA GLY A 488 20.91 44.39 -5.79
C GLY A 488 22.24 43.82 -5.35
N GLU A 489 22.49 43.87 -4.04
CA GLU A 489 23.76 43.41 -3.48
C GLU A 489 23.75 41.96 -2.97
N ARG A 490 22.60 41.30 -3.06
CA ARG A 490 22.45 39.95 -2.51
C ARG A 490 23.46 38.92 -3.08
N PRO A 491 23.64 38.85 -4.41
CA PRO A 491 24.66 37.92 -4.92
C PRO A 491 26.06 38.23 -4.40
N ARG A 492 26.38 39.52 -4.27
CA ARG A 492 27.69 39.92 -3.78
C ARG A 492 27.86 39.59 -2.30
N GLN A 493 26.79 39.77 -1.54
CA GLN A 493 26.81 39.44 -0.12
C GLN A 493 27.00 37.94 0.10
N ALA A 494 26.30 37.15 -0.69
CA ALA A 494 26.45 35.70 -0.63
C ALA A 494 27.88 35.31 -0.99
N TYR A 495 28.39 35.89 -2.07
CA TYR A 495 29.77 35.62 -2.49
C TYR A 495 30.78 35.94 -1.39
N ASP A 496 30.65 37.13 -0.80
CA ASP A 496 31.58 37.59 0.23
C ASP A 496 31.48 36.72 1.48
N TYR A 497 30.30 36.15 1.72
CA TYR A 497 30.17 35.20 2.83
C TYR A 497 30.87 33.87 2.54
N PHE A 498 30.67 33.34 1.34
CA PHE A 498 31.12 31.98 1.04
C PHE A 498 32.57 31.83 0.56
N ARG A 499 33.14 32.84 -0.09
CA ARG A 499 34.52 32.72 -0.54
C ARG A 499 35.54 32.41 0.57
N PRO A 500 35.47 33.11 1.71
CA PRO A 500 36.44 32.75 2.76
C PRO A 500 36.23 31.35 3.34
N LEU A 501 35.03 30.81 3.21
CA LEU A 501 34.75 29.46 3.68
C LEU A 501 35.31 28.46 2.66
N TYR A 502 35.19 28.81 1.38
CA TYR A 502 35.87 28.07 0.32
C TYR A 502 37.36 28.02 0.59
N GLU A 503 37.95 29.18 0.90
CA GLU A 503 39.38 29.24 1.14
C GLU A 503 39.76 28.48 2.42
N LEU A 504 38.90 28.55 3.42
CA LEU A 504 39.13 27.85 4.68
C LEU A 504 39.16 26.33 4.48
N ALA A 505 38.26 25.82 3.64
CA ALA A 505 38.22 24.39 3.35
C ALA A 505 39.49 23.92 2.64
N HIS A 506 40.02 24.74 1.74
CA HIS A 506 41.29 24.44 1.06
C HIS A 506 42.48 24.49 2.01
N ALA A 507 42.49 25.47 2.93
CA ALA A 507 43.60 25.62 3.86
C ALA A 507 43.59 24.57 4.96
N SER A 508 42.41 24.06 5.30
CA SER A 508 42.28 23.11 6.42
C SER A 508 42.63 21.67 6.01
N ASP A 509 42.46 21.38 4.73
CA ASP A 509 42.68 20.04 4.22
C ASP A 509 44.10 19.87 3.70
N PRO A 510 44.91 19.04 4.39
CA PRO A 510 46.29 18.78 4.00
C PRO A 510 46.38 18.13 2.61
N GLN A 511 45.29 17.48 2.18
CA GLN A 511 45.25 16.89 0.84
C GLN A 511 44.81 17.92 -0.21
N ASN A 512 44.24 19.03 0.26
CA ASN A 512 43.76 20.09 -0.64
C ASN A 512 42.78 19.58 -1.71
N ARG A 513 41.78 18.81 -1.28
CA ARG A 513 40.75 18.33 -2.20
C ARG A 513 39.92 19.46 -2.78
N PRO A 514 39.25 19.21 -3.92
CA PRO A 514 38.31 20.18 -4.48
C PRO A 514 37.24 20.58 -3.49
N VAL A 515 36.69 21.78 -3.63
CA VAL A 515 35.68 22.30 -2.73
C VAL A 515 34.47 22.75 -3.54
N THR A 516 33.28 22.37 -3.11
CA THR A 516 32.08 22.77 -3.80
C THR A 516 31.04 23.35 -2.85
N LEU A 517 29.95 23.81 -3.43
CA LEU A 517 28.80 24.31 -2.69
C LEU A 517 27.59 23.78 -3.44
N VAL A 518 26.72 23.04 -2.77
CA VAL A 518 25.59 22.46 -3.48
C VAL A 518 24.49 23.51 -3.65
N CYS A 519 24.18 23.80 -4.91
CA CYS A 519 23.33 24.93 -5.27
C CYS A 519 21.89 24.53 -5.54
N CYS A 520 20.95 25.22 -4.90
CA CYS A 520 19.53 25.02 -5.16
C CYS A 520 19.15 25.49 -6.56
N GLN A 521 18.02 25.00 -7.05
CA GLN A 521 17.44 25.52 -8.28
C GLN A 521 17.19 27.01 -8.14
N ASN A 522 17.92 27.81 -8.91
CA ASN A 522 17.84 29.26 -8.79
C ASN A 522 18.04 29.97 -10.12
N ASP A 523 18.10 31.30 -10.08
CA ASP A 523 18.47 32.08 -11.28
C ASP A 523 19.98 32.01 -11.45
N TYR A 524 20.43 31.07 -12.28
CA TYR A 524 21.85 30.86 -12.53
C TYR A 524 22.55 32.05 -13.17
N THR A 525 21.79 32.97 -13.75
CA THR A 525 22.38 34.16 -14.39
C THR A 525 22.77 35.24 -13.39
N THR A 526 22.15 35.26 -12.20
CA THR A 526 22.49 36.25 -11.18
C THR A 526 23.31 35.67 -10.05
N ASP A 527 23.31 34.34 -9.92
CA ASP A 527 24.19 33.64 -8.99
C ASP A 527 25.64 33.83 -9.46
N ILE A 528 26.47 34.44 -8.61
CA ILE A 528 27.87 34.68 -8.96
C ILE A 528 28.81 33.85 -8.08
N THR A 529 28.24 32.98 -7.24
CA THR A 529 29.03 32.20 -6.30
C THR A 529 29.30 30.77 -6.78
N GLU A 530 28.26 30.07 -7.20
CA GLU A 530 28.37 28.65 -7.57
C GLU A 530 29.44 28.39 -8.63
N ARG A 531 29.48 29.24 -9.64
CA ARG A 531 30.41 29.11 -10.76
C ARG A 531 31.87 29.26 -10.36
N THR A 532 32.13 29.72 -9.14
CA THR A 532 33.50 29.89 -8.67
C THR A 532 33.98 28.69 -7.85
N MET A 533 33.13 27.68 -7.70
CA MET A 533 33.53 26.47 -6.99
C MET A 533 34.40 25.57 -7.87
N ASP A 534 35.10 24.63 -7.25
CA ASP A 534 36.01 23.75 -8.00
C ASP A 534 35.22 22.80 -8.88
N VAL A 535 34.13 22.28 -8.32
CA VAL A 535 33.15 21.53 -9.10
C VAL A 535 31.79 22.16 -8.92
N VAL A 536 31.07 22.36 -10.01
CA VAL A 536 29.71 22.89 -9.95
C VAL A 536 28.74 21.76 -9.64
N CYS A 537 28.12 21.84 -8.45
CA CYS A 537 27.18 20.83 -8.01
C CYS A 537 25.78 21.44 -7.94
N ILE A 538 24.89 20.95 -8.78
CA ILE A 538 23.57 21.57 -8.87
C ILE A 538 22.43 20.63 -8.50
N ASN A 539 21.45 21.19 -7.79
CA ASN A 539 20.19 20.53 -7.50
C ASN A 539 19.12 21.07 -8.45
N ARG A 540 18.54 20.21 -9.27
CA ARG A 540 17.56 20.65 -10.26
C ARG A 540 16.36 19.73 -10.30
N TYR A 541 15.16 20.32 -10.29
CA TYR A 541 13.94 19.54 -10.27
C TYR A 541 12.98 19.94 -11.40
N TYR A 542 13.54 20.15 -12.59
CA TYR A 542 12.73 20.35 -13.79
C TYR A 542 11.77 19.19 -13.98
N GLY A 543 10.49 19.50 -14.17
CA GLY A 543 9.48 18.46 -14.34
C GLY A 543 8.81 18.02 -13.06
N TRP A 544 9.36 18.40 -11.91
CA TRP A 544 8.71 18.10 -10.63
C TRP A 544 8.19 19.36 -9.95
N TYR A 545 9.10 20.20 -9.48
CA TYR A 545 8.70 21.44 -8.81
C TYR A 545 8.35 22.54 -9.82
N ASN A 546 8.71 22.32 -11.08
CA ASN A 546 8.31 23.22 -12.17
C ASN A 546 8.02 22.37 -13.41
N LEU A 547 7.27 22.93 -14.36
CA LEU A 547 6.90 22.20 -15.57
C LEU A 547 6.38 20.81 -15.22
N SER A 548 5.49 20.78 -14.22
CA SER A 548 5.16 19.55 -13.50
C SER A 548 4.55 18.47 -14.39
N GLY A 549 5.19 17.30 -14.40
CA GLY A 549 4.70 16.18 -15.17
C GLY A 549 5.01 16.23 -16.66
N ASP A 550 5.56 17.34 -17.11
CA ASP A 550 5.89 17.52 -18.53
C ASP A 550 7.37 17.30 -18.79
N LEU A 551 7.73 16.09 -19.19
CA LEU A 551 9.13 15.73 -19.32
C LEU A 551 9.78 16.35 -20.57
N ASP A 552 8.99 16.59 -21.62
CA ASP A 552 9.49 17.28 -22.79
C ASP A 552 9.95 18.70 -22.43
N ALA A 553 9.07 19.44 -21.78
CA ALA A 553 9.38 20.81 -21.37
C ALA A 553 10.51 20.83 -20.34
N ALA A 554 10.50 19.84 -19.45
CA ALA A 554 11.54 19.71 -18.43
C ALA A 554 12.91 19.53 -19.06
N CYS A 555 12.99 18.68 -20.07
CA CYS A 555 14.25 18.43 -20.76
C CYS A 555 14.69 19.65 -21.57
N HIS A 556 13.72 20.35 -22.17
CA HIS A 556 14.03 21.56 -22.90
C HIS A 556 14.64 22.63 -21.99
N ALA A 557 14.00 22.85 -20.83
CA ALA A 557 14.49 23.82 -19.85
C ALA A 557 15.87 23.42 -19.33
N LEU A 558 16.00 22.14 -19.01
CA LEU A 558 17.27 21.59 -18.56
C LEU A 558 18.36 21.91 -19.59
N ASN A 559 18.06 21.68 -20.86
CA ASN A 559 19.04 21.91 -21.92
C ASN A 559 19.40 23.39 -22.06
N ILE A 560 18.44 24.27 -21.82
CA ILE A 560 18.76 25.70 -21.79
C ILE A 560 19.79 26.01 -20.68
N GLU A 561 19.55 25.51 -19.47
CA GLU A 561 20.52 25.79 -18.39
C GLU A 561 21.86 25.08 -18.66
N LEU A 562 21.81 23.89 -19.25
CA LEU A 562 23.03 23.18 -19.60
C LEU A 562 23.83 23.98 -20.62
N ASP A 563 23.13 24.64 -21.53
CA ASP A 563 23.79 25.51 -22.50
C ASP A 563 24.49 26.62 -21.74
N PHE A 564 23.86 27.13 -20.69
CA PHE A 564 24.55 28.10 -19.83
C PHE A 564 25.85 27.51 -19.22
N TRP A 565 25.76 26.35 -18.56
CA TRP A 565 26.92 25.78 -17.87
C TRP A 565 28.06 25.30 -18.80
N GLU A 566 27.72 24.99 -20.04
CA GLU A 566 28.68 24.51 -21.04
C GLU A 566 29.82 25.49 -21.26
N ASN A 567 29.50 26.77 -21.20
CA ASN A 567 30.46 27.85 -21.39
C ASN A 567 31.26 28.26 -20.14
N ILE A 568 30.74 27.93 -18.95
CA ILE A 568 31.44 28.24 -17.69
C ILE A 568 32.84 27.61 -17.61
N GLY A 569 32.98 26.42 -18.16
CA GLY A 569 34.27 25.75 -18.21
C GLY A 569 34.66 25.03 -16.93
N LYS A 570 33.67 24.82 -16.07
CA LYS A 570 33.87 24.02 -14.86
C LYS A 570 33.25 22.63 -15.09
N PRO A 571 33.76 21.61 -14.38
CA PRO A 571 33.04 20.33 -14.39
C PRO A 571 31.72 20.47 -13.63
N VAL A 572 30.65 19.87 -14.13
CA VAL A 572 29.33 20.04 -13.53
C VAL A 572 28.70 18.69 -13.26
N MET A 573 28.05 18.54 -12.10
CA MET A 573 27.33 17.32 -11.77
C MET A 573 26.02 17.60 -11.06
N PHE A 574 25.06 16.69 -11.20
CA PHE A 574 23.86 16.69 -10.37
C PHE A 574 24.24 16.25 -8.96
N THR A 575 23.72 16.94 -7.96
CA THR A 575 23.81 16.43 -6.61
C THR A 575 22.40 16.11 -6.09
N GLU A 576 21.40 16.65 -6.77
CA GLU A 576 20.00 16.31 -6.51
C GLU A 576 19.14 16.43 -7.77
N TYR A 577 18.26 15.44 -7.96
CA TYR A 577 17.12 15.52 -8.89
C TYR A 577 16.29 14.27 -8.69
N GLY A 578 14.97 14.40 -8.81
CA GLY A 578 14.10 13.27 -8.57
C GLY A 578 12.64 13.62 -8.42
N ALA A 579 11.86 12.68 -7.93
CA ALA A 579 10.42 12.81 -7.91
C ALA A 579 9.86 11.95 -6.79
N ASP A 580 8.98 12.51 -5.97
CA ASP A 580 8.37 11.74 -4.90
C ASP A 580 7.59 10.60 -5.51
N THR A 581 7.74 9.42 -4.90
CA THR A 581 7.25 8.19 -5.49
C THR A 581 6.75 7.23 -4.43
N ILE A 582 5.46 6.94 -4.48
CA ILE A 582 4.84 6.00 -3.54
C ILE A 582 4.88 4.62 -4.16
N GLU A 583 5.66 3.71 -3.57
CA GLU A 583 5.78 2.35 -4.09
C GLU A 583 4.40 1.70 -4.15
N GLY A 584 4.10 1.08 -5.28
CA GLY A 584 2.82 0.43 -5.49
C GLY A 584 1.82 1.26 -6.28
N ILE A 585 2.07 2.55 -6.41
CA ILE A 585 1.27 3.38 -7.30
C ILE A 585 1.77 3.22 -8.72
N HIS A 586 0.88 2.77 -9.61
CA HIS A 586 1.27 2.41 -10.98
C HIS A 586 0.34 3.03 -12.00
N GLY A 587 0.87 3.29 -13.20
CA GLY A 587 0.07 3.76 -14.32
C GLY A 587 0.72 3.37 -15.64
N THR A 588 -0.10 3.13 -16.67
CA THR A 588 0.42 2.86 -18.00
C THR A 588 1.11 4.09 -18.58
N HIS A 589 0.56 5.25 -18.25
CA HIS A 589 1.23 6.52 -18.54
C HIS A 589 1.50 7.22 -17.22
N GLY A 590 2.71 7.01 -16.71
CA GLY A 590 3.08 7.38 -15.36
C GLY A 590 2.90 8.85 -15.03
N GLU A 591 2.09 9.11 -14.00
CA GLU A 591 1.90 10.47 -13.53
C GLU A 591 2.65 10.65 -12.22
N MET A 592 2.81 11.90 -11.81
CA MET A 592 3.57 12.24 -10.59
C MET A 592 3.10 11.42 -9.39
N PHE A 593 4.07 10.80 -8.71
CA PHE A 593 3.94 9.88 -7.56
C PHE A 593 3.90 8.40 -7.94
N SER A 594 3.72 8.10 -9.23
CA SER A 594 3.79 6.71 -9.69
C SER A 594 5.24 6.25 -9.84
N GLU A 595 5.46 4.94 -9.77
CA GLU A 595 6.78 4.36 -9.97
C GLU A 595 7.27 4.63 -11.40
N GLU A 596 6.34 4.50 -12.34
CA GLU A 596 6.64 4.71 -13.76
C GLU A 596 7.14 6.12 -14.00
N PHE A 597 6.54 7.11 -13.36
CA PHE A 597 6.97 8.49 -13.58
C PHE A 597 8.40 8.73 -13.10
N GLN A 598 8.75 8.18 -11.94
CA GLN A 598 10.12 8.30 -11.43
C GLN A 598 11.12 7.67 -12.41
N ARG A 599 10.76 6.48 -12.89
CA ARG A 599 11.56 5.79 -13.89
C ARG A 599 11.76 6.67 -15.14
N ASP A 600 10.65 7.14 -15.70
CA ASP A 600 10.66 7.96 -16.91
C ASP A 600 11.49 9.22 -16.70
N TYR A 601 11.36 9.78 -15.49
CA TYR A 601 12.04 11.00 -15.12
C TYR A 601 13.55 10.82 -15.28
N TYR A 602 14.06 9.80 -14.62
CA TYR A 602 15.50 9.57 -14.73
C TYR A 602 15.94 9.18 -16.14
N ALA A 603 15.09 8.45 -16.86
CA ALA A 603 15.43 8.06 -18.23
C ALA A 603 15.63 9.28 -19.15
N ARG A 604 14.67 10.20 -19.12
CA ARG A 604 14.72 11.39 -19.97
C ARG A 604 15.86 12.32 -19.56
N ILE A 605 15.96 12.61 -18.27
CA ILE A 605 16.96 13.56 -17.81
C ILE A 605 18.38 13.03 -18.09
N ASN A 606 18.61 11.77 -17.75
CA ASN A 606 19.93 11.18 -17.94
C ASN A 606 20.28 11.10 -19.42
N ALA A 607 19.24 10.90 -20.25
CA ALA A 607 19.47 10.92 -21.69
C ALA A 607 19.99 12.29 -22.10
N GLU A 608 19.48 13.34 -21.46
CA GLU A 608 20.01 14.67 -21.79
C GLU A 608 21.44 14.93 -21.29
N ILE A 609 21.75 14.57 -20.05
CA ILE A 609 23.11 14.88 -19.57
C ILE A 609 24.18 14.00 -20.23
N ASP A 610 23.78 12.85 -20.77
CA ASP A 610 24.75 12.02 -21.50
C ASP A 610 25.37 12.72 -22.71
N LYS A 611 24.70 13.75 -23.23
CA LYS A 611 25.20 14.47 -24.39
C LYS A 611 26.25 15.53 -24.05
N ARG A 612 26.51 15.73 -22.76
CA ARG A 612 27.43 16.79 -22.33
C ARG A 612 28.71 16.20 -21.74
N PRO A 613 29.83 16.36 -22.46
CA PRO A 613 31.12 15.79 -22.06
C PRO A 613 31.66 16.39 -20.76
N TRP A 614 31.25 17.61 -20.46
CA TRP A 614 31.70 18.31 -19.26
C TRP A 614 30.85 17.99 -18.03
N PHE A 615 29.81 17.18 -18.22
CA PHE A 615 28.95 16.75 -17.11
C PHE A 615 29.51 15.46 -16.53
N ILE A 616 30.13 15.57 -15.35
CA ILE A 616 30.99 14.54 -14.80
C ILE A 616 30.36 13.67 -13.71
N GLY A 617 29.07 13.84 -13.46
CA GLY A 617 28.44 13.02 -12.45
C GLY A 617 26.94 13.16 -12.31
N GLU A 618 26.31 12.09 -11.81
CA GLU A 618 24.88 12.09 -11.55
C GLU A 618 24.60 11.54 -10.15
N GLN A 619 24.38 12.44 -9.20
CA GLN A 619 23.92 12.03 -7.88
C GLN A 619 22.49 12.50 -7.73
N LEU A 620 21.57 11.55 -7.62
CA LEU A 620 20.16 11.86 -7.52
C LEU A 620 19.70 12.10 -6.08
N TRP A 621 18.44 12.49 -5.95
CA TRP A 621 17.77 12.61 -4.67
C TRP A 621 16.54 11.71 -4.73
N ASN A 622 16.44 10.71 -3.85
CA ASN A 622 17.40 10.39 -2.78
C ASN A 622 17.71 8.89 -2.84
N PHE A 623 18.73 8.45 -2.12
CA PHE A 623 19.00 7.03 -1.94
C PHE A 623 17.79 6.26 -1.42
N ALA A 624 17.17 6.78 -0.35
CA ALA A 624 16.04 6.11 0.28
C ALA A 624 15.09 7.12 0.90
N ASP A 625 13.79 6.82 0.87
CA ASP A 625 12.78 7.63 1.56
C ASP A 625 13.19 7.91 3.01
N PHE A 626 12.92 9.13 3.49
CA PHE A 626 13.35 9.50 4.83
C PHE A 626 12.32 10.40 5.53
N ALA A 627 12.45 10.53 6.85
CA ALA A 627 11.49 11.30 7.64
C ALA A 627 11.70 12.80 7.51
N THR A 628 10.59 13.53 7.42
CA THR A 628 10.61 14.99 7.41
C THR A 628 9.61 15.52 8.42
N PHE A 629 9.66 16.83 8.64
CA PHE A 629 8.56 17.55 9.28
C PHE A 629 7.29 17.31 8.45
N GLN A 630 6.15 17.18 9.11
CA GLN A 630 4.91 16.87 8.39
C GLN A 630 4.41 18.09 7.61
N GLY A 631 3.77 17.84 6.48
CA GLY A 631 3.29 18.91 5.62
C GLY A 631 2.54 18.35 4.44
N ILE A 632 1.89 19.22 3.66
CA ILE A 632 1.01 18.76 2.60
C ILE A 632 1.72 18.16 1.38
N ILE A 633 3.04 18.36 1.28
CA ILE A 633 3.78 17.74 0.17
C ILE A 633 4.63 16.57 0.63
N ARG A 634 4.53 16.22 1.91
CA ARG A 634 5.34 15.14 2.45
C ARG A 634 4.48 13.95 2.88
N VAL A 635 4.41 12.95 2.01
CA VAL A 635 3.61 11.76 2.24
C VAL A 635 4.36 10.78 3.11
N GLU A 636 4.17 10.89 4.42
CA GLU A 636 5.00 10.19 5.39
C GLU A 636 6.47 10.49 5.11
N GLY A 637 6.81 11.77 5.06
CA GLY A 637 8.17 12.19 4.80
C GLY A 637 8.48 12.43 3.34
N ASN A 638 9.77 12.44 3.02
CA ASN A 638 10.23 12.63 1.65
C ASN A 638 10.25 11.28 0.93
N ARG A 639 9.58 11.20 -0.21
CA ARG A 639 9.46 9.92 -0.92
C ARG A 639 10.18 9.93 -2.27
N LYS A 640 11.21 10.75 -2.40
CA LYS A 640 12.03 10.76 -3.62
C LYS A 640 13.11 9.69 -3.62
N GLY A 641 13.09 8.83 -2.59
CA GLY A 641 13.99 7.70 -2.56
C GLY A 641 13.76 6.76 -3.73
N ILE A 642 14.84 6.25 -4.30
CA ILE A 642 14.73 5.20 -5.31
C ILE A 642 14.55 3.87 -4.60
N LEU A 643 14.91 3.87 -3.32
CA LEU A 643 14.54 2.78 -2.41
C LEU A 643 13.54 3.29 -1.38
N THR A 644 12.67 2.41 -0.90
CA THR A 644 11.82 2.71 0.24
C THR A 644 12.65 2.94 1.50
N ARG A 645 12.01 3.39 2.57
CA ARG A 645 12.71 3.61 3.84
C ARG A 645 13.23 2.28 4.39
N ASP A 646 12.62 1.19 3.97
CA ASP A 646 13.04 -0.15 4.35
C ASP A 646 14.04 -0.73 3.34
N ARG A 647 14.56 0.16 2.48
CA ARG A 647 15.61 -0.17 1.50
C ARG A 647 15.14 -1.16 0.43
N GLN A 648 13.87 -1.06 0.06
CA GLN A 648 13.33 -1.89 -1.01
C GLN A 648 13.30 -1.08 -2.30
N PRO A 649 13.65 -1.71 -3.43
CA PRO A 649 13.84 -1.03 -4.71
C PRO A 649 12.54 -0.71 -5.44
N LYS A 650 12.34 0.56 -5.77
CA LYS A 650 11.26 0.95 -6.67
C LYS A 650 11.70 0.70 -8.11
N MET A 651 10.75 0.72 -9.05
CA MET A 651 11.05 0.49 -10.47
C MET A 651 12.27 1.29 -10.95
N ALA A 652 12.33 2.54 -10.52
CA ALA A 652 13.43 3.43 -10.91
C ALA A 652 14.78 2.87 -10.46
N ALA A 653 14.82 2.25 -9.29
CA ALA A 653 16.04 1.61 -8.80
C ALA A 653 16.55 0.53 -9.73
N HIS A 654 15.64 -0.29 -10.27
CA HIS A 654 16.02 -1.34 -11.21
C HIS A 654 16.54 -0.73 -12.50
N TRP A 655 15.84 0.30 -12.98
CA TRP A 655 16.27 0.96 -14.21
C TRP A 655 17.66 1.57 -14.06
N LEU A 656 17.87 2.26 -12.93
CA LEU A 656 19.14 2.91 -12.62
C LEU A 656 20.25 1.90 -12.44
N ARG A 657 19.94 0.77 -11.80
CA ARG A 657 20.89 -0.32 -11.64
C ARG A 657 21.37 -0.78 -13.01
N GLU A 658 20.42 -0.99 -13.92
CA GLU A 658 20.75 -1.41 -15.28
C GLU A 658 21.61 -0.37 -16.01
N ARG A 659 21.24 0.91 -15.91
CA ARG A 659 22.02 1.98 -16.54
C ARG A 659 23.45 2.04 -15.99
N TRP A 660 23.56 2.01 -14.67
CA TRP A 660 24.85 2.19 -13.99
C TRP A 660 25.76 0.99 -14.17
N ALA A 661 25.18 -0.17 -14.41
CA ALA A 661 25.99 -1.35 -14.72
C ALA A 661 26.81 -1.17 -15.98
N GLY A 662 26.33 -0.35 -16.91
CA GLY A 662 27.02 -0.11 -18.17
C GLY A 662 27.86 1.15 -18.21
N ILE A 663 28.01 1.80 -17.06
CA ILE A 663 28.81 3.02 -16.97
C ILE A 663 30.02 2.78 -16.07
N PRO A 664 31.23 2.90 -16.65
CA PRO A 664 32.49 2.65 -15.93
C PRO A 664 32.86 3.80 -15.00
N ASP A 665 33.56 3.50 -13.91
CA ASP A 665 34.02 4.54 -13.00
C ASP A 665 34.95 5.51 -13.71
N TYR A 666 35.80 4.98 -14.60
CA TYR A 666 36.74 5.80 -15.36
C TYR A 666 36.49 5.76 -16.87
N GLY A 667 36.62 6.92 -17.52
CA GLY A 667 36.61 6.97 -18.97
C GLY A 667 35.26 7.05 -19.65
N TYR A 668 34.19 7.21 -18.89
CA TYR A 668 32.85 7.34 -19.47
C TYR A 668 32.79 8.54 -20.41
N LYS A 669 33.46 9.62 -20.01
CA LYS A 669 33.50 10.82 -20.84
C LYS A 669 34.93 11.31 -21.04
N ASN B 1 28.13 -23.13 35.21
CA ASN B 1 26.68 -23.02 35.12
C ASN B 1 26.21 -21.57 35.16
N GLY B 2 26.82 -20.77 36.03
CA GLY B 2 26.47 -19.38 36.13
C GLY B 2 26.93 -18.62 34.89
N MET B 3 26.06 -17.75 34.38
CA MET B 3 26.41 -16.91 33.24
C MET B 3 26.02 -15.47 33.54
N LEU B 4 26.59 -14.91 34.60
CA LEU B 4 26.31 -13.53 34.95
C LEU B 4 26.75 -12.62 33.82
N TYR B 5 25.92 -11.64 33.48
CA TYR B 5 26.29 -10.72 32.41
C TYR B 5 27.53 -9.95 32.81
N PRO B 6 28.49 -9.82 31.88
CA PRO B 6 29.74 -9.10 32.13
C PRO B 6 29.51 -7.72 32.72
N GLN B 7 30.30 -7.40 33.73
CA GLN B 7 30.10 -6.17 34.51
C GLN B 7 31.42 -5.44 34.69
N SER B 8 31.38 -4.11 34.65
CA SER B 8 32.56 -3.32 34.96
C SER B 8 32.43 -2.70 36.35
N ASN B 9 33.46 -2.89 37.16
CA ASN B 9 33.55 -2.28 38.48
C ASN B 9 35.02 -2.16 38.88
N ASP B 10 35.30 -2.08 40.17
CA ASP B 10 36.69 -1.85 40.57
C ASP B 10 37.58 -3.07 40.39
N SER B 11 36.99 -4.26 40.38
CA SER B 11 37.76 -5.48 40.19
C SER B 11 37.52 -6.14 38.83
N ARG B 12 36.63 -5.57 38.01
CA ARG B 12 36.28 -6.15 36.72
C ARG B 12 36.14 -5.10 35.62
N ILE B 13 36.60 -5.45 34.42
CA ILE B 13 36.41 -4.58 33.26
C ILE B 13 35.81 -5.37 32.09
N VAL B 14 34.99 -4.70 31.30
CA VAL B 14 34.42 -5.29 30.09
C VAL B 14 34.96 -4.56 28.87
N PHE B 15 35.43 -5.33 27.89
CA PHE B 15 35.91 -4.82 26.62
C PHE B 15 35.06 -5.38 25.48
N PRO B 16 34.10 -4.57 25.01
CA PRO B 16 33.20 -4.99 23.94
C PRO B 16 33.94 -5.27 22.62
N LEU B 17 33.49 -6.27 21.88
CA LEU B 17 34.13 -6.60 20.62
C LEU B 17 33.17 -6.42 19.44
N ASP B 18 32.09 -5.68 19.69
CA ASP B 18 31.13 -5.34 18.65
C ASP B 18 31.74 -4.39 17.62
N GLY B 19 31.07 -4.27 16.48
CA GLY B 19 31.51 -3.36 15.43
C GLY B 19 31.38 -4.00 14.06
N VAL B 20 32.17 -3.52 13.11
CA VAL B 20 32.17 -4.07 11.76
C VAL B 20 33.29 -5.09 11.59
N TRP B 21 32.93 -6.36 11.52
CA TRP B 21 33.89 -7.44 11.35
C TRP B 21 34.13 -7.79 9.88
N ASP B 22 35.13 -8.64 9.65
CA ASP B 22 35.34 -9.29 8.38
C ASP B 22 34.48 -10.56 8.31
N PHE B 23 34.12 -10.97 7.10
CA PHE B 23 33.12 -12.01 6.91
C PHE B 23 33.28 -12.69 5.56
N ARG B 24 33.15 -14.02 5.53
CA ARG B 24 33.12 -14.76 4.28
C ARG B 24 32.09 -15.88 4.37
N THR B 25 31.36 -16.15 3.29
CA THR B 25 30.54 -17.36 3.26
C THR B 25 31.45 -18.56 3.05
N ALA B 26 31.01 -19.72 3.52
CA ALA B 26 31.78 -20.95 3.35
C ALA B 26 30.89 -22.06 2.80
N GLY B 27 31.25 -23.31 3.08
CA GLY B 27 30.59 -24.46 2.46
C GLY B 27 29.31 -24.92 3.15
N GLU B 28 28.58 -25.78 2.47
CA GLU B 28 27.34 -26.35 3.00
C GLU B 28 27.58 -27.19 4.26
N ASP B 29 28.74 -27.83 4.34
CA ASP B 29 29.07 -28.62 5.54
C ASP B 29 30.54 -28.54 5.95
N SER B 30 31.25 -27.52 5.48
CA SER B 30 32.63 -27.30 5.91
C SER B 30 33.07 -25.86 5.70
N TYR B 31 34.20 -25.50 6.29
CA TYR B 31 34.83 -24.20 6.08
C TYR B 31 36.34 -24.38 6.15
N PRO B 32 37.09 -23.53 5.45
CA PRO B 32 38.55 -23.65 5.50
C PRO B 32 39.11 -23.33 6.89
N ALA B 33 39.70 -24.32 7.54
CA ALA B 33 40.23 -24.13 8.89
C ALA B 33 41.40 -23.16 8.92
N GLU B 34 42.09 -23.04 7.79
CA GLU B 34 43.26 -22.18 7.71
C GLU B 34 42.86 -20.70 7.72
N TRP B 35 41.55 -20.44 7.60
CA TRP B 35 41.02 -19.10 7.75
C TRP B 35 41.20 -18.60 9.17
N ALA B 36 41.41 -19.52 10.11
CA ALA B 36 41.65 -19.14 11.50
C ALA B 36 43.09 -18.69 11.75
N ASP B 37 43.97 -18.93 10.78
CA ASP B 37 45.40 -18.71 10.97
C ASP B 37 45.88 -17.36 10.43
N ALA B 38 45.05 -16.72 9.62
CA ALA B 38 45.45 -15.50 8.94
C ALA B 38 44.21 -14.68 8.64
N PRO B 39 44.39 -13.38 8.31
CA PRO B 39 43.22 -12.58 7.91
C PRO B 39 42.41 -13.23 6.79
N LEU B 40 41.09 -13.16 6.87
CA LEU B 40 40.23 -13.69 5.81
C LEU B 40 40.63 -13.06 4.47
N PRO B 41 40.74 -13.90 3.43
CA PRO B 41 41.00 -13.38 2.09
C PRO B 41 39.75 -12.70 1.53
N GLU B 42 39.95 -11.57 0.85
CA GLU B 42 38.86 -10.82 0.21
C GLU B 42 37.60 -10.71 1.08
N PRO B 43 37.75 -10.15 2.29
CA PRO B 43 36.63 -10.19 3.23
C PRO B 43 35.51 -9.20 2.91
N LEU B 44 34.29 -9.57 3.28
CA LEU B 44 33.13 -8.69 3.28
C LEU B 44 32.98 -8.02 4.64
N PRO B 45 32.37 -6.83 4.69
CA PRO B 45 32.06 -6.28 6.00
C PRO B 45 30.79 -6.89 6.57
N MET B 46 30.74 -7.05 7.89
CA MET B 46 29.55 -7.56 8.55
C MET B 46 29.47 -6.99 9.96
N ALA B 47 28.41 -6.23 10.23
CA ALA B 47 28.26 -5.59 11.53
C ALA B 47 27.85 -6.59 12.59
N VAL B 48 28.43 -6.49 13.79
CA VAL B 48 27.92 -7.37 14.81
C VAL B 48 27.69 -6.79 16.20
N PRO B 49 26.41 -6.64 16.51
CA PRO B 49 25.61 -7.84 16.76
C PRO B 49 24.62 -7.78 15.58
N GLY B 50 24.08 -8.89 15.10
CA GLY B 50 23.17 -8.80 13.97
C GLY B 50 23.15 -10.06 13.14
N SER B 51 22.00 -10.35 12.52
CA SER B 51 21.96 -11.42 11.53
C SER B 51 22.73 -11.01 10.28
N TYR B 52 23.36 -11.97 9.60
CA TYR B 52 24.11 -11.62 8.40
C TYR B 52 23.23 -11.59 7.15
N ASN B 53 22.06 -12.22 7.22
CA ASN B 53 21.26 -12.50 6.02
C ASN B 53 20.81 -11.25 5.26
N ASP B 54 20.48 -10.18 5.98
CA ASP B 54 20.01 -8.96 5.33
C ASP B 54 21.06 -7.83 5.31
N GLN B 55 22.32 -8.19 5.49
CA GLN B 55 23.41 -7.21 5.47
C GLN B 55 24.21 -7.19 4.16
N ASN B 56 23.71 -7.85 3.12
CA ASN B 56 24.37 -7.77 1.83
C ASN B 56 23.42 -8.11 0.68
N ASP B 57 22.95 -7.08 -0.01
CA ASP B 57 21.99 -7.26 -1.09
C ASP B 57 22.62 -7.66 -2.43
N GLU B 58 23.95 -7.70 -2.49
CA GLU B 58 24.63 -8.25 -3.66
C GLU B 58 24.53 -9.75 -3.66
N LEU B 59 24.52 -10.31 -2.45
CA LEU B 59 24.38 -11.74 -2.25
C LEU B 59 22.95 -12.06 -1.85
N ASN B 60 22.59 -13.33 -1.88
CA ASN B 60 21.29 -13.76 -1.38
C ASN B 60 21.52 -14.63 -0.14
N LEU B 61 21.93 -13.98 0.95
CA LEU B 61 22.32 -14.70 2.16
C LEU B 61 21.15 -15.35 2.88
N ARG B 62 19.93 -14.94 2.56
CA ARG B 62 18.75 -15.62 3.09
C ARG B 62 18.70 -17.06 2.59
N ALA B 63 19.24 -17.28 1.40
CA ALA B 63 19.27 -18.61 0.80
C ALA B 63 20.50 -19.42 1.20
N HIS B 64 21.39 -18.82 1.98
CA HIS B 64 22.63 -19.51 2.36
C HIS B 64 22.38 -20.74 3.22
N TYR B 65 23.10 -21.82 2.91
CA TYR B 65 23.01 -23.06 3.67
C TYR B 65 24.39 -23.49 4.16
N GLY B 66 24.53 -23.61 5.47
CA GLY B 66 25.77 -24.08 6.05
C GLY B 66 26.57 -23.04 6.80
N TRP B 67 27.87 -22.95 6.50
CA TRP B 67 28.81 -22.17 7.31
C TRP B 67 29.11 -20.78 6.76
N VAL B 68 29.35 -19.85 7.68
CA VAL B 68 29.98 -18.57 7.37
C VAL B 68 31.11 -18.38 8.37
N VAL B 69 32.04 -17.47 8.09
CA VAL B 69 33.14 -17.21 8.99
C VAL B 69 33.29 -15.72 9.24
N TYR B 70 33.18 -15.35 10.52
CA TYR B 70 33.43 -14.01 11.02
C TYR B 70 34.88 -13.91 11.45
N GLN B 71 35.45 -12.71 11.41
CA GLN B 71 36.79 -12.51 11.94
C GLN B 71 37.05 -11.06 12.29
N ARG B 72 37.79 -10.81 13.37
CA ARG B 72 38.27 -9.46 13.63
C ARG B 72 39.56 -9.48 14.45
N SER B 73 40.23 -8.35 14.51
CA SER B 73 41.38 -8.19 15.39
C SER B 73 41.03 -7.32 16.57
N PHE B 74 41.77 -7.49 17.67
CA PHE B 74 41.64 -6.59 18.82
C PHE B 74 42.92 -6.59 19.64
N ALA B 75 43.14 -5.51 20.38
CA ALA B 75 44.28 -5.39 21.29
C ALA B 75 43.84 -4.68 22.56
N VAL B 76 44.37 -5.12 23.70
CA VAL B 76 44.12 -4.46 24.97
C VAL B 76 45.43 -4.28 25.72
N PRO B 77 45.52 -3.27 26.60
CA PRO B 77 46.75 -3.03 27.38
C PRO B 77 47.16 -4.23 28.21
N SER B 78 48.44 -4.54 28.21
CA SER B 78 48.97 -5.67 28.98
C SER B 78 48.63 -5.56 30.46
N ARG B 79 48.57 -4.33 30.96
CA ARG B 79 48.27 -4.08 32.36
C ARG B 79 46.81 -4.38 32.70
N LEU B 80 45.94 -4.43 31.69
CA LEU B 80 44.54 -4.76 31.93
C LEU B 80 44.38 -6.26 32.15
N VAL B 81 45.15 -7.05 31.41
CA VAL B 81 45.05 -8.50 31.49
C VAL B 81 45.94 -9.12 32.58
N ALA B 82 46.95 -8.36 33.01
CA ALA B 82 47.94 -8.87 33.96
C ALA B 82 47.32 -9.38 35.24
N GLY B 83 47.49 -10.67 35.51
CA GLY B 83 47.03 -11.28 36.74
C GLY B 83 45.55 -11.58 36.73
N GLN B 84 44.87 -11.30 35.63
CA GLN B 84 43.44 -11.47 35.57
C GLN B 84 43.01 -12.74 34.85
N ARG B 85 41.82 -13.20 35.19
CA ARG B 85 41.13 -14.25 34.46
C ARG B 85 40.39 -13.62 33.28
N MET B 86 40.76 -14.03 32.07
CA MET B 86 40.23 -13.43 30.85
C MET B 86 39.20 -14.34 30.20
N ILE B 87 37.98 -13.83 30.05
CA ILE B 87 36.87 -14.61 29.53
C ILE B 87 36.31 -13.99 28.25
N LEU B 88 36.19 -14.79 27.20
CA LEU B 88 35.58 -14.34 25.96
C LEU B 88 34.14 -14.83 25.90
N ARG B 89 33.20 -13.89 25.87
CA ARG B 89 31.79 -14.24 25.92
C ARG B 89 31.02 -13.89 24.65
N PHE B 90 30.27 -14.88 24.18
CA PHE B 90 29.33 -14.70 23.06
C PHE B 90 27.90 -14.73 23.58
N ASP B 91 27.19 -13.61 23.49
CA ASP B 91 25.82 -13.56 23.97
C ASP B 91 24.93 -14.51 23.17
N ALA B 92 25.21 -14.62 21.87
CA ALA B 92 24.52 -15.59 21.00
C ALA B 92 25.16 -15.72 19.61
N ALA B 93 25.43 -16.95 19.21
CA ALA B 93 25.81 -17.27 17.84
C ALA B 93 24.83 -18.31 17.30
N THR B 94 24.10 -17.95 16.24
CA THR B 94 22.99 -18.75 15.73
C THR B 94 23.36 -19.47 14.43
N HIS B 95 23.35 -20.81 14.42
CA HIS B 95 22.94 -21.62 15.57
C HIS B 95 24.12 -22.24 16.31
N ALA B 96 25.17 -22.59 15.59
CA ALA B 96 26.31 -23.26 16.20
C ALA B 96 27.59 -22.58 15.80
N ALA B 97 28.59 -22.66 16.65
CA ALA B 97 29.83 -21.94 16.39
C ALA B 97 31.08 -22.70 16.78
N ASP B 98 32.13 -22.54 15.98
CA ASP B 98 33.49 -22.89 16.38
C ASP B 98 34.26 -21.60 16.57
N VAL B 99 34.96 -21.46 17.69
CA VAL B 99 35.68 -20.23 17.98
C VAL B 99 37.18 -20.47 18.08
N TYR B 100 37.94 -19.65 17.36
CA TYR B 100 39.39 -19.70 17.33
C TYR B 100 39.97 -18.36 17.79
N LEU B 101 41.00 -18.42 18.62
CA LEU B 101 41.74 -17.22 18.99
C LEU B 101 43.22 -17.44 18.70
N ASN B 102 43.77 -16.63 17.81
CA ASN B 102 45.16 -16.73 17.37
C ASN B 102 45.48 -18.13 16.85
N GLY B 103 44.53 -18.71 16.13
CA GLY B 103 44.73 -20.00 15.50
C GLY B 103 44.38 -21.20 16.37
N GLN B 104 44.13 -20.96 17.65
CA GLN B 104 43.79 -22.05 18.56
C GLN B 104 42.28 -22.23 18.68
N LEU B 105 41.82 -23.45 18.46
CA LEU B 105 40.40 -23.75 18.68
C LEU B 105 40.08 -23.68 20.17
N LEU B 106 39.25 -22.72 20.55
CA LEU B 106 38.84 -22.57 21.93
C LEU B 106 37.75 -23.58 22.26
N GLY B 107 36.90 -23.85 21.28
CA GLY B 107 35.81 -24.78 21.46
C GLY B 107 34.61 -24.44 20.60
N SER B 108 33.51 -25.13 20.87
CA SER B 108 32.30 -25.04 20.06
C SER B 108 31.06 -24.89 20.93
N HIS B 109 29.93 -24.53 20.29
CA HIS B 109 28.66 -24.41 21.01
C HIS B 109 27.52 -24.67 20.02
N PHE B 110 26.42 -25.26 20.48
CA PHE B 110 25.23 -25.38 19.60
C PHE B 110 24.00 -24.51 19.88
N GLY B 111 23.66 -24.23 21.13
CA GLY B 111 22.49 -23.41 21.38
C GLY B 111 22.50 -22.03 20.71
N GLY B 112 21.56 -21.77 19.81
CA GLY B 112 21.64 -20.55 19.02
C GLY B 112 21.11 -19.28 19.68
N PHE B 113 20.59 -19.39 20.90
CA PHE B 113 19.88 -18.28 21.52
C PHE B 113 20.25 -18.11 22.99
N LEU B 114 21.33 -18.75 23.38
CA LEU B 114 21.83 -18.66 24.76
C LEU B 114 23.34 -18.43 24.73
N PRO B 115 23.86 -17.71 25.75
CA PRO B 115 25.26 -17.29 25.75
C PRO B 115 26.22 -18.42 26.10
N PHE B 116 27.46 -18.29 25.64
CA PHE B 116 28.53 -19.22 25.99
C PHE B 116 29.84 -18.45 26.06
N GLU B 117 30.83 -19.00 26.75
CA GLU B 117 32.09 -18.29 26.95
C GLU B 117 33.29 -19.23 27.06
N PHE B 118 34.49 -18.69 26.86
CA PHE B 118 35.72 -19.46 26.92
C PHE B 118 36.76 -18.73 27.75
N ASP B 119 37.54 -19.47 28.54
CA ASP B 119 38.67 -18.86 29.24
C ASP B 119 39.83 -18.70 28.25
N VAL B 120 40.15 -17.46 27.93
CA VAL B 120 41.19 -17.18 26.94
C VAL B 120 42.45 -16.59 27.57
N THR B 121 42.60 -16.78 28.88
CA THR B 121 43.75 -16.25 29.61
C THR B 121 45.08 -16.65 28.97
N SER B 122 45.22 -17.92 28.62
CA SER B 122 46.47 -18.42 28.04
C SER B 122 46.57 -18.23 26.54
N ALA B 123 45.43 -18.10 25.86
CA ALA B 123 45.43 -17.98 24.41
C ALA B 123 45.69 -16.54 23.96
N LEU B 124 45.41 -15.59 24.84
CA LEU B 124 45.66 -14.16 24.54
C LEU B 124 47.15 -13.90 24.49
N HIS B 125 47.56 -12.93 23.67
CA HIS B 125 48.91 -12.39 23.75
C HIS B 125 48.89 -10.87 23.51
N ALA B 126 50.04 -10.23 23.74
CA ALA B 126 50.14 -8.78 23.61
C ALA B 126 49.98 -8.36 22.16
N GLY B 127 49.62 -7.10 21.94
CA GLY B 127 49.37 -6.59 20.60
C GLY B 127 48.08 -7.16 20.01
N GLU B 128 48.03 -7.22 18.69
CA GLU B 128 46.83 -7.67 17.99
C GLU B 128 46.56 -9.16 18.16
N ASN B 129 45.33 -9.49 18.53
CA ASN B 129 44.85 -10.87 18.59
C ASN B 129 43.86 -11.12 17.45
N LEU B 130 43.91 -12.31 16.87
CA LEU B 130 43.02 -12.62 15.75
C LEU B 130 41.91 -13.56 16.17
N LEU B 131 40.69 -13.04 16.15
CA LEU B 131 39.51 -13.79 16.60
C LEU B 131 38.69 -14.23 15.41
N THR B 132 38.58 -15.55 15.25
CA THR B 132 37.86 -16.13 14.11
C THR B 132 36.69 -16.97 14.60
N VAL B 133 35.50 -16.69 14.10
CA VAL B 133 34.30 -17.38 14.56
C VAL B 133 33.50 -17.96 13.40
N ALA B 134 33.52 -19.28 13.29
CA ALA B 134 32.72 -19.94 12.26
C ALA B 134 31.33 -20.20 12.80
N VAL B 135 30.31 -19.82 12.03
CA VAL B 135 28.92 -19.96 12.45
C VAL B 135 28.12 -20.82 11.47
N ASP B 136 27.41 -21.80 12.03
CA ASP B 136 26.66 -22.78 11.25
C ASP B 136 25.16 -22.50 11.40
N ASN B 137 24.47 -22.30 10.26
CA ASN B 137 23.06 -21.96 10.30
C ASN B 137 22.11 -23.15 10.13
N ARG B 138 22.67 -24.34 10.02
CA ARG B 138 21.87 -25.49 9.61
C ARG B 138 20.92 -25.99 10.69
N ILE B 139 19.70 -26.29 10.27
CA ILE B 139 18.69 -26.89 11.13
C ILE B 139 18.27 -28.22 10.51
N GLY B 140 17.79 -29.13 11.35
CA GLY B 140 17.42 -30.46 10.90
C GLY B 140 16.65 -31.20 11.97
N SER B 141 16.54 -32.51 11.83
CA SER B 141 15.70 -33.31 12.72
C SER B 141 16.23 -33.38 14.17
N SER B 142 17.48 -32.99 14.38
CA SER B 142 18.03 -33.05 15.74
C SER B 142 18.40 -31.68 16.31
N THR B 143 18.03 -30.60 15.64
CA THR B 143 18.30 -29.26 16.16
C THR B 143 17.08 -28.66 16.86
N LEU B 144 17.34 -27.75 17.79
CA LEU B 144 16.30 -26.89 18.34
C LEU B 144 16.70 -25.44 18.07
N PRO B 145 15.90 -24.73 17.25
CA PRO B 145 14.63 -25.15 16.64
C PRO B 145 14.77 -26.22 15.56
N VAL B 146 13.67 -26.94 15.29
CA VAL B 146 13.68 -28.14 14.46
C VAL B 146 13.54 -27.85 12.96
N GLY B 147 14.42 -28.45 12.17
CA GLY B 147 14.30 -28.40 10.72
C GLY B 147 13.85 -29.74 10.18
N ASN B 148 13.38 -29.75 8.94
CA ASN B 148 13.02 -31.00 8.28
C ASN B 148 14.17 -31.48 7.40
N ASP B 149 14.47 -32.77 7.46
CA ASP B 149 15.60 -33.32 6.71
C ASP B 149 15.26 -33.49 5.23
N ALA B 150 13.97 -33.55 4.92
CA ALA B 150 13.52 -33.58 3.54
C ALA B 150 12.12 -32.97 3.40
N GLY B 151 11.71 -32.76 2.15
CA GLY B 151 10.35 -32.33 1.85
C GLY B 151 10.13 -30.85 1.64
N THR B 152 9.23 -30.27 2.43
CA THR B 152 8.84 -28.87 2.29
C THR B 152 8.99 -28.10 3.59
N ALA B 153 8.97 -26.77 3.49
CA ALA B 153 9.02 -25.90 4.67
C ALA B 153 7.71 -25.94 5.45
N PHE B 154 7.71 -25.33 6.62
CA PHE B 154 6.52 -25.23 7.47
C PHE B 154 5.42 -24.47 6.73
N MET B 155 4.28 -25.14 6.51
CA MET B 155 3.13 -24.55 5.81
C MET B 155 3.47 -24.18 4.36
N GLY B 156 4.23 -25.04 3.70
CA GLY B 156 4.56 -24.87 2.30
C GLY B 156 3.59 -25.61 1.41
N SER B 157 3.52 -25.21 0.15
CA SER B 157 2.62 -25.85 -0.82
C SER B 157 3.37 -26.92 -1.62
N ASP B 158 2.65 -27.95 -2.05
CA ASP B 158 3.28 -29.02 -2.83
C ASP B 158 2.32 -29.66 -3.84
N ASN B 159 2.89 -30.21 -4.91
CA ASN B 159 2.17 -31.08 -5.84
C ASN B 159 2.93 -32.39 -6.00
N ALA B 160 3.01 -33.15 -4.93
CA ALA B 160 3.88 -34.34 -4.86
C ALA B 160 3.56 -35.40 -5.90
N ASN B 161 2.32 -35.44 -6.38
CA ASN B 161 1.90 -36.44 -7.35
C ASN B 161 2.39 -36.18 -8.78
N VAL B 162 2.97 -35.00 -9.02
CA VAL B 162 3.51 -34.67 -10.33
C VAL B 162 4.95 -35.17 -10.43
N PRO B 163 5.20 -36.12 -11.34
CA PRO B 163 6.50 -36.79 -11.49
C PRO B 163 7.67 -35.83 -11.69
N ALA B 164 7.44 -34.80 -12.49
CA ALA B 164 8.47 -33.79 -12.75
C ALA B 164 8.87 -33.05 -11.48
N VAL B 165 7.89 -32.84 -10.58
CA VAL B 165 8.17 -32.18 -9.30
C VAL B 165 9.02 -33.09 -8.41
N ALA B 166 8.64 -34.35 -8.31
CA ALA B 166 9.40 -35.33 -7.54
C ALA B 166 10.84 -35.47 -8.04
N GLU B 167 11.02 -35.48 -9.35
CA GLU B 167 12.36 -35.58 -9.92
C GLU B 167 13.17 -34.31 -9.70
N ALA B 168 12.56 -33.16 -9.94
CA ALA B 168 13.25 -31.88 -9.76
C ALA B 168 13.66 -31.64 -8.31
N LYS B 169 12.81 -32.09 -7.38
CA LYS B 169 13.06 -31.96 -5.94
C LYS B 169 14.38 -32.63 -5.54
N LYS B 170 14.71 -33.72 -6.21
CA LYS B 170 15.90 -34.50 -5.87
C LYS B 170 17.20 -33.77 -6.21
N HIS B 171 17.12 -32.78 -7.08
CA HIS B 171 18.31 -32.07 -7.55
C HIS B 171 18.31 -30.59 -7.17
N ALA B 172 17.29 -30.17 -6.44
CA ALA B 172 17.16 -28.77 -6.05
C ALA B 172 18.31 -28.36 -5.12
N ARG B 173 18.70 -27.09 -5.18
CA ARG B 173 19.70 -26.56 -4.27
C ARG B 173 19.30 -26.81 -2.83
N ARG B 174 20.24 -27.29 -2.02
CA ARG B 174 19.93 -27.58 -0.63
C ARG B 174 19.64 -26.32 0.18
N GLN B 175 18.56 -26.37 0.95
CA GLN B 175 18.11 -25.27 1.78
C GLN B 175 17.75 -25.78 3.18
N ASN B 176 17.85 -24.91 4.17
CA ASN B 176 17.27 -25.24 5.46
C ASN B 176 15.75 -25.28 5.32
N LEU B 177 15.15 -26.37 5.81
CA LEU B 177 13.70 -26.53 5.74
C LEU B 177 13.14 -26.47 7.15
N PRO B 178 12.75 -25.26 7.57
CA PRO B 178 12.30 -25.04 8.96
C PRO B 178 10.97 -25.72 9.25
N ASN B 179 10.83 -26.29 10.45
CA ASN B 179 9.52 -26.76 10.89
C ASN B 179 8.89 -25.70 11.79
N PHE B 180 9.18 -24.44 11.48
CA PHE B 180 8.66 -23.30 12.24
C PHE B 180 8.37 -22.09 11.32
N ASP B 181 7.55 -21.18 11.81
CA ASP B 181 7.03 -20.09 11.01
C ASP B 181 7.75 -18.76 11.28
N PHE B 182 9.08 -18.79 11.22
CA PHE B 182 9.85 -17.55 11.24
C PHE B 182 11.18 -17.79 10.55
N PHE B 183 11.70 -16.75 9.89
CA PHE B 183 12.89 -16.94 9.08
C PHE B 183 14.11 -17.31 9.91
N ASN B 184 14.93 -18.19 9.33
CA ASN B 184 16.11 -18.73 9.98
C ASN B 184 17.29 -17.77 9.97
N PHE B 185 17.11 -16.60 10.58
CA PHE B 185 18.20 -15.63 10.69
C PHE B 185 19.35 -16.21 11.49
N ALA B 186 20.56 -16.08 10.93
CA ALA B 186 21.75 -16.67 11.53
C ALA B 186 22.88 -15.66 11.69
N GLY B 187 23.93 -16.07 12.38
CA GLY B 187 25.10 -15.23 12.59
C GLY B 187 25.30 -14.80 14.04
N LEU B 188 26.13 -13.78 14.23
CA LEU B 188 26.38 -13.25 15.56
C LEU B 188 25.26 -12.30 15.95
N ASN B 189 24.11 -12.87 16.29
CA ASN B 189 22.89 -12.10 16.54
C ASN B 189 22.96 -11.22 17.80
N ARG B 190 23.87 -11.54 18.72
CA ARG B 190 23.99 -10.73 19.93
C ARG B 190 25.45 -10.40 20.23
N HIS B 191 25.67 -9.58 21.26
CA HIS B 191 26.99 -9.00 21.51
C HIS B 191 28.10 -10.00 21.75
N VAL B 192 29.32 -9.58 21.44
CA VAL B 192 30.53 -10.33 21.75
C VAL B 192 31.39 -9.43 22.63
N GLU B 193 31.90 -9.95 23.74
CA GLU B 193 32.74 -9.13 24.59
C GLU B 193 33.77 -9.94 25.37
N LEU B 194 34.95 -9.36 25.53
CA LEU B 194 35.97 -9.91 26.40
C LEU B 194 35.77 -9.28 27.78
N TYR B 195 35.88 -10.05 28.87
CA TYR B 195 35.81 -9.45 30.19
C TYR B 195 36.79 -10.08 31.18
N THR B 196 36.96 -9.43 32.33
CA THR B 196 37.98 -9.81 33.31
C THR B 196 37.34 -10.13 34.65
N THR B 197 37.88 -11.12 35.34
CA THR B 197 37.60 -11.28 36.78
C THR B 197 38.93 -11.53 37.48
N PRO B 198 38.96 -11.40 38.82
CA PRO B 198 40.16 -11.87 39.51
C PRO B 198 40.40 -13.35 39.27
N ALA B 199 41.67 -13.78 39.31
CA ALA B 199 42.02 -15.16 38.96
C ALA B 199 41.95 -16.11 40.15
N ASP B 200 42.37 -15.64 41.31
CA ASP B 200 42.49 -16.51 42.48
C ASP B 200 41.14 -16.97 43.02
N ALA B 201 40.19 -16.04 43.12
CA ALA B 201 38.84 -16.37 43.56
C ALA B 201 37.89 -15.32 43.00
N TYR B 202 36.70 -15.75 42.57
CA TYR B 202 35.79 -14.83 41.90
C TYR B 202 34.35 -15.26 42.04
N ILE B 203 33.44 -14.29 41.91
CA ILE B 203 32.02 -14.58 41.92
C ILE B 203 31.62 -15.18 40.57
N ALA B 204 31.07 -16.40 40.61
CA ALA B 204 30.73 -17.13 39.39
C ALA B 204 29.23 -17.13 39.13
N ASP B 205 28.43 -17.05 40.19
CA ASP B 205 26.99 -17.06 40.05
C ASP B 205 26.29 -16.47 41.27
N ILE B 206 25.13 -15.87 41.05
CA ILE B 206 24.30 -15.34 42.11
C ILE B 206 22.85 -15.70 41.85
N ALA B 207 22.15 -16.17 42.87
CA ALA B 207 20.72 -16.41 42.77
C ALA B 207 20.00 -15.73 43.92
N ILE B 208 19.05 -14.87 43.60
CA ILE B 208 18.21 -14.22 44.60
C ILE B 208 16.79 -14.70 44.43
N THR B 209 16.16 -15.06 45.55
CA THR B 209 14.77 -15.52 45.50
C THR B 209 13.92 -14.79 46.53
N THR B 210 12.66 -14.59 46.20
CA THR B 210 11.69 -14.10 47.17
C THR B 210 11.06 -15.31 47.82
N GLU B 211 11.41 -15.57 49.07
CA GLU B 211 10.98 -16.79 49.73
C GLU B 211 9.61 -16.64 50.36
N ARG B 212 9.37 -15.54 51.06
CA ARG B 212 8.06 -15.37 51.71
C ARG B 212 7.68 -13.90 51.84
N LEU B 213 6.38 -13.62 51.75
CA LEU B 213 5.88 -12.26 52.00
C LEU B 213 4.86 -12.29 53.13
N ASP B 214 5.07 -11.42 54.11
CA ASP B 214 4.15 -11.29 55.24
C ASP B 214 3.39 -9.97 55.20
N HIS B 215 2.07 -10.07 55.30
CA HIS B 215 1.20 -8.90 55.33
C HIS B 215 1.43 -7.99 54.15
N ILE B 216 1.11 -8.50 52.96
CA ILE B 216 1.14 -7.73 51.73
C ILE B 216 0.06 -6.65 51.81
N ALA B 217 0.42 -5.42 51.48
CA ALA B 217 -0.54 -4.32 51.45
C ALA B 217 -1.67 -4.59 50.46
N GLY B 218 -2.79 -3.91 50.64
CA GLY B 218 -3.94 -4.06 49.76
C GLY B 218 -3.64 -3.72 48.31
N ASP B 219 -2.77 -2.73 48.11
CA ASP B 219 -2.39 -2.30 46.77
C ASP B 219 -1.13 -3.01 46.25
N ALA B 220 -0.60 -3.92 47.07
CA ALA B 220 0.58 -4.72 46.73
C ALA B 220 1.85 -3.89 46.54
N CYS B 221 1.83 -2.63 46.98
CA CYS B 221 3.00 -1.79 46.87
C CYS B 221 4.08 -2.22 47.86
N THR B 222 3.66 -2.73 49.02
CA THR B 222 4.58 -3.15 50.06
C THR B 222 4.14 -4.43 50.75
N ALA B 223 5.08 -5.04 51.48
CA ALA B 223 4.77 -6.09 52.45
C ALA B 223 5.43 -5.70 53.77
N ALA B 224 4.77 -6.03 54.89
CA ALA B 224 5.34 -5.71 56.20
C ALA B 224 6.70 -6.36 56.38
N ASN B 225 6.83 -7.59 55.89
CA ASN B 225 8.10 -8.28 55.89
C ASN B 225 8.28 -9.13 54.64
N ALA B 226 9.49 -9.10 54.08
CA ALA B 226 9.85 -9.97 52.97
C ALA B 226 11.06 -10.79 53.33
N LEU B 227 10.95 -12.09 53.16
CA LEU B 227 12.06 -13.00 53.35
C LEU B 227 12.62 -13.36 51.99
N ILE B 228 13.87 -12.95 51.75
CA ILE B 228 14.55 -13.30 50.51
C ILE B 228 15.73 -14.20 50.81
N ALA B 229 16.15 -15.00 49.83
CA ALA B 229 17.30 -15.87 50.01
C ALA B 229 18.36 -15.52 48.98
N TYR B 230 19.62 -15.71 49.35
CA TYR B 230 20.72 -15.50 48.43
C TYR B 230 21.55 -16.77 48.34
N ASP B 231 22.15 -16.96 47.17
CA ASP B 231 22.99 -18.12 46.89
C ASP B 231 24.07 -17.64 45.93
N VAL B 232 25.28 -17.50 46.45
CA VAL B 232 26.41 -17.01 45.68
C VAL B 232 27.43 -18.12 45.50
N THR B 233 27.77 -18.39 44.24
CA THR B 233 28.73 -19.44 43.89
C THR B 233 30.06 -18.79 43.52
N PHE B 234 31.17 -19.46 43.83
CA PHE B 234 32.49 -18.90 43.55
C PHE B 234 33.33 -19.86 42.72
N GLY B 235 34.25 -19.31 41.93
CA GLY B 235 35.22 -20.10 41.23
C GLY B 235 36.61 -19.71 41.71
N GLY B 236 37.61 -20.52 41.34
CA GLY B 236 38.99 -20.28 41.73
C GLY B 236 39.48 -21.21 42.83
N ASP B 237 40.73 -21.01 43.24
CA ASP B 237 41.42 -21.86 44.21
C ASP B 237 41.49 -23.30 43.71
N GLY B 276 38.15 -20.15 55.68
CA GLY B 276 37.77 -18.98 56.42
C GLY B 276 37.50 -17.77 55.53
N ARG B 277 36.98 -18.01 54.34
CA ARG B 277 36.70 -16.93 53.41
C ARG B 277 35.26 -16.45 53.51
N GLN B 278 35.06 -15.16 53.23
CA GLN B 278 33.75 -14.54 53.41
C GLN B 278 33.32 -13.67 52.22
N VAL B 279 32.00 -13.55 52.05
CA VAL B 279 31.43 -12.60 51.12
C VAL B 279 30.41 -11.73 51.87
N ARG B 280 30.46 -10.42 51.62
CA ARG B 280 29.48 -9.51 52.19
C ARG B 280 28.36 -9.23 51.20
N ILE B 281 27.13 -9.32 51.68
CA ILE B 281 25.96 -9.11 50.84
C ILE B 281 25.24 -7.86 51.32
N SER B 282 25.13 -6.86 50.46
CA SER B 282 24.44 -5.63 50.81
C SER B 282 23.19 -5.48 49.96
N ILE B 283 22.05 -5.20 50.58
CA ILE B 283 20.83 -4.97 49.83
C ILE B 283 20.55 -3.47 49.71
N LEU B 284 20.54 -2.99 48.47
CA LEU B 284 20.35 -1.58 48.14
C LEU B 284 18.95 -1.33 47.58
N ASP B 285 18.28 -0.29 48.08
CA ASP B 285 16.97 0.06 47.55
C ASP B 285 17.09 0.89 46.28
N GLY B 286 15.95 1.35 45.76
CA GLY B 286 15.92 2.09 44.51
C GLY B 286 16.76 3.36 44.50
N GLU B 287 17.10 3.86 45.67
CA GLU B 287 17.88 5.09 45.79
C GLU B 287 19.33 4.84 46.17
N GLY B 288 19.70 3.56 46.29
CA GLY B 288 21.07 3.20 46.63
C GLY B 288 21.37 3.07 48.11
N THR B 289 20.33 3.17 48.94
CA THR B 289 20.50 3.06 50.38
C THR B 289 20.60 1.60 50.81
N VAL B 290 21.61 1.28 51.62
CA VAL B 290 21.73 -0.07 52.18
C VAL B 290 20.68 -0.27 53.26
N VAL B 291 19.70 -1.12 52.98
CA VAL B 291 18.58 -1.37 53.89
C VAL B 291 18.77 -2.68 54.64
N ALA B 292 19.70 -3.49 54.14
CA ALA B 292 20.04 -4.75 54.78
C ALA B 292 21.42 -5.16 54.33
N GLY B 293 22.09 -5.97 55.14
CA GLY B 293 23.46 -6.37 54.87
C GLY B 293 23.84 -7.53 55.77
N VAL B 294 24.59 -8.48 55.23
CA VAL B 294 25.07 -9.60 56.01
C VAL B 294 26.42 -10.07 55.47
N THR B 295 27.26 -10.62 56.35
CA THR B 295 28.51 -11.22 55.93
C THR B 295 28.38 -12.72 56.08
N ALA B 296 28.59 -13.45 54.99
CA ALA B 296 28.37 -14.89 55.00
C ALA B 296 29.66 -15.65 54.78
N ASP B 297 29.70 -16.87 55.33
CA ASP B 297 30.88 -17.72 55.18
C ASP B 297 30.82 -18.47 53.86
N ILE B 298 31.98 -18.63 53.24
CA ILE B 298 32.08 -19.38 51.99
C ILE B 298 32.49 -20.81 52.30
N GLU B 299 31.63 -21.77 51.98
CA GLU B 299 31.91 -23.16 52.28
C GLU B 299 32.25 -23.92 51.00
N ARG B 300 33.28 -24.75 51.09
CA ARG B 300 33.77 -25.52 49.95
C ARG B 300 33.26 -26.95 49.98
N THR B 305 33.50 -26.51 44.58
CA THR B 305 32.13 -26.05 44.72
C THR B 305 32.01 -25.06 45.88
N ALA B 306 32.55 -23.86 45.70
CA ALA B 306 32.57 -22.84 46.73
C ALA B 306 31.24 -22.09 46.72
N LYS B 307 30.63 -21.94 47.89
CA LYS B 307 29.26 -21.44 47.94
C LYS B 307 28.91 -20.78 49.28
N ALA B 308 28.19 -19.66 49.21
CA ALA B 308 27.65 -19.01 50.39
C ALA B 308 26.16 -18.81 50.19
N SER B 309 25.37 -19.07 51.22
CA SER B 309 23.92 -19.08 51.05
C SER B 309 23.24 -18.70 52.35
N GLY B 310 22.11 -18.01 52.24
CA GLY B 310 21.39 -17.63 53.45
C GLY B 310 20.14 -16.83 53.19
N GLU B 311 19.58 -16.27 54.26
CA GLU B 311 18.34 -15.52 54.18
C GLU B 311 18.48 -14.12 54.77
N ILE B 312 17.71 -13.19 54.22
CA ILE B 312 17.67 -11.81 54.67
C ILE B 312 16.23 -11.36 54.80
N ALA B 313 15.90 -10.79 55.96
CA ALA B 313 14.58 -10.24 56.20
C ALA B 313 14.58 -8.74 55.95
N ILE B 314 13.59 -8.27 55.21
CA ILE B 314 13.48 -6.86 54.87
C ILE B 314 12.08 -6.36 55.23
N ARG B 315 11.99 -5.48 56.22
CA ARG B 315 10.71 -4.96 56.66
C ARG B 315 10.27 -3.80 55.78
N ASP B 316 8.96 -3.69 55.57
CA ASP B 316 8.38 -2.67 54.70
C ASP B 316 9.01 -2.75 53.32
N ALA B 317 9.18 -3.97 52.83
CA ALA B 317 9.79 -4.21 51.53
C ALA B 317 8.93 -3.65 50.42
N LYS B 318 9.56 -3.03 49.43
CA LYS B 318 8.83 -2.50 48.28
C LYS B 318 8.77 -3.57 47.19
N LEU B 319 7.55 -3.96 46.81
CA LEU B 319 7.36 -5.09 45.92
C LEU B 319 7.37 -4.72 44.45
N TRP B 320 7.77 -5.68 43.62
CA TRP B 320 7.71 -5.57 42.18
C TRP B 320 6.33 -6.03 41.69
N ASN B 321 5.65 -5.18 40.94
CA ASN B 321 4.38 -5.53 40.32
C ASN B 321 4.33 -5.16 38.85
N PRO B 322 3.50 -5.86 38.07
CA PRO B 322 3.23 -5.39 36.70
C PRO B 322 2.64 -3.99 36.72
N GLY B 323 3.16 -3.11 35.87
CA GLY B 323 2.71 -1.73 35.86
C GLY B 323 3.27 -0.87 36.97
N ALA B 324 4.06 -1.47 37.85
CA ALA B 324 4.63 -0.77 39.00
C ALA B 324 5.87 -1.49 39.49
N ALA B 325 6.93 -1.43 38.69
CA ALA B 325 8.18 -2.09 39.01
C ALA B 325 8.90 -1.42 40.18
N TYR B 326 9.58 -2.23 40.98
CA TYR B 326 10.53 -1.73 41.95
C TYR B 326 11.69 -2.71 42.02
N LEU B 327 12.90 -2.17 41.94
CA LEU B 327 14.08 -3.01 41.89
C LEU B 327 15.06 -2.70 43.02
N TYR B 328 15.55 -3.76 43.64
CA TYR B 328 16.65 -3.67 44.59
C TYR B 328 17.92 -4.15 43.88
N THR B 329 19.06 -3.90 44.52
CA THR B 329 20.33 -4.42 44.05
C THR B 329 20.99 -5.22 45.16
N ALA B 330 21.34 -6.47 44.88
CA ALA B 330 22.11 -7.27 45.80
C ALA B 330 23.57 -7.19 45.41
N VAL B 331 24.36 -6.53 46.25
CA VAL B 331 25.78 -6.37 46.00
C VAL B 331 26.57 -7.43 46.74
N ALA B 332 27.27 -8.28 45.99
CA ALA B 332 28.10 -9.30 46.58
C ALA B 332 29.55 -8.88 46.48
N GLU B 333 30.24 -8.81 47.62
CA GLU B 333 31.64 -8.43 47.64
C GLU B 333 32.47 -9.50 48.32
N LEU B 334 33.37 -10.11 47.56
CA LEU B 334 34.28 -11.11 48.09
C LEU B 334 35.35 -10.44 48.94
N LEU B 335 35.41 -10.84 50.20
CA LEU B 335 36.35 -10.26 51.16
C LEU B 335 37.66 -11.04 51.22
N PRO B 336 38.76 -10.32 51.51
CA PRO B 336 40.05 -10.94 51.78
C PRO B 336 40.09 -11.59 53.17
N SER B 344 40.21 -4.17 54.54
CA SER B 344 39.37 -3.13 53.96
C SER B 344 39.25 -3.24 52.44
N ARG B 345 40.13 -4.02 51.82
CA ARG B 345 40.11 -4.15 50.37
C ARG B 345 39.00 -5.10 49.96
N ILE B 346 38.63 -5.04 48.69
CA ILE B 346 37.60 -5.93 48.15
C ILE B 346 38.27 -6.75 47.06
N ILE B 347 38.11 -8.07 47.10
CA ILE B 347 38.75 -8.94 46.12
C ILE B 347 38.00 -8.91 44.79
N ASP B 348 36.70 -9.10 44.88
CA ASP B 348 35.83 -9.19 43.71
C ASP B 348 34.45 -8.65 44.10
N ALA B 349 33.67 -8.22 43.11
CA ALA B 349 32.35 -7.69 43.40
C ALA B 349 31.40 -7.90 42.23
N TYR B 350 30.12 -8.06 42.53
CA TYR B 350 29.09 -8.10 41.48
C TYR B 350 27.78 -7.52 41.99
N ARG B 351 27.12 -6.75 41.13
CA ARG B 351 25.84 -6.13 41.46
C ARG B 351 24.69 -6.82 40.72
N GLN B 352 23.85 -7.50 41.47
CA GLN B 352 22.74 -8.25 40.88
C GLN B 352 21.39 -7.59 41.13
N THR B 353 20.76 -7.09 40.08
CA THR B 353 19.44 -6.49 40.20
C THR B 353 18.42 -7.58 40.52
N PHE B 354 17.42 -7.26 41.34
CA PHE B 354 16.31 -8.19 41.57
C PHE B 354 15.06 -7.45 42.01
N GLY B 355 13.94 -8.16 42.03
CA GLY B 355 12.69 -7.57 42.47
C GLY B 355 12.01 -8.50 43.45
N ILE B 356 11.33 -7.93 44.43
CA ILE B 356 10.69 -8.73 45.47
C ILE B 356 9.22 -8.96 45.13
N ARG B 357 8.89 -10.21 44.82
CA ARG B 357 7.53 -10.58 44.44
C ARG B 357 7.34 -12.10 44.47
N THR B 358 6.12 -12.55 44.72
CA THR B 358 5.83 -13.97 44.65
C THR B 358 4.93 -14.30 43.47
N VAL B 359 5.08 -15.52 42.96
CA VAL B 359 4.24 -16.04 41.90
C VAL B 359 3.71 -17.38 42.36
N GLU B 360 2.39 -17.55 42.31
CA GLU B 360 1.77 -18.80 42.72
C GLU B 360 0.50 -19.10 41.94
N VAL B 361 0.43 -20.27 41.32
CA VAL B 361 -0.83 -20.73 40.74
C VAL B 361 -1.67 -21.33 41.86
N SER B 362 -2.90 -20.84 42.00
CA SER B 362 -3.81 -21.37 43.02
C SER B 362 -5.17 -21.63 42.38
N GLY B 363 -5.51 -22.90 42.24
CA GLY B 363 -6.73 -23.29 41.57
C GLY B 363 -6.73 -22.78 40.14
N THR B 364 -7.70 -21.92 39.81
CA THR B 364 -7.76 -21.32 38.49
C THR B 364 -7.30 -19.86 38.50
N THR B 365 -6.46 -19.50 39.46
CA THR B 365 -5.93 -18.14 39.51
C THR B 365 -4.41 -18.10 39.40
N PHE B 366 -3.89 -16.98 38.91
CA PHE B 366 -2.46 -16.75 38.77
C PHE B 366 -2.13 -15.57 39.68
N LEU B 367 -1.56 -15.87 40.84
CA LEU B 367 -1.35 -14.87 41.88
C LEU B 367 0.05 -14.28 41.86
N ILE B 368 0.11 -12.97 41.66
CA ILE B 368 1.35 -12.24 41.83
C ILE B 368 1.19 -11.40 43.08
N ASN B 369 2.09 -11.61 44.03
CA ASN B 369 1.98 -11.00 45.35
C ASN B 369 0.59 -11.19 45.96
N GLY B 370 0.05 -12.40 45.79
CA GLY B 370 -1.25 -12.75 46.33
C GLY B 370 -2.44 -12.13 45.62
N LYS B 371 -2.19 -11.43 44.52
CA LYS B 371 -3.25 -10.76 43.76
C LYS B 371 -3.56 -11.49 42.46
N PRO B 372 -4.84 -11.63 42.11
CA PRO B 372 -5.24 -12.37 40.91
C PRO B 372 -4.90 -11.61 39.62
N PHE B 373 -3.84 -12.06 38.94
CA PHE B 373 -3.31 -11.39 37.75
C PHE B 373 -4.04 -11.81 36.47
N TYR B 374 -4.11 -10.88 35.50
CA TYR B 374 -4.64 -11.19 34.17
C TYR B 374 -3.63 -10.76 33.09
N PHE B 375 -3.18 -11.71 32.27
CA PHE B 375 -2.24 -11.40 31.19
C PHE B 375 -2.91 -10.62 30.06
N LYS B 376 -2.33 -9.47 29.71
CA LYS B 376 -2.69 -8.75 28.49
C LYS B 376 -1.45 -8.61 27.63
N GLY B 377 -1.47 -9.16 26.42
CA GLY B 377 -0.32 -9.00 25.55
C GLY B 377 -0.32 -9.86 24.31
N PHE B 378 0.84 -10.44 24.02
CA PHE B 378 1.11 -11.01 22.71
C PHE B 378 2.37 -11.85 22.74
N GLY B 379 2.52 -12.74 21.76
CA GLY B 379 3.82 -13.30 21.48
C GLY B 379 4.57 -12.26 20.68
N LYS B 380 5.88 -12.15 20.88
CA LYS B 380 6.70 -11.25 20.09
C LYS B 380 7.64 -12.04 19.19
N HIS B 381 8.51 -11.32 18.51
CA HIS B 381 9.70 -11.89 17.90
C HIS B 381 10.83 -10.88 18.03
N GLU B 382 12.05 -11.37 18.11
CA GLU B 382 13.20 -10.51 17.87
C GLU B 382 13.38 -10.52 16.36
N ASP B 383 12.82 -9.48 15.73
CA ASP B 383 12.72 -9.38 14.29
C ASP B 383 12.62 -7.90 13.92
N SER B 384 13.42 -7.49 12.94
CA SER B 384 13.36 -6.12 12.42
C SER B 384 14.03 -6.08 11.06
N TYR B 385 13.75 -5.02 10.29
CA TYR B 385 14.21 -4.91 8.91
C TYR B 385 15.67 -5.13 8.52
N PHE B 386 16.64 -4.67 9.29
CA PHE B 386 18.01 -4.83 8.82
C PHE B 386 18.79 -5.81 9.67
N HIS B 387 18.45 -5.83 10.95
CA HIS B 387 19.12 -6.62 11.96
C HIS B 387 18.71 -8.09 11.92
N GLY B 388 17.53 -8.35 11.35
CA GLY B 388 16.96 -9.69 11.39
C GLY B 388 16.64 -10.08 12.82
N ARG B 389 17.30 -11.11 13.33
CA ARG B 389 17.15 -11.53 14.72
C ARG B 389 18.16 -10.81 15.60
N GLY B 390 18.92 -9.89 15.00
CA GLY B 390 19.93 -9.14 15.71
C GLY B 390 19.34 -8.28 16.81
N THR B 391 19.99 -8.28 17.97
CA THR B 391 19.52 -7.48 19.09
C THR B 391 19.69 -5.99 18.79
N ASP B 392 18.68 -5.21 19.17
CA ASP B 392 18.64 -3.78 18.91
C ASP B 392 17.93 -3.11 20.08
N ASP B 393 18.69 -2.42 20.92
CA ASP B 393 18.12 -1.87 22.15
C ASP B 393 17.28 -0.61 21.93
N VAL B 394 17.52 0.10 20.83
CA VAL B 394 16.64 1.17 20.41
C VAL B 394 15.23 0.61 20.18
N LEU B 395 15.20 -0.51 19.47
CA LEU B 395 13.95 -1.19 19.18
C LEU B 395 13.31 -1.81 20.41
N ASN B 396 14.12 -2.35 21.31
CA ASN B 396 13.59 -2.87 22.57
C ASN B 396 12.93 -1.76 23.40
N VAL B 397 13.63 -0.64 23.55
CA VAL B 397 13.07 0.51 24.27
C VAL B 397 11.76 0.98 23.64
N LYS B 398 11.76 1.10 22.32
CA LYS B 398 10.56 1.52 21.60
C LYS B 398 9.42 0.54 21.82
N ASP B 399 9.72 -0.75 21.70
CA ASP B 399 8.73 -1.80 21.82
C ASP B 399 8.11 -1.81 23.21
N VAL B 400 8.93 -1.62 24.23
CA VAL B 400 8.42 -1.53 25.59
C VAL B 400 7.47 -0.34 25.74
N SER B 401 7.85 0.78 25.14
CA SER B 401 6.98 1.95 25.17
C SER B 401 5.66 1.66 24.47
N LEU B 402 5.72 0.86 23.41
CA LEU B 402 4.51 0.49 22.68
C LEU B 402 3.62 -0.46 23.47
N ILE B 403 4.27 -1.35 24.23
CA ILE B 403 3.53 -2.23 25.12
C ILE B 403 2.76 -1.39 26.13
N HIS B 404 3.41 -0.35 26.66
CA HIS B 404 2.71 0.60 27.53
C HIS B 404 1.58 1.34 26.81
N TRP B 405 1.86 1.84 25.60
CA TRP B 405 0.88 2.56 24.78
C TRP B 405 -0.37 1.72 24.56
N LEU B 406 -0.18 0.43 24.36
CA LEU B 406 -1.29 -0.51 24.14
C LEU B 406 -2.04 -0.84 25.42
N HIS B 407 -1.43 -0.52 26.56
CA HIS B 407 -1.92 -0.91 27.89
C HIS B 407 -1.89 -2.42 28.07
N ALA B 408 -0.94 -3.05 27.39
CA ALA B 408 -0.61 -4.45 27.62
C ALA B 408 0.30 -4.54 28.84
N ASN B 409 0.46 -5.74 29.40
CA ASN B 409 1.29 -5.91 30.58
C ASN B 409 2.28 -7.05 30.49
N SER B 410 2.31 -7.74 29.36
CA SER B 410 3.06 -9.00 29.25
C SER B 410 3.36 -9.41 27.81
N PHE B 411 4.36 -10.25 27.65
CA PHE B 411 4.54 -11.01 26.41
C PHE B 411 5.29 -12.32 26.67
N ARG B 412 5.36 -13.16 25.63
CA ARG B 412 6.10 -14.41 25.68
C ARG B 412 7.31 -14.31 24.75
N THR B 413 8.45 -14.89 25.13
CA THR B 413 9.62 -14.86 24.26
C THR B 413 9.54 -15.98 23.21
N SER B 414 8.49 -15.94 22.41
CA SER B 414 8.34 -16.84 21.28
C SER B 414 9.40 -16.53 20.24
N HIS B 415 10.13 -17.54 19.76
CA HIS B 415 10.09 -18.91 20.27
C HIS B 415 11.51 -19.32 20.67
N TYR B 416 12.13 -18.51 21.52
CA TYR B 416 13.53 -18.64 21.88
C TYR B 416 13.81 -17.62 22.96
N PRO B 417 14.80 -17.87 23.81
CA PRO B 417 15.14 -16.82 24.78
C PRO B 417 15.60 -15.56 24.06
N TYR B 418 15.18 -14.40 24.55
CA TYR B 418 15.53 -13.14 23.92
C TYR B 418 16.86 -12.62 24.47
N ALA B 419 17.33 -11.50 23.92
CA ALA B 419 18.52 -10.84 24.44
C ALA B 419 18.30 -10.42 25.90
N GLU B 420 19.34 -10.56 26.72
CA GLU B 420 19.28 -10.28 28.16
C GLU B 420 18.84 -8.85 28.53
N SER B 421 19.30 -7.89 27.73
CA SER B 421 18.95 -6.48 27.93
C SER B 421 17.44 -6.25 27.92
N MET B 422 16.71 -7.05 27.14
CA MET B 422 15.25 -6.91 27.08
C MET B 422 14.61 -7.31 28.42
N TYR B 423 15.18 -8.31 29.08
CA TYR B 423 14.69 -8.72 30.39
C TYR B 423 15.02 -7.67 31.43
N ASP B 424 16.22 -7.07 31.35
CA ASP B 424 16.54 -5.97 32.28
C ASP B 424 15.54 -4.83 32.11
N LEU B 425 15.25 -4.54 30.85
CA LEU B 425 14.31 -3.47 30.48
C LEU B 425 12.92 -3.73 31.03
N CYS B 426 12.44 -4.96 30.90
CA CYS B 426 11.11 -5.28 31.40
C CYS B 426 11.08 -5.35 32.92
N ASP B 427 12.22 -5.67 33.52
CA ASP B 427 12.38 -5.56 34.97
C ASP B 427 12.10 -4.13 35.41
N ARG B 428 12.73 -3.16 34.76
CA ARG B 428 12.53 -1.77 35.22
C ARG B 428 11.24 -1.15 34.71
N GLU B 429 10.59 -1.76 33.72
CA GLU B 429 9.39 -1.17 33.13
C GLU B 429 8.10 -1.88 33.53
N GLY B 430 8.20 -2.84 34.43
CA GLY B 430 7.02 -3.50 34.97
C GLY B 430 6.21 -4.31 33.96
N ILE B 431 6.90 -4.96 33.04
CA ILE B 431 6.26 -5.81 32.05
C ILE B 431 6.60 -7.27 32.31
N VAL B 432 5.57 -8.10 32.38
CA VAL B 432 5.70 -9.51 32.76
C VAL B 432 6.09 -10.40 31.58
N ILE B 433 6.98 -11.36 31.82
CA ILE B 433 7.47 -12.21 30.74
C ILE B 433 7.27 -13.72 30.99
N ILE B 434 6.82 -14.41 29.94
CA ILE B 434 6.86 -15.87 29.87
C ILE B 434 8.07 -16.27 29.03
N ASP B 435 9.05 -16.90 29.68
CA ASP B 435 10.34 -17.21 29.07
C ASP B 435 10.35 -18.59 28.39
N GLU B 436 10.69 -18.63 27.09
CA GLU B 436 10.52 -19.85 26.30
C GLU B 436 11.80 -20.32 25.59
N VAL B 437 12.08 -21.62 25.67
CA VAL B 437 13.22 -22.24 24.97
C VAL B 437 12.93 -22.44 23.48
N PRO B 438 13.98 -22.61 22.65
CA PRO B 438 13.76 -22.77 21.20
C PRO B 438 13.22 -24.14 20.77
N ALA B 439 12.46 -24.80 21.63
CA ALA B 439 11.91 -26.10 21.29
C ALA B 439 10.62 -25.95 20.47
N VAL B 440 10.77 -25.49 19.23
CA VAL B 440 9.64 -25.31 18.33
C VAL B 440 9.82 -26.17 17.08
N GLY B 441 8.74 -26.81 16.64
CA GLY B 441 8.79 -27.67 15.47
C GLY B 441 8.96 -29.14 15.83
N MET B 442 8.73 -29.47 17.11
CA MET B 442 8.97 -30.83 17.58
C MET B 442 7.81 -31.78 17.32
N SER B 443 8.15 -33.02 16.99
CA SER B 443 7.15 -34.10 16.93
C SER B 443 7.80 -35.41 17.37
N TRP B 444 7.15 -36.52 17.06
CA TRP B 444 7.55 -37.82 17.60
C TRP B 444 8.90 -38.31 17.11
N LEU B 445 9.33 -37.85 15.94
CA LEU B 445 10.68 -38.13 15.47
C LEU B 445 11.74 -37.61 16.46
N GLN B 446 11.47 -36.46 17.06
CA GLN B 446 12.40 -35.86 18.00
C GLN B 446 12.40 -36.52 19.38
N TYR B 447 11.22 -36.96 19.83
CA TYR B 447 11.09 -37.50 21.20
C TYR B 447 11.92 -38.77 21.39
N ALA B 448 12.22 -39.45 20.29
CA ALA B 448 12.96 -40.71 20.35
C ALA B 448 14.46 -40.49 20.15
N ASN B 449 14.85 -39.23 19.98
CA ASN B 449 16.24 -38.88 19.73
C ASN B 449 16.93 -38.36 20.99
N PRO B 450 17.90 -39.12 21.51
CA PRO B 450 18.62 -38.78 22.75
C PRO B 450 19.36 -37.45 22.67
N LEU B 451 19.90 -37.13 21.49
CA LEU B 451 20.61 -35.87 21.29
C LEU B 451 19.65 -34.70 21.43
N VAL B 452 18.45 -34.85 20.88
CA VAL B 452 17.41 -33.83 20.99
C VAL B 452 17.05 -33.62 22.44
N ALA B 453 16.82 -34.71 23.17
CA ALA B 453 16.48 -34.63 24.59
C ALA B 453 17.56 -33.89 25.38
N GLU B 454 18.82 -34.16 25.07
CA GLU B 454 19.93 -33.51 25.77
C GLU B 454 20.01 -32.03 25.44
N ARG B 455 19.82 -31.68 24.17
CA ARG B 455 19.82 -30.27 23.77
C ARG B 455 18.65 -29.51 24.39
N HIS B 456 17.53 -30.21 24.57
CA HIS B 456 16.34 -29.63 25.19
C HIS B 456 16.60 -29.33 26.67
N ARG B 457 17.16 -30.31 27.37
CA ARG B 457 17.55 -30.12 28.76
C ARG B 457 18.58 -28.98 28.89
N GLU B 458 19.53 -28.94 27.96
CA GLU B 458 20.54 -27.87 27.93
C GLU B 458 19.89 -26.51 27.76
N ALA B 459 18.89 -26.44 26.89
CA ALA B 459 18.20 -25.17 26.63
C ALA B 459 17.44 -24.71 27.87
N ILE B 460 16.73 -25.62 28.52
CA ILE B 460 15.99 -25.28 29.74
C ILE B 460 16.93 -24.82 30.87
N ARG B 461 17.96 -25.61 31.13
CA ARG B 461 18.92 -25.28 32.19
C ARG B 461 19.65 -23.97 31.90
N GLY B 462 20.00 -23.76 30.64
CA GLY B 462 20.70 -22.56 30.22
C GLY B 462 19.83 -21.32 30.35
N MET B 463 18.57 -21.43 29.91
CA MET B 463 17.64 -20.33 30.00
C MET B 463 17.41 -19.93 31.45
N ILE B 464 17.11 -20.92 32.28
CA ILE B 464 16.80 -20.65 33.67
C ILE B 464 18.03 -20.16 34.44
N ALA B 465 19.18 -20.75 34.18
CA ALA B 465 20.43 -20.28 34.78
C ALA B 465 20.72 -18.84 34.40
N ARG B 466 20.44 -18.47 33.16
CA ARG B 466 20.68 -17.11 32.69
C ARG B 466 19.67 -16.09 33.24
N ASP B 467 18.42 -16.53 33.41
CA ASP B 467 17.31 -15.59 33.58
C ASP B 467 16.61 -15.65 34.95
N LYS B 468 17.11 -16.49 35.85
CA LYS B 468 16.44 -16.77 37.13
C LYS B 468 16.18 -15.54 38.00
N ASN B 469 17.06 -14.54 37.92
CA ASN B 469 16.99 -13.39 38.83
C ASN B 469 16.00 -12.30 38.40
N HIS B 470 15.48 -12.40 37.18
CA HIS B 470 14.55 -11.40 36.68
C HIS B 470 13.18 -11.52 37.35
N PRO B 471 12.74 -10.45 38.04
CA PRO B 471 11.39 -10.43 38.61
C PRO B 471 10.30 -10.44 37.54
N CYS B 472 10.60 -9.92 36.35
CA CYS B 472 9.60 -9.83 35.29
C CYS B 472 9.16 -11.20 34.77
N ILE B 473 10.04 -12.19 34.87
CA ILE B 473 9.70 -13.55 34.44
C ILE B 473 8.82 -14.25 35.47
N VAL B 474 7.62 -14.66 35.03
CA VAL B 474 6.69 -15.30 35.97
C VAL B 474 6.36 -16.75 35.62
N MET B 475 6.83 -17.21 34.46
CA MET B 475 6.51 -18.54 33.99
C MET B 475 7.48 -19.02 32.91
N TRP B 476 7.78 -20.31 32.90
CA TRP B 476 8.63 -20.90 31.88
C TRP B 476 7.80 -21.68 30.87
N SER B 477 8.13 -21.53 29.59
CA SER B 477 7.54 -22.36 28.54
C SER B 477 8.59 -23.31 27.99
N ILE B 478 8.32 -24.62 28.06
CA ILE B 478 9.31 -25.62 27.67
C ILE B 478 9.23 -26.04 26.20
N ALA B 479 8.21 -25.56 25.49
CA ALA B 479 8.08 -25.83 24.06
C ALA B 479 6.98 -25.00 23.43
N ASN B 480 7.06 -24.81 22.11
CA ASN B 480 5.95 -24.24 21.36
C ASN B 480 5.42 -25.19 20.29
N GLU B 481 4.12 -25.49 20.39
CA GLU B 481 3.42 -26.33 19.43
C GLU B 481 4.08 -27.67 19.06
N PRO B 482 4.44 -28.50 20.06
CA PRO B 482 4.90 -29.84 19.71
C PRO B 482 3.72 -30.77 19.42
N GLY B 483 3.96 -31.90 18.77
CA GLY B 483 2.93 -32.89 18.58
C GLY B 483 2.58 -33.57 19.90
N LEU B 484 1.31 -33.50 20.31
CA LEU B 484 0.89 -34.03 21.60
C LEU B 484 -0.30 -35.00 21.52
N ASP B 485 -1.04 -34.93 20.41
CA ASP B 485 -2.30 -35.64 20.30
C ASP B 485 -2.21 -36.77 19.29
N GLY B 486 -3.35 -37.40 19.01
CA GLY B 486 -3.41 -38.50 18.06
C GLY B 486 -3.88 -39.75 18.77
N ASP B 487 -3.63 -40.90 18.16
CA ASP B 487 -4.03 -42.17 18.76
C ASP B 487 -2.86 -43.12 18.97
N GLY B 488 -3.15 -44.34 19.40
CA GLY B 488 -2.12 -45.29 19.75
C GLY B 488 -1.27 -44.81 20.92
N GLU B 489 0.05 -44.93 20.79
CA GLU B 489 0.95 -44.56 21.88
C GLU B 489 1.48 -43.14 21.77
N ARG B 490 1.11 -42.42 20.72
CA ARG B 490 1.66 -41.08 20.49
C ARG B 490 1.43 -40.07 21.62
N PRO B 491 0.19 -39.94 22.13
CA PRO B 491 0.02 -39.02 23.27
C PRO B 491 0.86 -39.41 24.47
N ARG B 492 0.97 -40.70 24.73
CA ARG B 492 1.74 -41.18 25.86
C ARG B 492 3.23 -40.96 25.65
N GLN B 493 3.70 -41.14 24.42
CA GLN B 493 5.10 -40.90 24.11
C GLN B 493 5.45 -39.42 24.29
N ALA B 494 4.55 -38.55 23.84
CA ALA B 494 4.73 -37.12 24.02
C ALA B 494 4.79 -36.77 25.51
N TYR B 495 3.84 -37.31 26.27
CA TYR B 495 3.81 -37.09 27.72
C TYR B 495 5.12 -37.54 28.39
N ASP B 496 5.57 -38.74 28.06
CA ASP B 496 6.78 -39.28 28.66
C ASP B 496 8.01 -38.47 28.26
N TYR B 497 7.97 -37.84 27.09
CA TYR B 497 9.06 -36.95 26.72
C TYR B 497 9.03 -35.65 27.52
N PHE B 498 7.85 -35.05 27.68
CA PHE B 498 7.78 -33.70 28.26
C PHE B 498 7.72 -33.62 29.80
N ARG B 499 7.17 -34.62 30.47
CA ARG B 499 7.12 -34.56 31.94
C ARG B 499 8.47 -34.35 32.62
N PRO B 500 9.52 -35.12 32.23
CA PRO B 500 10.78 -34.84 32.92
C PRO B 500 11.33 -33.46 32.62
N LEU B 501 10.91 -32.86 31.50
CA LEU B 501 11.32 -31.50 31.17
C LEU B 501 10.53 -30.49 32.00
N TYR B 502 9.25 -30.78 32.21
CA TYR B 502 8.45 -30.03 33.17
C TYR B 502 9.10 -30.06 34.56
N GLU B 503 9.49 -31.25 34.99
CA GLU B 503 10.11 -31.40 36.30
C GLU B 503 11.48 -30.73 36.37
N LEU B 504 12.24 -30.80 35.29
CA LEU B 504 13.56 -30.16 35.21
C LEU B 504 13.45 -28.65 35.34
N ALA B 505 12.43 -28.07 34.70
CA ALA B 505 12.20 -26.63 34.76
C ALA B 505 11.87 -26.19 36.19
N HIS B 506 11.10 -27.01 36.90
CA HIS B 506 10.79 -26.75 38.31
C HIS B 506 12.01 -26.92 39.22
N ALA B 507 12.84 -27.92 38.92
CA ALA B 507 14.02 -28.20 39.73
C ALA B 507 15.15 -27.18 39.53
N SER B 508 15.22 -26.60 38.34
CA SER B 508 16.32 -25.68 38.01
C SER B 508 16.08 -24.28 38.53
N ASP B 509 14.81 -23.91 38.67
CA ASP B 509 14.43 -22.56 39.08
C ASP B 509 14.28 -22.46 40.59
N PRO B 510 15.18 -21.71 41.23
CA PRO B 510 15.15 -21.50 42.70
C PRO B 510 13.89 -20.80 43.17
N GLN B 511 13.22 -20.07 42.28
CA GLN B 511 11.95 -19.41 42.60
C GLN B 511 10.76 -20.34 42.39
N ASN B 512 11.01 -21.46 41.70
CA ASN B 512 9.98 -22.45 41.41
C ASN B 512 8.72 -21.85 40.77
N ARG B 513 8.92 -21.04 39.73
CA ARG B 513 7.80 -20.47 38.97
C ARG B 513 6.99 -21.56 38.26
N PRO B 514 5.74 -21.24 37.91
CA PRO B 514 4.93 -22.16 37.11
C PRO B 514 5.61 -22.53 35.79
N VAL B 515 5.28 -23.70 35.27
CA VAL B 515 5.87 -24.21 34.04
C VAL B 515 4.75 -24.58 33.08
N THR B 516 4.85 -24.13 31.84
CA THR B 516 3.84 -24.44 30.85
C THR B 516 4.45 -24.97 29.57
N LEU B 517 3.56 -25.34 28.65
CA LEU B 517 3.94 -25.77 27.32
C LEU B 517 2.91 -25.15 26.40
N VAL B 518 3.36 -24.39 25.41
CA VAL B 518 2.42 -23.72 24.52
C VAL B 518 1.91 -24.70 23.46
N CYS B 519 0.60 -24.91 23.46
CA CYS B 519 -0.02 -25.99 22.69
C CYS B 519 -0.63 -25.52 21.38
N CYS B 520 -0.28 -26.20 20.29
CA CYS B 520 -0.90 -25.89 18.99
C CYS B 520 -2.37 -26.29 18.98
N GLN B 521 -3.12 -25.70 18.07
CA GLN B 521 -4.48 -26.13 17.82
C GLN B 521 -4.48 -27.61 17.45
N ASN B 522 -5.06 -28.44 18.31
CA ASN B 522 -5.04 -29.88 18.10
C ASN B 522 -6.31 -30.53 18.61
N ASP B 523 -6.35 -31.86 18.57
CA ASP B 523 -7.44 -32.59 19.22
C ASP B 523 -7.15 -32.64 20.71
N TYR B 524 -7.76 -31.70 21.44
CA TYR B 524 -7.56 -31.58 22.87
C TYR B 524 -8.05 -32.79 23.67
N THR B 525 -8.89 -33.63 23.05
CA THR B 525 -9.40 -34.82 23.72
C THR B 525 -8.41 -35.99 23.77
N THR B 526 -7.46 -36.02 22.82
CA THR B 526 -6.47 -37.09 22.81
C THR B 526 -5.12 -36.59 23.33
N ASP B 527 -4.95 -35.27 23.35
CA ASP B 527 -3.81 -34.65 24.01
C ASP B 527 -3.92 -34.92 25.52
N ILE B 528 -2.90 -35.57 26.09
CA ILE B 528 -2.91 -35.83 27.53
C ILE B 528 -1.78 -35.09 28.25
N THR B 529 -1.05 -34.26 27.51
CA THR B 529 0.10 -33.56 28.08
C THR B 529 -0.22 -32.14 28.53
N GLU B 530 -0.87 -31.38 27.66
CA GLU B 530 -1.15 -29.96 27.93
C GLU B 530 -1.90 -29.75 29.24
N ARG B 531 -2.88 -30.60 29.51
CA ARG B 531 -3.69 -30.47 30.72
C ARG B 531 -2.91 -30.65 32.02
N THR B 532 -1.67 -31.15 31.94
CA THR B 532 -0.87 -31.39 33.13
C THR B 532 0.09 -30.25 33.47
N MET B 533 0.04 -29.19 32.67
CA MET B 533 0.88 -28.02 32.94
C MET B 533 0.30 -27.16 34.06
N ASP B 534 1.11 -26.28 34.62
CA ASP B 534 0.68 -25.45 35.74
C ASP B 534 -0.32 -24.41 35.26
N VAL B 535 -0.04 -23.85 34.09
CA VAL B 535 -1.00 -23.02 33.37
C VAL B 535 -1.20 -23.60 31.98
N VAL B 536 -2.45 -23.72 31.55
CA VAL B 536 -2.75 -24.18 30.20
C VAL B 536 -2.61 -23.02 29.23
N CYS B 537 -1.63 -23.10 28.32
CA CYS B 537 -1.40 -22.04 27.36
C CYS B 537 -1.75 -22.56 25.98
N ILE B 538 -2.79 -21.99 25.37
CA ILE B 538 -3.24 -22.54 24.09
C ILE B 538 -3.13 -21.57 22.93
N ASN B 539 -2.75 -22.10 21.78
CA ASN B 539 -2.79 -21.37 20.51
C ASN B 539 -4.02 -21.81 19.71
N ARG B 540 -4.93 -20.87 19.43
CA ARG B 540 -6.17 -21.23 18.75
C ARG B 540 -6.48 -20.25 17.62
N TYR B 541 -6.81 -20.78 16.46
CA TYR B 541 -7.09 -19.96 15.29
C TYR B 541 -8.45 -20.28 14.67
N TYR B 542 -9.44 -20.47 15.54
CA TYR B 542 -10.82 -20.59 15.09
C TYR B 542 -11.21 -19.35 14.28
N GLY B 543 -11.76 -19.56 13.09
CA GLY B 543 -12.14 -18.45 12.25
C GLY B 543 -11.07 -18.00 11.26
N TRP B 544 -9.85 -18.49 11.44
CA TRP B 544 -8.78 -18.20 10.47
C TRP B 544 -8.35 -19.46 9.71
N TYR B 545 -7.69 -20.39 10.40
CA TYR B 545 -7.24 -21.62 9.77
C TYR B 545 -8.35 -22.65 9.65
N ASN B 546 -9.45 -22.40 10.35
CA ASN B 546 -10.65 -23.23 10.22
C ASN B 546 -11.87 -22.34 10.30
N LEU B 547 -13.00 -22.83 9.79
CA LEU B 547 -14.25 -22.06 9.79
C LEU B 547 -13.99 -20.64 9.29
N SER B 548 -13.23 -20.56 8.20
CA SER B 548 -12.58 -19.31 7.78
C SER B 548 -13.54 -18.17 7.47
N GLY B 549 -13.34 -17.04 8.15
CA GLY B 549 -14.14 -15.85 7.92
C GLY B 549 -15.52 -15.87 8.57
N ASP B 550 -15.87 -17.01 9.17
CA ASP B 550 -17.16 -17.18 9.84
C ASP B 550 -16.98 -17.05 11.36
N LEU B 551 -17.20 -15.84 11.88
CA LEU B 551 -16.92 -15.56 13.28
C LEU B 551 -17.95 -16.17 14.23
N ASP B 552 -19.19 -16.30 13.77
CA ASP B 552 -20.22 -16.98 14.57
C ASP B 552 -19.82 -18.42 14.85
N ALA B 553 -19.45 -19.13 13.79
CA ALA B 553 -19.04 -20.53 13.89
C ALA B 553 -17.75 -20.66 14.68
N ALA B 554 -16.84 -19.72 14.48
CA ALA B 554 -15.57 -19.69 15.20
C ALA B 554 -15.80 -19.57 16.71
N CYS B 555 -16.73 -18.69 17.08
CA CYS B 555 -17.03 -18.48 18.49
C CYS B 555 -17.74 -19.68 19.09
N HIS B 556 -18.59 -20.32 18.30
CA HIS B 556 -19.28 -21.53 18.74
C HIS B 556 -18.27 -22.65 19.04
N ALA B 557 -17.34 -22.86 18.11
CA ALA B 557 -16.31 -23.88 18.26
C ALA B 557 -15.43 -23.58 19.47
N LEU B 558 -15.01 -22.32 19.57
CA LEU B 558 -14.23 -21.88 20.71
C LEU B 558 -14.94 -22.21 22.02
N ASN B 559 -16.23 -21.91 22.10
CA ASN B 559 -16.98 -22.15 23.32
C ASN B 559 -17.09 -23.64 23.64
N ILE B 560 -17.18 -24.48 22.62
CA ILE B 560 -17.14 -25.92 22.86
C ILE B 560 -15.81 -26.35 23.52
N GLU B 561 -14.68 -25.90 22.96
CA GLU B 561 -13.40 -26.28 23.58
C GLU B 561 -13.26 -25.64 24.97
N LEU B 562 -13.81 -24.44 25.13
CA LEU B 562 -13.81 -23.77 26.43
C LEU B 562 -14.59 -24.58 27.45
N ASP B 563 -15.68 -25.23 27.04
CA ASP B 563 -16.41 -26.09 27.95
C ASP B 563 -15.51 -27.24 28.39
N PHE B 564 -14.75 -27.76 27.43
CA PHE B 564 -13.74 -28.78 27.79
C PHE B 564 -12.75 -28.27 28.85
N TRP B 565 -12.14 -27.12 28.61
CA TRP B 565 -11.14 -26.63 29.57
C TRP B 565 -11.76 -26.22 30.91
N GLU B 566 -13.02 -25.82 30.88
CA GLU B 566 -13.76 -25.50 32.08
C GLU B 566 -13.84 -26.75 32.94
N ASN B 567 -14.00 -27.88 32.26
CA ASN B 567 -14.10 -29.14 32.96
C ASN B 567 -12.71 -29.61 33.42
N ILE B 568 -11.67 -29.23 32.69
CA ILE B 568 -10.30 -29.58 33.12
C ILE B 568 -9.92 -28.96 34.47
N GLY B 569 -10.37 -27.74 34.73
CA GLY B 569 -10.15 -27.09 36.01
C GLY B 569 -8.78 -26.46 36.25
N LYS B 570 -8.03 -26.24 35.16
CA LYS B 570 -6.75 -25.53 35.25
C LYS B 570 -6.93 -24.08 34.82
N PRO B 571 -6.05 -23.19 35.30
CA PRO B 571 -6.08 -21.84 34.73
C PRO B 571 -5.65 -21.88 33.27
N VAL B 572 -6.35 -21.15 32.41
CA VAL B 572 -6.14 -21.21 30.96
C VAL B 572 -5.93 -19.83 30.36
N MET B 573 -4.99 -19.69 29.42
CA MET B 573 -4.81 -18.44 28.70
C MET B 573 -4.50 -18.67 27.22
N PHE B 574 -4.86 -17.67 26.41
CA PHE B 574 -4.38 -17.62 25.02
C PHE B 574 -2.91 -17.26 25.01
N THR B 575 -2.13 -17.96 24.21
CA THR B 575 -0.77 -17.51 23.93
C THR B 575 -0.65 -17.14 22.46
N GLU B 576 -1.61 -17.60 21.66
CA GLU B 576 -1.73 -17.17 20.26
C GLU B 576 -3.17 -17.20 19.77
N TYR B 577 -3.55 -16.16 19.03
CA TYR B 577 -4.76 -16.14 18.21
C TYR B 577 -4.70 -14.86 17.39
N GLY B 578 -5.17 -14.92 16.15
CA GLY B 578 -5.10 -13.75 15.29
C GLY B 578 -5.34 -14.04 13.82
N ALA B 579 -5.02 -13.07 12.98
CA ALA B 579 -5.38 -13.12 11.58
C ALA B 579 -4.43 -12.27 10.76
N ASP B 580 -3.93 -12.81 9.67
CA ASP B 580 -3.04 -12.04 8.80
C ASP B 580 -3.80 -10.82 8.28
N THR B 581 -3.12 -9.68 8.32
CA THR B 581 -3.78 -8.40 8.10
C THR B 581 -2.84 -7.45 7.37
N ILE B 582 -3.23 -7.07 6.16
CA ILE B 582 -2.46 -6.13 5.36
C ILE B 582 -2.96 -4.71 5.63
N GLU B 583 -2.12 -3.88 6.23
CA GLU B 583 -2.51 -2.49 6.51
C GLU B 583 -2.91 -1.78 5.22
N GLY B 584 -4.03 -1.09 5.26
CA GLY B 584 -4.54 -0.39 4.10
C GLY B 584 -5.63 -1.13 3.34
N ILE B 585 -5.75 -2.43 3.59
CA ILE B 585 -6.87 -3.19 3.03
C ILE B 585 -8.09 -3.00 3.92
N HIS B 586 -9.16 -2.47 3.35
CA HIS B 586 -10.35 -2.09 4.12
C HIS B 586 -11.63 -2.61 3.50
N GLY B 587 -12.65 -2.83 4.33
CA GLY B 587 -13.97 -3.20 3.86
C GLY B 587 -15.04 -2.79 4.86
N THR B 588 -16.22 -2.45 4.36
CA THR B 588 -17.35 -2.14 5.24
C THR B 588 -17.79 -3.40 5.98
N HIS B 589 -17.65 -4.54 5.32
CA HIS B 589 -17.80 -5.82 5.97
C HIS B 589 -16.49 -6.59 5.84
N GLY B 590 -15.65 -6.45 6.86
CA GLY B 590 -14.27 -6.90 6.82
C GLY B 590 -14.09 -8.37 6.50
N GLU B 591 -13.35 -8.65 5.43
CA GLU B 591 -13.01 -10.02 5.07
C GLU B 591 -11.56 -10.29 5.41
N MET B 592 -11.18 -11.57 5.42
CA MET B 592 -9.82 -11.99 5.78
C MET B 592 -8.75 -11.20 5.03
N PHE B 593 -7.80 -10.67 5.80
CA PHE B 593 -6.68 -9.78 5.39
C PHE B 593 -7.02 -8.29 5.52
N SER B 594 -8.28 -7.95 5.71
CA SER B 594 -8.64 -6.54 5.95
C SER B 594 -8.38 -6.16 7.41
N GLU B 595 -8.16 -4.87 7.65
CA GLU B 595 -7.97 -4.37 9.01
C GLU B 595 -9.21 -4.59 9.87
N GLU B 596 -10.36 -4.36 9.23
CA GLU B 596 -11.65 -4.53 9.90
C GLU B 596 -11.81 -5.96 10.39
N PHE B 597 -11.43 -6.94 9.58
CA PHE B 597 -11.58 -8.34 10.00
C PHE B 597 -10.74 -8.67 11.22
N GLN B 598 -9.51 -8.20 11.27
CA GLN B 598 -8.65 -8.41 12.44
C GLN B 598 -9.30 -7.82 13.70
N ARG B 599 -9.79 -6.59 13.54
CA ARG B 599 -10.51 -5.92 14.63
C ARG B 599 -11.71 -6.76 15.11
N ASP B 600 -12.57 -7.16 14.16
CA ASP B 600 -13.78 -7.93 14.47
C ASP B 600 -13.42 -9.25 15.13
N TYR B 601 -12.34 -9.84 14.65
CA TYR B 601 -11.86 -11.13 15.16
C TYR B 601 -11.59 -11.02 16.64
N TYR B 602 -10.75 -10.04 17.01
CA TYR B 602 -10.44 -9.90 18.43
C TYR B 602 -11.67 -9.50 19.25
N ALA B 603 -12.54 -8.68 18.69
CA ALA B 603 -13.74 -8.29 19.42
C ALA B 603 -14.63 -9.49 19.78
N ARG B 604 -14.89 -10.34 18.80
CA ARG B 604 -15.75 -11.50 19.02
C ARG B 604 -15.13 -12.52 19.99
N ILE B 605 -13.87 -12.87 19.71
CA ILE B 605 -13.21 -13.88 20.52
C ILE B 605 -13.08 -13.43 21.98
N ASN B 606 -12.63 -12.19 22.16
CA ASN B 606 -12.43 -11.68 23.50
C ASN B 606 -13.76 -11.55 24.25
N ALA B 607 -14.82 -11.27 23.50
CA ALA B 607 -16.15 -11.27 24.10
C ALA B 607 -16.48 -12.67 24.62
N GLU B 608 -16.05 -13.70 23.92
CA GLU B 608 -16.30 -15.05 24.44
C GLU B 608 -15.46 -15.41 25.67
N ILE B 609 -14.16 -15.10 25.67
CA ILE B 609 -13.35 -15.48 26.84
C ILE B 609 -13.66 -14.65 28.08
N ASP B 610 -14.22 -13.45 27.91
CA ASP B 610 -14.60 -12.65 29.08
C ASP B 610 -15.64 -13.35 29.97
N LYS B 611 -16.36 -14.32 29.41
CA LYS B 611 -17.37 -15.04 30.16
C LYS B 611 -16.81 -16.16 31.02
N ARG B 612 -15.51 -16.42 30.90
CA ARG B 612 -14.91 -17.56 31.62
C ARG B 612 -13.96 -17.07 32.72
N PRO B 613 -14.38 -17.23 33.98
CA PRO B 613 -13.63 -16.75 35.15
C PRO B 613 -12.28 -17.44 35.29
N TRP B 614 -12.17 -18.64 34.75
CA TRP B 614 -10.95 -19.44 34.83
C TRP B 614 -9.96 -19.10 33.70
N PHE B 615 -10.38 -18.23 32.78
CA PHE B 615 -9.52 -17.79 31.68
C PHE B 615 -8.76 -16.54 32.11
N ILE B 616 -7.47 -16.72 32.38
CA ILE B 616 -6.67 -15.73 33.10
C ILE B 616 -5.72 -14.87 32.26
N GLY B 617 -5.80 -14.97 30.93
CA GLY B 617 -4.94 -14.14 30.12
C GLY B 617 -5.19 -14.21 28.63
N GLU B 618 -4.84 -13.13 27.94
CA GLU B 618 -4.99 -13.08 26.49
C GLU B 618 -3.69 -12.56 25.87
N GLN B 619 -2.89 -13.48 25.36
CA GLN B 619 -1.75 -13.09 24.57
C GLN B 619 -2.01 -13.49 23.14
N LEU B 620 -2.09 -12.49 22.27
CA LEU B 620 -2.41 -12.73 20.87
C LEU B 620 -1.15 -12.99 20.04
N TRP B 621 -1.37 -13.32 18.78
CA TRP B 621 -0.31 -13.43 17.79
C TRP B 621 -0.63 -12.49 16.64
N ASN B 622 0.22 -11.52 16.33
CA ASN B 622 1.50 -11.26 17.00
C ASN B 622 1.61 -9.77 17.35
N PHE B 623 2.58 -9.41 18.16
CA PHE B 623 2.91 -8.01 18.42
C PHE B 623 3.12 -7.23 17.14
N ALA B 624 3.95 -7.78 16.25
CA ALA B 624 4.30 -7.08 15.01
C ALA B 624 4.57 -8.07 13.88
N ASP B 625 4.22 -7.66 12.66
CA ASP B 625 4.56 -8.44 11.47
C ASP B 625 6.05 -8.79 11.48
N PHE B 626 6.37 -10.01 11.04
CA PHE B 626 7.76 -10.45 11.10
C PHE B 626 8.11 -11.31 9.90
N ALA B 627 9.41 -11.49 9.65
CA ALA B 627 9.88 -12.21 8.48
C ALA B 627 9.74 -13.72 8.65
N THR B 628 9.31 -14.38 7.58
CA THR B 628 9.23 -15.83 7.54
C THR B 628 9.90 -16.35 6.27
N PHE B 629 10.06 -17.67 6.21
CA PHE B 629 10.35 -18.36 4.97
C PHE B 629 9.23 -18.03 3.98
N GLN B 630 9.56 -17.88 2.70
CA GLN B 630 8.56 -17.48 1.71
C GLN B 630 7.59 -18.62 1.42
N GLY B 631 6.35 -18.28 1.10
CA GLY B 631 5.33 -19.26 0.81
C GLY B 631 4.02 -18.62 0.40
N ILE B 632 3.07 -19.43 -0.06
CA ILE B 632 1.83 -18.90 -0.61
C ILE B 632 0.88 -18.32 0.43
N ILE B 633 1.15 -18.56 1.71
CA ILE B 633 0.33 -17.99 2.77
C ILE B 633 1.06 -16.87 3.52
N ARG B 634 2.26 -16.53 3.08
CA ARG B 634 3.07 -15.51 3.75
C ARG B 634 3.29 -14.29 2.87
N VAL B 635 2.48 -13.26 3.11
CA VAL B 635 2.55 -12.02 2.33
C VAL B 635 3.64 -11.10 2.85
N GLU B 636 4.84 -11.25 2.31
CA GLU B 636 6.05 -10.65 2.85
C GLU B 636 6.16 -11.00 4.34
N GLY B 637 6.12 -12.30 4.62
CA GLY B 637 6.21 -12.79 5.98
C GLY B 637 4.87 -12.99 6.66
N ASN B 638 4.90 -13.07 7.98
CA ASN B 638 3.70 -13.23 8.78
C ASN B 638 3.08 -11.86 9.07
N ARG B 639 1.80 -11.72 8.73
CA ARG B 639 1.14 -10.43 8.85
C ARG B 639 0.05 -10.40 9.91
N LYS B 640 0.18 -11.27 10.92
CA LYS B 640 -0.74 -11.30 12.05
C LYS B 640 -0.39 -10.28 13.13
N GLY B 641 0.62 -9.46 12.86
CA GLY B 641 0.96 -8.38 13.77
C GLY B 641 -0.21 -7.42 13.91
N ILE B 642 -0.43 -6.94 15.13
CA ILE B 642 -1.40 -5.87 15.33
C ILE B 642 -0.69 -4.56 15.00
N LEU B 643 0.63 -4.62 15.00
CA LEU B 643 1.47 -3.56 14.44
C LEU B 643 2.15 -4.06 13.18
N THR B 644 2.42 -3.14 12.26
CA THR B 644 3.27 -3.44 11.11
C THR B 644 4.68 -3.76 11.58
N ARG B 645 5.52 -4.22 10.66
CA ARG B 645 6.92 -4.51 10.98
C ARG B 645 7.68 -3.25 11.39
N ASP B 646 7.19 -2.10 10.96
CA ASP B 646 7.76 -0.82 11.34
C ASP B 646 7.07 -0.25 12.60
N ARG B 647 6.33 -1.12 13.28
CA ARG B 647 5.68 -0.80 14.57
C ARG B 647 4.59 0.26 14.46
N GLN B 648 3.88 0.29 13.33
CA GLN B 648 2.76 1.21 13.17
C GLN B 648 1.46 0.47 13.40
N PRO B 649 0.50 1.12 14.07
CA PRO B 649 -0.73 0.47 14.55
C PRO B 649 -1.80 0.25 13.49
N LYS B 650 -2.23 -1.00 13.32
CA LYS B 650 -3.40 -1.33 12.52
C LYS B 650 -4.65 -1.04 13.35
N MET B 651 -5.81 -1.00 12.71
CA MET B 651 -7.07 -0.74 13.39
C MET B 651 -7.24 -1.59 14.67
N ALA B 652 -6.89 -2.86 14.55
CA ALA B 652 -7.00 -3.80 15.68
C ALA B 652 -6.16 -3.35 16.88
N ALA B 653 -4.99 -2.77 16.63
CA ALA B 653 -4.15 -2.24 17.70
C ALA B 653 -4.88 -1.14 18.48
N HIS B 654 -5.58 -0.27 17.78
CA HIS B 654 -6.35 0.79 18.43
C HIS B 654 -7.49 0.19 19.26
N TRP B 655 -8.19 -0.77 18.67
CA TRP B 655 -9.30 -1.40 19.39
C TRP B 655 -8.82 -2.11 20.66
N LEU B 656 -7.71 -2.83 20.54
CA LEU B 656 -7.11 -3.55 21.66
C LEU B 656 -6.60 -2.61 22.72
N ARG B 657 -6.04 -1.47 22.29
CA ARG B 657 -5.59 -0.44 23.21
C ARG B 657 -6.75 0.05 24.07
N GLU B 658 -7.88 0.35 23.41
CA GLU B 658 -9.06 0.78 24.15
C GLU B 658 -9.58 -0.30 25.10
N ARG B 659 -9.64 -1.55 24.64
CA ARG B 659 -10.08 -2.64 25.51
C ARG B 659 -9.17 -2.79 26.72
N TRP B 660 -7.87 -2.81 26.49
CA TRP B 660 -6.88 -3.08 27.54
C TRP B 660 -6.77 -1.93 28.53
N ALA B 661 -7.11 -0.72 28.08
CA ALA B 661 -7.14 0.43 28.97
C ALA B 661 -8.16 0.22 30.10
N GLY B 662 -9.21 -0.54 29.83
CA GLY B 662 -10.24 -0.80 30.81
C GLY B 662 -10.12 -2.10 31.58
N ILE B 663 -8.99 -2.79 31.41
CA ILE B 663 -8.75 -4.04 32.12
C ILE B 663 -7.57 -3.91 33.07
N PRO B 664 -7.81 -4.08 34.38
CA PRO B 664 -6.78 -3.94 35.40
C PRO B 664 -5.84 -5.13 35.45
N ASP B 665 -4.59 -4.90 35.84
CA ASP B 665 -3.63 -5.99 35.99
C ASP B 665 -4.10 -6.98 37.06
N TYR B 666 -4.70 -6.46 38.12
CA TYR B 666 -5.21 -7.29 39.20
C TYR B 666 -6.74 -7.20 39.36
N GLY B 667 -7.38 -8.34 39.60
CA GLY B 667 -8.78 -8.36 39.98
C GLY B 667 -9.80 -8.34 38.86
N TYR B 668 -9.35 -8.47 37.62
CA TYR B 668 -10.25 -8.51 36.48
C TYR B 668 -11.23 -9.68 36.59
N LYS B 669 -10.74 -10.83 37.04
CA LYS B 669 -11.58 -12.00 37.22
C LYS B 669 -11.45 -12.62 38.61
N ASN C 1 -32.98 -22.38 -31.36
CA ASN C 1 -31.53 -22.49 -31.23
C ASN C 1 -30.81 -21.16 -31.44
N GLY C 2 -31.30 -20.38 -32.41
CA GLY C 2 -30.68 -19.09 -32.70
C GLY C 2 -30.95 -18.07 -31.61
N MET C 3 -29.90 -17.35 -31.25
CA MET C 3 -30.00 -16.28 -30.26
C MET C 3 -29.30 -15.04 -30.77
N LEU C 4 -29.75 -14.54 -31.92
CA LEU C 4 -29.20 -13.32 -32.50
C LEU C 4 -29.41 -12.15 -31.55
N TYR C 5 -28.38 -11.32 -31.35
CA TYR C 5 -28.56 -10.19 -30.45
C TYR C 5 -29.62 -9.25 -31.03
N PRO C 6 -30.55 -8.81 -30.17
CA PRO C 6 -31.65 -7.93 -30.56
C PRO C 6 -31.17 -6.70 -31.33
N GLN C 7 -31.87 -6.39 -32.42
CA GLN C 7 -31.45 -5.37 -33.36
C GLN C 7 -32.61 -4.44 -33.70
N SER C 8 -32.31 -3.15 -33.86
CA SER C 8 -33.30 -2.19 -34.32
C SER C 8 -33.07 -1.81 -35.77
N ASN C 9 -34.14 -1.90 -36.56
CA ASN C 9 -34.14 -1.48 -37.96
C ASN C 9 -35.56 -1.13 -38.39
N ASP C 10 -35.86 -1.19 -39.68
CA ASP C 10 -37.18 -0.75 -40.13
C ASP C 10 -38.29 -1.73 -39.77
N SER C 11 -37.93 -2.99 -39.54
CA SER C 11 -38.91 -4.00 -39.17
C SER C 11 -38.77 -4.46 -37.72
N ARG C 12 -37.78 -3.95 -37.01
CA ARG C 12 -37.51 -4.38 -35.64
C ARG C 12 -37.16 -3.22 -34.72
N ILE C 13 -37.66 -3.26 -33.49
CA ILE C 13 -37.28 -2.27 -32.49
C ILE C 13 -36.82 -2.95 -31.20
N VAL C 14 -35.84 -2.35 -30.54
CA VAL C 14 -35.37 -2.84 -29.25
C VAL C 14 -35.68 -1.80 -28.17
N PHE C 15 -36.30 -2.28 -27.09
CA PHE C 15 -36.62 -1.48 -25.93
C PHE C 15 -35.90 -2.03 -24.70
N PRO C 16 -34.77 -1.40 -24.36
CA PRO C 16 -33.95 -1.80 -23.21
C PRO C 16 -34.68 -1.64 -21.88
N LEU C 17 -34.45 -2.57 -20.96
CA LEU C 17 -35.09 -2.54 -19.64
C LEU C 17 -34.07 -2.41 -18.54
N ASP C 18 -32.87 -1.95 -18.89
CA ASP C 18 -31.82 -1.66 -17.93
C ASP C 18 -32.20 -0.46 -17.06
N GLY C 19 -31.51 -0.30 -15.94
CA GLY C 19 -31.72 0.84 -15.07
C GLY C 19 -31.77 0.43 -13.62
N VAL C 20 -32.43 1.23 -12.80
CA VAL C 20 -32.56 0.94 -11.38
C VAL C 20 -33.89 0.24 -11.10
N TRP C 21 -33.80 -1.06 -10.80
CA TRP C 21 -34.96 -1.88 -10.48
C TRP C 21 -35.22 -1.89 -8.98
N ASP C 22 -36.37 -2.45 -8.61
CA ASP C 22 -36.67 -2.79 -7.23
C ASP C 22 -36.11 -4.18 -6.94
N PHE C 23 -35.82 -4.45 -5.66
CA PHE C 23 -35.06 -5.63 -5.28
C PHE C 23 -35.36 -6.04 -3.84
N ARG C 24 -35.50 -7.34 -3.62
CA ARG C 24 -35.59 -7.87 -2.26
C ARG C 24 -34.82 -9.18 -2.16
N THR C 25 -34.15 -9.41 -1.04
CA THR C 25 -33.60 -10.74 -0.78
C THR C 25 -34.72 -11.68 -0.38
N ALA C 26 -34.55 -12.97 -0.62
CA ALA C 26 -35.53 -13.96 -0.23
C ALA C 26 -34.89 -15.11 0.54
N GLY C 27 -35.52 -16.28 0.49
CA GLY C 27 -35.10 -17.42 1.30
C GLY C 27 -33.99 -18.27 0.72
N GLU C 28 -33.46 -19.18 1.54
CA GLU C 28 -32.42 -20.10 1.12
C GLU C 28 -32.88 -21.06 0.02
N ASP C 29 -34.16 -21.44 0.04
CA ASP C 29 -34.69 -22.31 -1.02
C ASP C 29 -36.10 -21.94 -1.44
N SER C 30 -36.54 -20.72 -1.14
CA SER C 30 -37.84 -20.25 -1.59
C SER C 30 -37.93 -18.73 -1.65
N TYR C 31 -38.96 -18.25 -2.31
CA TYR C 31 -39.30 -16.84 -2.35
C TYR C 31 -40.82 -16.71 -2.45
N PRO C 32 -41.38 -15.61 -1.94
CA PRO C 32 -42.84 -15.45 -2.03
C PRO C 32 -43.29 -15.27 -3.49
N ALA C 33 -44.06 -16.22 -4.01
CA ALA C 33 -44.51 -16.15 -5.40
C ALA C 33 -45.47 -14.97 -5.60
N GLU C 34 -46.14 -14.57 -4.53
CA GLU C 34 -47.14 -13.52 -4.63
C GLU C 34 -46.49 -12.16 -4.86
N TRP C 35 -45.16 -12.12 -4.72
CA TRP C 35 -44.40 -10.92 -5.04
C TRP C 35 -44.48 -10.61 -6.53
N ALA C 36 -44.86 -11.61 -7.33
CA ALA C 36 -45.01 -11.37 -8.75
C ALA C 36 -46.35 -10.71 -9.07
N ASP C 37 -47.25 -10.64 -8.09
CA ASP C 37 -48.60 -10.16 -8.33
C ASP C 37 -48.80 -8.68 -8.04
N ALA C 38 -47.84 -8.08 -7.34
CA ALA C 38 -47.94 -6.70 -6.91
C ALA C 38 -46.54 -6.15 -6.72
N PRO C 39 -46.40 -4.81 -6.64
CA PRO C 39 -45.08 -4.24 -6.37
C PRO C 39 -44.40 -4.87 -5.15
N LEU C 40 -43.09 -5.11 -5.22
CA LEU C 40 -42.33 -5.64 -4.09
C LEU C 40 -42.53 -4.75 -2.87
N PRO C 41 -42.76 -5.36 -1.70
CA PRO C 41 -42.85 -4.59 -0.46
C PRO C 41 -41.49 -4.07 -0.01
N GLU C 42 -41.44 -2.82 0.45
CA GLU C 42 -40.22 -2.18 0.94
C GLU C 42 -38.97 -2.49 0.10
N PRO C 43 -39.01 -2.14 -1.20
CA PRO C 43 -37.92 -2.56 -2.09
C PRO C 43 -36.63 -1.78 -1.89
N LEU C 44 -35.51 -2.45 -2.16
CA LEU C 44 -34.20 -1.81 -2.26
C LEU C 44 -33.97 -1.43 -3.71
N PRO C 45 -33.15 -0.42 -3.96
CA PRO C 45 -32.77 -0.17 -5.35
C PRO C 45 -31.67 -1.12 -5.79
N MET C 46 -31.69 -1.53 -7.06
CA MET C 46 -30.64 -2.38 -7.59
C MET C 46 -30.48 -2.09 -9.08
N ALA C 47 -29.29 -1.62 -9.46
CA ALA C 47 -29.04 -1.25 -10.84
C ALA C 47 -28.87 -2.49 -11.69
N VAL C 48 -29.44 -2.51 -12.90
CA VAL C 48 -29.16 -3.65 -13.73
C VAL C 48 -28.84 -3.42 -15.21
N PRO C 49 -27.56 -3.59 -15.51
CA PRO C 49 -27.08 -4.97 -15.60
C PRO C 49 -26.07 -4.96 -14.45
N GLY C 50 -25.78 -6.06 -13.79
CA GLY C 50 -24.85 -6.00 -12.67
C GLY C 50 -25.08 -7.06 -11.61
N SER C 51 -24.00 -7.45 -10.92
CA SER C 51 -24.15 -8.30 -9.75
C SER C 51 -24.78 -7.51 -8.60
N TYR C 52 -25.58 -8.17 -7.77
CA TYR C 52 -26.23 -7.48 -6.66
C TYR C 52 -25.33 -7.42 -5.42
N ASN C 53 -24.31 -8.28 -5.38
CA ASN C 53 -23.55 -8.52 -4.15
C ASN C 53 -22.83 -7.30 -3.58
N ASP C 54 -22.30 -6.44 -4.46
CA ASP C 54 -21.57 -5.26 -4.03
C ASP C 54 -22.35 -3.95 -4.22
N GLN C 55 -23.67 -4.04 -4.35
CA GLN C 55 -24.49 -2.84 -4.53
C GLN C 55 -25.24 -2.40 -3.28
N ASN C 56 -24.87 -2.96 -2.12
CA ASN C 56 -25.46 -2.51 -0.85
C ASN C 56 -24.59 -2.83 0.36
N ASP C 57 -23.91 -1.81 0.88
CA ASP C 57 -22.99 -1.98 1.99
C ASP C 57 -23.66 -2.02 3.36
N GLU C 58 -24.97 -1.80 3.40
CA GLU C 58 -25.71 -1.99 4.64
C GLU C 58 -25.89 -3.49 4.89
N LEU C 59 -26.00 -4.23 3.80
CA LEU C 59 -26.16 -5.68 3.86
C LEU C 59 -24.84 -6.36 3.52
N ASN C 60 -24.76 -7.66 3.79
CA ASN C 60 -23.59 -8.45 3.37
C ASN C 60 -24.03 -9.44 2.31
N LEU C 61 -24.35 -8.93 1.13
CA LEU C 61 -24.94 -9.73 0.07
C LEU C 61 -23.97 -10.74 -0.52
N ARG C 62 -22.68 -10.56 -0.28
CA ARG C 62 -21.70 -11.57 -0.66
C ARG C 62 -21.93 -12.88 0.09
N ALA C 63 -22.49 -12.76 1.30
CA ALA C 63 -22.79 -13.93 2.12
C ALA C 63 -24.16 -14.51 1.82
N HIS C 64 -24.93 -13.88 0.94
CA HIS C 64 -26.29 -14.34 0.68
C HIS C 64 -26.33 -15.72 0.06
N TYR C 65 -27.27 -16.54 0.53
CA TYR C 65 -27.47 -17.88 0.01
C TYR C 65 -28.92 -18.09 -0.43
N GLY C 66 -29.11 -18.39 -1.71
CA GLY C 66 -30.43 -18.68 -2.21
C GLY C 66 -31.02 -17.66 -3.16
N TRP C 67 -32.26 -17.25 -2.89
CA TRP C 67 -33.04 -16.46 -3.84
C TRP C 67 -33.02 -14.96 -3.58
N VAL C 68 -33.09 -14.20 -4.65
CA VAL C 68 -33.43 -12.77 -4.59
C VAL C 68 -34.51 -12.54 -5.62
N VAL C 69 -35.22 -11.41 -5.50
CA VAL C 69 -36.27 -11.07 -6.44
C VAL C 69 -36.09 -9.65 -6.96
N TYR C 70 -35.93 -9.54 -8.27
CA TYR C 70 -35.89 -8.27 -8.98
C TYR C 70 -37.30 -7.95 -9.45
N GLN C 71 -37.59 -6.66 -9.62
CA GLN C 71 -38.87 -6.27 -10.19
C GLN C 71 -38.80 -4.87 -10.78
N ARG C 72 -39.49 -4.64 -11.89
CA ARG C 72 -39.65 -3.28 -12.39
C ARG C 72 -40.92 -3.17 -13.21
N SER C 73 -41.36 -1.95 -13.46
CA SER C 73 -42.45 -1.72 -14.40
C SER C 73 -41.94 -1.10 -15.70
N PHE C 74 -42.71 -1.27 -16.77
CA PHE C 74 -42.42 -0.62 -18.03
C PHE C 74 -43.69 -0.46 -18.84
N ALA C 75 -43.70 0.51 -19.75
CA ALA C 75 -44.82 0.72 -20.65
C ALA C 75 -44.29 1.08 -22.03
N VAL C 76 -44.95 0.56 -23.07
CA VAL C 76 -44.61 0.91 -24.44
C VAL C 76 -45.90 1.22 -25.21
N PRO C 77 -45.79 2.06 -26.25
CA PRO C 77 -46.96 2.43 -27.07
C PRO C 77 -47.65 1.23 -27.72
N SER C 78 -48.98 1.22 -27.69
CA SER C 78 -49.78 0.15 -28.29
C SER C 78 -49.49 -0.02 -29.78
N ARG C 79 -49.14 1.06 -30.45
CA ARG C 79 -48.85 1.02 -31.88
C ARG C 79 -47.55 0.31 -32.26
N LEU C 80 -46.63 0.20 -31.31
CA LEU C 80 -45.39 -0.53 -31.56
C LEU C 80 -45.57 -2.05 -31.43
N VAL C 81 -46.42 -2.50 -30.51
CA VAL C 81 -46.62 -3.92 -30.28
C VAL C 81 -47.60 -4.50 -31.28
N ALA C 82 -48.39 -3.62 -31.89
CA ALA C 82 -49.45 -4.03 -32.81
C ALA C 82 -48.92 -4.88 -33.97
N GLY C 83 -49.37 -6.12 -34.03
CA GLY C 83 -49.02 -7.01 -35.13
C GLY C 83 -47.62 -7.61 -35.02
N GLN C 84 -46.91 -7.31 -33.95
CA GLN C 84 -45.54 -7.77 -33.81
C GLN C 84 -45.42 -8.95 -32.87
N ARG C 85 -44.37 -9.73 -33.08
CA ARG C 85 -43.93 -10.76 -32.17
C ARG C 85 -43.04 -10.13 -31.10
N MET C 86 -43.48 -10.24 -29.84
CA MET C 86 -42.81 -9.58 -28.73
C MET C 86 -41.98 -10.57 -27.91
N ILE C 87 -40.68 -10.31 -27.83
CA ILE C 87 -39.75 -11.21 -27.15
C ILE C 87 -39.05 -10.52 -25.99
N LEU C 88 -39.07 -11.15 -24.82
CA LEU C 88 -38.36 -10.62 -23.67
C LEU C 88 -37.06 -11.39 -23.49
N ARG C 89 -35.94 -10.69 -23.62
CA ARG C 89 -34.63 -11.34 -23.57
C ARG C 89 -33.79 -10.93 -22.38
N PHE C 90 -33.27 -11.94 -21.69
CA PHE C 90 -32.30 -11.79 -20.61
C PHE C 90 -30.93 -12.25 -21.09
N ASP C 91 -29.98 -11.32 -21.19
CA ASP C 91 -28.63 -11.66 -21.64
C ASP C 91 -27.94 -12.62 -20.67
N ALA C 92 -28.20 -12.45 -19.38
CA ALA C 92 -27.70 -13.37 -18.36
C ALA C 92 -28.33 -13.14 -16.99
N ALA C 93 -28.83 -14.23 -16.41
CA ALA C 93 -29.26 -14.24 -15.02
C ALA C 93 -28.51 -15.35 -14.29
N THR C 94 -27.73 -14.97 -13.29
CA THR C 94 -26.79 -15.87 -12.64
C THR C 94 -27.29 -16.27 -11.26
N HIS C 95 -27.56 -17.56 -11.02
CA HIS C 95 -27.37 -18.65 -11.98
C HIS C 95 -28.67 -19.15 -12.61
N ALA C 96 -29.75 -19.09 -11.86
CA ALA C 96 -31.04 -19.59 -12.34
C ALA C 96 -32.12 -18.56 -12.10
N ALA C 97 -33.14 -18.55 -12.95
CA ALA C 97 -34.18 -17.53 -12.84
C ALA C 97 -35.57 -18.07 -13.13
N ASP C 98 -36.55 -17.56 -12.38
CA ASP C 98 -37.96 -17.71 -12.73
C ASP C 98 -38.45 -16.34 -13.17
N VAL C 99 -39.12 -16.28 -14.32
CA VAL C 99 -39.56 -14.97 -14.82
C VAL C 99 -41.09 -14.88 -14.90
N TYR C 100 -41.62 -13.80 -14.34
CA TYR C 100 -43.05 -13.52 -14.32
C TYR C 100 -43.33 -12.18 -15.01
N LEU C 101 -44.38 -12.15 -15.83
CA LEU C 101 -44.86 -10.90 -16.41
C LEU C 101 -46.34 -10.74 -16.11
N ASN C 102 -46.67 -9.67 -15.39
CA ASN C 102 -48.05 -9.40 -14.97
C ASN C 102 -48.66 -10.59 -14.24
N GLY C 103 -47.85 -11.25 -13.43
CA GLY C 103 -48.31 -12.36 -12.62
C GLY C 103 -48.26 -13.72 -13.31
N GLN C 104 -47.99 -13.73 -14.60
CA GLN C 104 -47.92 -15.00 -15.32
C GLN C 104 -46.48 -15.51 -15.34
N LEU C 105 -46.30 -16.75 -14.90
CA LEU C 105 -44.99 -17.37 -14.99
C LEU C 105 -44.64 -17.60 -16.46
N LEU C 106 -43.60 -16.94 -16.92
CA LEU C 106 -43.15 -17.08 -18.30
C LEU C 106 -42.36 -18.37 -18.46
N GLY C 107 -41.62 -18.73 -17.42
CA GLY C 107 -40.78 -19.90 -17.44
C GLY C 107 -39.54 -19.71 -16.60
N SER C 108 -38.60 -20.65 -16.73
CA SER C 108 -37.42 -20.68 -15.90
C SER C 108 -36.18 -20.95 -16.75
N HIS C 109 -35.01 -20.71 -16.18
CA HIS C 109 -33.77 -21.00 -16.89
C HIS C 109 -32.64 -21.31 -15.93
N PHE C 110 -31.84 -22.33 -16.25
CA PHE C 110 -30.58 -22.53 -15.55
C PHE C 110 -29.42 -22.32 -16.51
N GLY C 111 -28.38 -21.68 -15.99
CA GLY C 111 -27.17 -21.38 -16.73
C GLY C 111 -26.96 -19.88 -16.58
N GLY C 112 -25.93 -19.52 -15.83
CA GLY C 112 -25.74 -18.14 -15.43
C GLY C 112 -25.03 -17.21 -16.40
N PHE C 113 -24.61 -17.74 -17.54
CA PHE C 113 -23.70 -16.98 -18.40
C PHE C 113 -24.08 -17.03 -19.88
N LEU C 114 -25.29 -17.49 -20.15
CA LEU C 114 -25.81 -17.56 -21.51
C LEU C 114 -27.23 -17.00 -21.54
N PRO C 115 -27.62 -16.36 -22.66
CA PRO C 115 -28.90 -15.66 -22.76
C PRO C 115 -30.09 -16.58 -22.94
N PHE C 116 -31.26 -16.11 -22.53
CA PHE C 116 -32.51 -16.84 -22.73
C PHE C 116 -33.62 -15.83 -22.96
N GLU C 117 -34.72 -16.27 -23.57
CA GLU C 117 -35.80 -15.35 -23.90
C GLU C 117 -37.18 -16.01 -23.90
N PHE C 118 -38.22 -15.20 -23.80
CA PHE C 118 -39.59 -15.69 -23.76
C PHE C 118 -40.48 -14.92 -24.72
N ASP C 119 -41.40 -15.61 -25.38
CA ASP C 119 -42.40 -14.93 -26.19
C ASP C 119 -43.46 -14.37 -25.24
N VAL C 120 -43.52 -13.05 -25.13
CA VAL C 120 -44.43 -12.40 -24.20
C VAL C 120 -45.57 -11.66 -24.92
N THR C 121 -45.78 -12.01 -26.19
CA THR C 121 -46.80 -11.37 -27.02
C THR C 121 -48.17 -11.34 -26.35
N SER C 122 -48.58 -12.47 -25.79
CA SER C 122 -49.90 -12.58 -25.16
C SER C 122 -49.92 -12.11 -23.71
N ALA C 123 -48.75 -12.11 -23.08
CA ALA C 123 -48.65 -11.74 -21.67
C ALA C 123 -48.62 -10.24 -21.48
N LEU C 124 -48.20 -9.52 -22.52
CA LEU C 124 -48.16 -8.06 -22.47
C LEU C 124 -49.57 -7.49 -22.46
N HIS C 125 -49.73 -6.34 -21.81
CA HIS C 125 -50.95 -5.56 -21.98
C HIS C 125 -50.59 -4.06 -21.99
N ALA C 126 -51.59 -3.23 -22.31
CA ALA C 126 -51.38 -1.79 -22.43
C ALA C 126 -51.06 -1.19 -21.07
N GLY C 127 -50.42 -0.02 -21.07
CA GLY C 127 -50.00 0.63 -19.84
C GLY C 127 -48.86 -0.08 -19.15
N GLU C 128 -48.79 0.08 -17.83
CA GLU C 128 -47.68 -0.47 -17.06
C GLU C 128 -47.73 -2.00 -16.98
N ASN C 129 -46.61 -2.63 -17.30
CA ASN C 129 -46.46 -4.07 -17.11
C ASN C 129 -45.52 -4.33 -15.95
N LEU C 130 -45.81 -5.36 -15.17
CA LEU C 130 -44.98 -5.65 -14.00
C LEU C 130 -44.11 -6.88 -14.27
N LEU C 131 -42.80 -6.65 -14.33
CA LEU C 131 -41.85 -7.70 -14.65
C LEU C 131 -41.12 -8.10 -13.37
N THR C 132 -41.31 -9.34 -12.96
CA THR C 132 -40.74 -9.86 -11.72
C THR C 132 -39.80 -11.01 -12.03
N VAL C 133 -38.56 -10.93 -11.58
CA VAL C 133 -37.56 -11.92 -11.92
C VAL C 133 -36.88 -12.47 -10.67
N ALA C 134 -37.15 -13.73 -10.34
CA ALA C 134 -36.49 -14.36 -9.20
C ALA C 134 -35.17 -14.98 -9.67
N VAL C 135 -34.08 -14.69 -8.95
CA VAL C 135 -32.76 -15.18 -9.32
C VAL C 135 -32.14 -16.01 -8.19
N ASP C 136 -31.66 -17.20 -8.54
CA ASP C 136 -31.12 -18.16 -7.59
C ASP C 136 -29.59 -18.26 -7.75
N ASN C 137 -28.85 -18.04 -6.66
CA ASN C 137 -27.39 -18.02 -6.72
C ASN C 137 -26.72 -19.34 -6.36
N ARG C 138 -27.52 -20.35 -6.04
CA ARG C 138 -26.99 -21.56 -5.42
C ARG C 138 -26.20 -22.43 -6.39
N ILE C 139 -25.06 -22.88 -5.91
CA ILE C 139 -24.20 -23.81 -6.63
C ILE C 139 -24.01 -25.08 -5.81
N GLY C 140 -23.74 -26.19 -6.48
CA GLY C 140 -23.57 -27.47 -5.82
C GLY C 140 -22.99 -28.52 -6.74
N SER C 141 -23.12 -29.78 -6.34
CA SER C 141 -22.51 -30.90 -7.06
C SER C 141 -23.13 -31.14 -8.44
N SER C 142 -24.28 -30.52 -8.70
CA SER C 142 -24.93 -30.71 -9.99
C SER C 142 -25.01 -29.45 -10.85
N THR C 143 -24.38 -28.35 -10.40
CA THR C 143 -24.35 -27.12 -11.20
C THR C 143 -23.05 -26.92 -11.97
N LEU C 144 -23.14 -26.14 -13.04
CA LEU C 144 -21.95 -25.63 -13.73
C LEU C 144 -22.02 -24.10 -13.68
N PRO C 145 -21.07 -23.46 -12.98
CA PRO C 145 -19.90 -24.04 -12.29
C PRO C 145 -20.26 -24.86 -11.04
N VAL C 146 -19.34 -25.73 -10.62
CA VAL C 146 -19.58 -26.72 -9.57
C VAL C 146 -19.39 -26.16 -8.17
N GLY C 147 -20.34 -26.42 -7.29
CA GLY C 147 -20.19 -26.11 -5.88
C GLY C 147 -20.01 -27.39 -5.08
N ASN C 148 -19.52 -27.27 -3.85
CA ASN C 148 -19.40 -28.42 -2.97
C ASN C 148 -20.61 -28.47 -2.04
N ASP C 149 -21.19 -29.66 -1.88
CA ASP C 149 -22.40 -29.80 -1.08
C ASP C 149 -22.08 -29.79 0.42
N ALA C 150 -20.84 -30.10 0.76
CA ALA C 150 -20.37 -29.98 2.13
C ALA C 150 -18.88 -29.71 2.20
N GLY C 151 -18.40 -29.38 3.40
CA GLY C 151 -16.97 -29.26 3.63
C GLY C 151 -16.43 -27.84 3.57
N THR C 152 -15.48 -27.63 2.68
CA THR C 152 -14.80 -26.35 2.58
C THR C 152 -14.82 -25.85 1.13
N ALA C 153 -14.62 -24.54 0.93
CA ALA C 153 -14.54 -23.95 -0.42
C ALA C 153 -13.24 -24.34 -1.12
N PHE C 154 -13.14 -23.99 -2.40
CA PHE C 154 -11.92 -24.25 -3.18
C PHE C 154 -10.74 -23.53 -2.55
N MET C 155 -9.72 -24.31 -2.18
CA MET C 155 -8.51 -23.81 -1.51
C MET C 155 -8.78 -23.19 -0.15
N GLY C 156 -9.70 -23.79 0.61
CA GLY C 156 -9.99 -23.32 1.94
C GLY C 156 -9.20 -24.08 2.99
N SER C 157 -9.06 -23.47 4.16
CA SER C 157 -8.30 -24.05 5.26
C SER C 157 -9.19 -24.82 6.22
N ASP C 158 -8.63 -25.86 6.85
CA ASP C 158 -9.39 -26.68 7.79
C ASP C 158 -8.54 -27.31 8.90
N ASN C 159 -9.19 -27.56 10.04
CA ASN C 159 -8.63 -28.38 11.11
C ASN C 159 -9.64 -29.48 11.46
N ALA C 160 -9.87 -30.39 10.51
CA ALA C 160 -10.95 -31.38 10.62
C ALA C 160 -10.82 -32.30 11.83
N ASN C 161 -9.61 -32.46 12.35
CA ASN C 161 -9.39 -33.33 13.50
C ASN C 161 -9.81 -32.72 14.84
N VAL C 162 -10.19 -31.44 14.83
CA VAL C 162 -10.67 -30.75 16.02
C VAL C 162 -12.17 -30.92 16.19
N PRO C 163 -12.60 -31.61 17.27
CA PRO C 163 -14.00 -31.95 17.51
C PRO C 163 -14.92 -30.74 17.52
N ALA C 164 -14.46 -29.64 18.13
CA ALA C 164 -15.25 -28.41 18.19
C ALA C 164 -15.52 -27.85 16.79
N VAL C 165 -14.53 -27.97 15.91
CA VAL C 165 -14.69 -27.50 14.53
C VAL C 165 -15.73 -28.34 13.80
N ALA C 166 -15.59 -29.66 13.91
CA ALA C 166 -16.52 -30.59 13.29
C ALA C 166 -17.96 -30.35 13.77
N GLU C 167 -18.12 -30.10 15.06
CA GLU C 167 -19.45 -29.84 15.60
C GLU C 167 -19.99 -28.49 15.14
N ALA C 168 -19.15 -27.46 15.17
CA ALA C 168 -19.56 -26.12 14.76
C ALA C 168 -19.96 -26.06 13.29
N LYS C 169 -19.27 -26.84 12.45
CA LYS C 169 -19.59 -26.91 11.03
C LYS C 169 -21.03 -27.31 10.75
N LYS C 170 -21.57 -28.20 11.58
CA LYS C 170 -22.92 -28.71 11.35
C LYS C 170 -23.99 -27.65 11.59
N HIS C 171 -23.63 -26.60 12.31
CA HIS C 171 -24.60 -25.55 12.66
C HIS C 171 -24.23 -24.21 12.00
N ALA C 172 -23.17 -24.22 11.20
CA ALA C 172 -22.73 -23.00 10.53
C ALA C 172 -23.78 -22.48 9.57
N ARG C 173 -23.83 -21.16 9.39
CA ARG C 173 -24.72 -20.56 8.41
C ARG C 173 -24.45 -21.14 7.04
N ARG C 174 -25.51 -21.46 6.32
CA ARG C 174 -25.40 -22.06 5.01
C ARG C 174 -24.79 -21.11 4.00
N GLN C 175 -23.80 -21.60 3.26
CA GLN C 175 -23.10 -20.80 2.25
C GLN C 175 -22.88 -21.61 0.99
N ASN C 176 -22.80 -20.93 -0.14
CA ASN C 176 -22.34 -21.56 -1.36
C ASN C 176 -20.86 -21.91 -1.21
N LEU C 177 -20.50 -23.14 -1.51
CA LEU C 177 -19.10 -23.55 -1.40
C LEU C 177 -18.54 -23.79 -2.79
N PRO C 178 -17.94 -22.74 -3.36
CA PRO C 178 -17.48 -22.86 -4.75
C PRO C 178 -16.32 -23.85 -4.87
N ASN C 179 -16.35 -24.67 -5.91
CA ASN C 179 -15.20 -25.51 -6.22
C ASN C 179 -14.37 -24.82 -7.30
N PHE C 180 -14.38 -23.49 -7.25
CA PHE C 180 -13.65 -22.66 -8.19
C PHE C 180 -13.10 -21.40 -7.51
N ASP C 181 -12.11 -20.79 -8.15
CA ASP C 181 -11.34 -19.71 -7.53
C ASP C 181 -11.76 -18.33 -8.06
N PHE C 182 -13.06 -18.04 -8.02
CA PHE C 182 -13.56 -16.69 -8.29
C PHE C 182 -14.90 -16.51 -7.58
N PHE C 183 -15.18 -15.29 -7.12
CA PHE C 183 -16.36 -15.09 -6.30
C PHE C 183 -17.66 -15.35 -7.04
N ASN C 184 -18.63 -15.91 -6.33
CA ASN C 184 -19.90 -16.29 -6.90
C ASN C 184 -20.85 -15.10 -7.06
N PHE C 185 -20.43 -14.12 -7.84
CA PHE C 185 -21.27 -12.95 -8.13
C PHE C 185 -22.55 -13.39 -8.84
N ALA C 186 -23.70 -12.94 -8.35
CA ALA C 186 -24.99 -13.39 -8.87
C ALA C 186 -25.93 -12.23 -9.20
N GLY C 187 -27.05 -12.56 -9.84
CA GLY C 187 -28.04 -11.56 -10.21
C GLY C 187 -28.15 -11.34 -11.70
N LEU C 188 -28.74 -10.21 -12.08
CA LEU C 188 -28.90 -9.85 -13.48
C LEU C 188 -27.60 -9.23 -13.99
N ASN C 189 -26.60 -10.07 -14.22
CA ASN C 189 -25.26 -9.62 -14.56
C ASN C 189 -25.16 -8.94 -15.92
N ARG C 190 -26.14 -9.20 -16.80
CA ARG C 190 -26.13 -8.61 -18.12
C ARG C 190 -27.50 -8.03 -18.50
N HIS C 191 -27.57 -7.39 -19.66
CA HIS C 191 -28.72 -6.58 -20.03
C HIS C 191 -30.05 -7.33 -20.12
N VAL C 192 -31.13 -6.59 -19.92
CA VAL C 192 -32.48 -7.09 -20.12
C VAL C 192 -33.16 -6.20 -21.15
N GLU C 193 -33.80 -6.79 -22.16
CA GLU C 193 -34.47 -5.97 -23.14
C GLU C 193 -35.67 -6.66 -23.79
N LEU C 194 -36.70 -5.88 -24.06
CA LEU C 194 -37.84 -6.33 -24.85
C LEU C 194 -37.57 -6.00 -26.30
N TYR C 195 -37.85 -6.89 -27.24
CA TYR C 195 -37.69 -6.56 -28.64
C TYR C 195 -38.78 -7.15 -29.53
N THR C 196 -38.82 -6.69 -30.78
CA THR C 196 -39.90 -7.02 -31.71
C THR C 196 -39.35 -7.69 -32.97
N THR C 197 -40.12 -8.63 -33.51
CA THR C 197 -39.91 -9.08 -34.88
C THR C 197 -41.26 -9.10 -35.57
N PRO C 198 -41.29 -9.20 -36.90
CA PRO C 198 -42.59 -9.48 -37.53
C PRO C 198 -43.14 -10.82 -37.04
N ALA C 199 -44.47 -10.97 -37.02
CA ALA C 199 -45.08 -12.16 -36.41
C ALA C 199 -45.24 -13.32 -37.38
N ASP C 200 -45.65 -13.03 -38.61
CA ASP C 200 -45.99 -14.07 -39.57
C ASP C 200 -44.76 -14.86 -40.05
N ALA C 201 -43.68 -14.15 -40.32
CA ALA C 201 -42.44 -14.77 -40.72
C ALA C 201 -41.27 -13.87 -40.33
N TYR C 202 -40.19 -14.45 -39.86
CA TYR C 202 -39.08 -13.65 -39.34
C TYR C 202 -37.76 -14.41 -39.39
N ILE C 203 -36.67 -13.65 -39.41
CA ILE C 203 -35.33 -14.22 -39.36
C ILE C 203 -35.05 -14.66 -37.92
N ALA C 204 -34.76 -15.95 -37.74
CA ALA C 204 -34.56 -16.51 -36.41
C ALA C 204 -33.10 -16.81 -36.11
N ASP C 205 -32.31 -17.09 -37.15
CA ASP C 205 -30.90 -17.40 -36.98
C ASP C 205 -30.11 -17.17 -38.26
N ILE C 206 -28.84 -16.79 -38.10
CA ILE C 206 -27.93 -16.63 -39.23
C ILE C 206 -26.58 -17.25 -38.88
N ALA C 207 -26.03 -18.03 -39.79
CA ALA C 207 -24.69 -18.56 -39.64
C ALA C 207 -23.86 -18.28 -40.89
N ILE C 208 -22.73 -17.62 -40.70
CA ILE C 208 -21.78 -17.35 -41.79
C ILE C 208 -20.50 -18.14 -41.53
N THR C 209 -19.99 -18.81 -42.56
CA THR C 209 -18.76 -19.57 -42.44
C THR C 209 -17.78 -19.20 -43.53
N THR C 210 -16.49 -19.26 -43.22
CA THR C 210 -15.45 -19.14 -44.23
C THR C 210 -15.08 -20.53 -44.70
N GLU C 211 -15.52 -20.90 -45.89
CA GLU C 211 -15.33 -22.26 -46.38
C GLU C 211 -13.98 -22.45 -47.05
N ARG C 212 -13.57 -21.52 -47.90
CA ARG C 212 -12.29 -21.71 -48.58
C ARG C 212 -11.60 -20.41 -48.96
N LEU C 213 -10.27 -20.42 -48.93
CA LEU C 213 -9.50 -19.27 -49.38
C LEU C 213 -8.59 -19.68 -50.51
N ASP C 214 -8.65 -18.94 -51.62
CA ASP C 214 -7.80 -19.18 -52.77
C ASP C 214 -6.77 -18.07 -52.92
N HIS C 215 -5.51 -18.47 -53.03
CA HIS C 215 -4.40 -17.54 -53.23
C HIS C 215 -4.37 -16.47 -52.15
N ILE C 216 -4.10 -16.89 -50.93
CA ILE C 216 -3.90 -15.96 -49.82
C ILE C 216 -2.62 -15.17 -50.06
N ALA C 217 -2.70 -13.86 -49.93
CA ALA C 217 -1.52 -12.99 -50.08
C ALA C 217 -0.44 -13.34 -49.05
N GLY C 218 0.79 -12.94 -49.34
CA GLY C 218 1.90 -13.20 -48.45
C GLY C 218 1.72 -12.63 -47.05
N ASP C 219 1.08 -11.47 -46.97
CA ASP C 219 0.83 -10.84 -45.67
C ASP C 219 -0.57 -11.16 -45.12
N ALA C 220 -1.29 -12.00 -45.87
CA ALA C 220 -2.63 -12.47 -45.47
C ALA C 220 -3.68 -11.37 -45.35
N CYS C 221 -3.40 -10.20 -45.92
CA CYS C 221 -4.38 -9.10 -45.90
C CYS C 221 -5.57 -9.42 -46.80
N THR C 222 -5.30 -10.16 -47.86
CA THR C 222 -6.35 -10.53 -48.81
C THR C 222 -6.19 -11.97 -49.32
N ALA C 223 -7.27 -12.47 -49.92
CA ALA C 223 -7.21 -13.66 -50.75
C ALA C 223 -7.85 -13.32 -52.08
N ALA C 224 -7.32 -13.88 -53.17
CA ALA C 224 -7.86 -13.63 -54.51
C ALA C 224 -9.33 -14.03 -54.58
N ASN C 225 -9.66 -15.13 -53.91
CA ASN C 225 -11.04 -15.57 -53.80
C ASN C 225 -11.33 -16.16 -52.43
N ALA C 226 -12.48 -15.81 -51.87
CA ALA C 226 -12.96 -16.43 -50.64
C ALA C 226 -14.34 -17.01 -50.89
N LEU C 227 -14.51 -18.27 -50.54
CA LEU C 227 -15.82 -18.90 -50.61
C LEU C 227 -16.39 -18.94 -49.22
N ILE C 228 -17.50 -18.22 -49.05
CA ILE C 228 -18.20 -18.17 -47.78
C ILE C 228 -19.57 -18.82 -47.93
N ALA C 229 -20.13 -19.31 -46.84
CA ALA C 229 -21.45 -19.92 -46.88
C ALA C 229 -22.40 -19.20 -45.94
N TYR C 230 -23.67 -19.17 -46.32
CA TYR C 230 -24.71 -18.61 -45.47
C TYR C 230 -25.79 -19.64 -45.20
N ASP C 231 -26.41 -19.51 -44.03
CA ASP C 231 -27.45 -20.40 -43.56
C ASP C 231 -28.39 -19.57 -42.69
N VAL C 232 -29.57 -19.26 -43.23
CA VAL C 232 -30.53 -18.42 -42.55
C VAL C 232 -31.74 -19.26 -42.17
N THR C 233 -32.08 -19.25 -40.88
CA THR C 233 -33.22 -20.01 -40.38
C THR C 233 -34.36 -19.03 -40.12
N PHE C 234 -35.59 -19.48 -40.34
CA PHE C 234 -36.76 -18.61 -40.18
C PHE C 234 -37.78 -19.19 -39.20
N GLY C 235 -38.53 -18.30 -38.55
CA GLY C 235 -39.65 -18.72 -37.73
C GLY C 235 -40.95 -18.13 -38.25
N GLY C 236 -42.07 -18.65 -37.75
CA GLY C 236 -43.39 -18.18 -38.14
C GLY C 236 -44.10 -19.12 -39.10
N ASP C 237 -45.30 -18.72 -39.52
CA ASP C 237 -46.15 -19.54 -40.38
C ASP C 237 -46.48 -20.88 -39.74
N GLY C 276 -43.00 -20.13 -51.94
CA GLY C 276 -42.31 -19.30 -52.89
C GLY C 276 -41.71 -18.06 -52.26
N ARG C 277 -41.26 -18.20 -51.01
CA ARG C 277 -40.68 -17.07 -50.29
C ARG C 277 -39.16 -17.05 -50.44
N GLN C 278 -38.61 -15.84 -50.43
CA GLN C 278 -37.18 -15.66 -50.69
C GLN C 278 -36.55 -14.73 -49.67
N VAL C 279 -35.25 -14.89 -49.48
CA VAL C 279 -34.48 -13.93 -48.72
C VAL C 279 -33.34 -13.44 -49.60
N ARG C 280 -33.14 -12.12 -49.63
CA ARG C 280 -32.01 -11.56 -50.36
C ARG C 280 -30.88 -11.30 -49.38
N ILE C 281 -29.68 -11.71 -49.77
CA ILE C 281 -28.50 -11.55 -48.93
C ILE C 281 -27.46 -10.65 -49.59
N SER C 282 -27.14 -9.56 -48.91
CA SER C 282 -26.16 -8.61 -49.43
C SER C 282 -24.91 -8.59 -48.56
N ILE C 283 -23.75 -8.68 -49.19
CA ILE C 283 -22.49 -8.62 -48.46
C ILE C 283 -21.90 -7.22 -48.57
N LEU C 284 -21.73 -6.57 -47.42
CA LEU C 284 -21.21 -5.21 -47.35
C LEU C 284 -19.77 -5.23 -46.83
N ASP C 285 -18.87 -4.51 -47.49
CA ASP C 285 -17.50 -4.43 -47.02
C ASP C 285 -17.38 -3.38 -45.93
N GLY C 286 -16.16 -3.13 -45.48
CA GLY C 286 -15.91 -2.16 -44.41
C GLY C 286 -16.39 -0.75 -44.66
N GLU C 287 -16.65 -0.41 -45.93
CA GLU C 287 -17.05 0.94 -46.28
C GLU C 287 -18.56 1.03 -46.54
N GLY C 288 -19.25 -0.09 -46.40
CA GLY C 288 -20.68 -0.13 -46.63
C GLY C 288 -21.03 -0.46 -48.07
N THR C 289 -20.02 -0.77 -48.87
CA THR C 289 -20.25 -1.09 -50.27
C THR C 289 -20.76 -2.51 -50.44
N VAL C 290 -21.85 -2.66 -51.19
CA VAL C 290 -22.36 -3.98 -51.52
C VAL C 290 -21.44 -4.60 -52.55
N VAL C 291 -20.69 -5.63 -52.13
CA VAL C 291 -19.70 -6.27 -52.98
C VAL C 291 -20.23 -7.56 -53.57
N ALA C 292 -21.34 -8.04 -53.00
CA ALA C 292 -21.99 -9.25 -53.47
C ALA C 292 -23.43 -9.27 -53.02
N GLY C 293 -24.25 -10.02 -53.74
CA GLY C 293 -25.67 -10.10 -53.46
C GLY C 293 -26.25 -11.29 -54.16
N VAL C 294 -27.14 -12.00 -53.47
CA VAL C 294 -27.81 -13.15 -54.04
C VAL C 294 -29.20 -13.28 -53.41
N THR C 295 -30.13 -13.83 -54.17
CA THR C 295 -31.46 -14.12 -53.65
C THR C 295 -31.61 -15.62 -53.53
N ALA C 296 -31.96 -16.08 -52.33
CA ALA C 296 -32.03 -17.52 -52.08
C ALA C 296 -33.46 -17.93 -51.79
N ASP C 297 -33.77 -19.19 -52.13
CA ASP C 297 -35.10 -19.73 -51.89
C ASP C 297 -35.19 -20.29 -50.49
N ILE C 298 -36.34 -20.12 -49.85
CA ILE C 298 -36.54 -20.66 -48.51
C ILE C 298 -37.25 -22.02 -48.59
N GLU C 299 -36.53 -23.05 -48.15
CA GLU C 299 -37.03 -24.42 -48.21
C GLU C 299 -37.41 -24.89 -46.81
N ARG C 300 -38.52 -25.59 -46.71
CA ARG C 300 -38.98 -26.10 -45.42
C ARG C 300 -38.66 -27.58 -45.26
N THR C 305 -39.43 -26.38 -40.56
CA THR C 305 -38.11 -25.80 -40.27
C THR C 305 -37.59 -25.02 -41.48
N ALA C 306 -38.04 -23.77 -41.62
CA ALA C 306 -37.76 -22.98 -42.81
C ALA C 306 -36.33 -22.46 -42.83
N LYS C 307 -35.69 -22.61 -43.98
CA LYS C 307 -34.25 -22.41 -44.12
C LYS C 307 -33.85 -21.98 -45.54
N ALA C 308 -32.88 -21.07 -45.62
CA ALA C 308 -32.27 -20.68 -46.87
C ALA C 308 -30.76 -20.87 -46.74
N SER C 309 -30.12 -21.41 -47.76
CA SER C 309 -28.72 -21.80 -47.62
C SER C 309 -27.96 -21.73 -48.93
N GLY C 310 -26.69 -21.34 -48.86
CA GLY C 310 -25.89 -21.28 -50.08
C GLY C 310 -24.47 -20.78 -49.92
N GLU C 311 -23.82 -20.52 -51.05
CA GLU C 311 -22.44 -20.05 -51.05
C GLU C 311 -22.30 -18.75 -51.85
N ILE C 312 -21.33 -17.94 -51.46
CA ILE C 312 -21.01 -16.70 -52.14
C ILE C 312 -19.50 -16.60 -52.31
N ALA C 313 -19.08 -16.31 -53.54
CA ALA C 313 -17.67 -16.12 -53.84
C ALA C 313 -17.35 -14.64 -53.80
N ILE C 314 -16.27 -14.29 -53.12
CA ILE C 314 -15.87 -12.90 -52.96
C ILE C 314 -14.41 -12.74 -53.38
N ARG C 315 -14.21 -12.02 -54.48
CA ARG C 315 -12.88 -11.81 -55.05
C ARG C 315 -12.11 -10.73 -54.31
N ASP C 316 -10.80 -10.92 -54.18
CA ASP C 316 -9.93 -9.99 -53.47
C ASP C 316 -10.51 -9.71 -52.09
N ALA C 317 -10.94 -10.78 -51.44
CA ALA C 317 -11.57 -10.68 -50.13
C ALA C 317 -10.57 -10.15 -49.12
N LYS C 318 -11.05 -9.26 -48.27
CA LYS C 318 -10.22 -8.74 -47.19
C LYS C 318 -10.35 -9.61 -45.95
N LEU C 319 -9.22 -10.14 -45.53
CA LEU C 319 -9.20 -11.15 -44.48
C LEU C 319 -9.11 -10.55 -43.08
N TRP C 320 -9.67 -11.29 -42.12
CA TRP C 320 -9.59 -10.96 -40.71
C TRP C 320 -8.33 -11.58 -40.13
N ASN C 321 -7.47 -10.75 -39.52
CA ASN C 321 -6.29 -11.27 -38.84
C ASN C 321 -6.15 -10.67 -37.45
N PRO C 322 -5.48 -11.41 -36.55
CA PRO C 322 -5.08 -10.79 -35.27
C PRO C 322 -4.21 -9.57 -35.54
N GLY C 323 -4.49 -8.45 -34.88
CA GLY C 323 -3.73 -7.23 -35.10
C GLY C 323 -4.11 -6.48 -36.37
N ALA C 324 -5.03 -7.04 -37.15
CA ALA C 324 -5.46 -6.44 -38.40
C ALA C 324 -6.84 -6.93 -38.78
N ALA C 325 -7.82 -6.52 -37.98
CA ALA C 325 -9.20 -6.95 -38.19
C ALA C 325 -9.80 -6.34 -39.44
N TYR C 326 -10.66 -7.11 -40.10
CA TYR C 326 -11.51 -6.58 -41.15
C TYR C 326 -12.85 -7.29 -41.08
N LEU C 327 -13.93 -6.51 -41.12
CA LEU C 327 -15.26 -7.05 -40.94
C LEU C 327 -16.19 -6.73 -42.12
N TYR C 328 -16.93 -7.74 -42.55
CA TYR C 328 -18.01 -7.56 -43.51
C TYR C 328 -19.35 -7.61 -42.76
N THR C 329 -20.42 -7.21 -43.44
CA THR C 329 -21.75 -7.35 -42.91
C THR C 329 -22.62 -8.14 -43.87
N ALA C 330 -23.23 -9.21 -43.39
CA ALA C 330 -24.19 -9.97 -44.17
C ALA C 330 -25.58 -9.48 -43.81
N VAL C 331 -26.21 -8.79 -44.76
CA VAL C 331 -27.55 -8.26 -44.55
C VAL C 331 -28.56 -9.23 -45.13
N ALA C 332 -29.42 -9.76 -44.27
CA ALA C 332 -30.48 -10.67 -44.69
C ALA C 332 -31.81 -9.94 -44.69
N GLU C 333 -32.48 -9.94 -45.84
CA GLU C 333 -33.78 -9.29 -45.96
C GLU C 333 -34.81 -10.27 -46.49
N LEU C 334 -35.82 -10.56 -45.67
CA LEU C 334 -36.89 -11.45 -46.07
C LEU C 334 -37.82 -10.71 -47.04
N LEU C 335 -37.98 -11.26 -48.23
CA LEU C 335 -38.77 -10.63 -49.28
C LEU C 335 -40.23 -11.08 -49.24
N PRO C 336 -41.15 -10.18 -49.61
CA PRO C 336 -42.56 -10.56 -49.78
C PRO C 336 -42.78 -11.35 -51.06
N SER C 344 -40.73 -3.89 -53.73
CA SER C 344 -39.62 -3.08 -53.22
C SER C 344 -39.55 -3.05 -51.69
N ARG C 345 -40.62 -3.45 -51.03
CA ARG C 345 -40.66 -3.43 -49.57
C ARG C 345 -39.95 -4.64 -48.99
N ILE C 346 -39.58 -4.54 -47.71
CA ILE C 346 -38.88 -5.61 -47.02
C ILE C 346 -39.71 -6.08 -45.82
N ILE C 347 -39.87 -7.39 -45.68
CA ILE C 347 -40.65 -7.94 -44.57
C ILE C 347 -39.88 -7.93 -43.25
N ASP C 348 -38.65 -8.42 -43.29
CA ASP C 348 -37.81 -8.53 -42.10
C ASP C 348 -36.37 -8.32 -42.50
N ALA C 349 -35.53 -7.93 -41.55
CA ALA C 349 -34.12 -7.71 -41.87
C ALA C 349 -33.23 -7.94 -40.66
N TYR C 350 -32.02 -8.42 -40.91
CA TYR C 350 -31.01 -8.54 -39.86
C TYR C 350 -29.61 -8.35 -40.43
N ARG C 351 -28.78 -7.63 -39.68
CA ARG C 351 -27.41 -7.36 -40.12
C ARG C 351 -26.41 -8.14 -39.27
N GLN C 352 -25.75 -9.12 -39.90
CA GLN C 352 -24.81 -9.98 -39.20
C GLN C 352 -23.36 -9.68 -39.56
N THR C 353 -22.60 -9.17 -38.60
CA THR C 353 -21.19 -8.91 -38.81
C THR C 353 -20.47 -10.25 -38.93
N PHE C 354 -19.45 -10.30 -39.78
CA PHE C 354 -18.59 -11.49 -39.83
C PHE C 354 -17.21 -11.13 -40.34
N GLY C 355 -16.28 -12.09 -40.23
CA GLY C 355 -14.94 -11.87 -40.72
C GLY C 355 -14.49 -13.06 -41.53
N ILE C 356 -13.70 -12.80 -42.57
CA ILE C 356 -13.27 -13.86 -43.46
C ILE C 356 -11.88 -14.36 -43.05
N ARG C 357 -11.83 -15.58 -42.53
CA ARG C 357 -10.59 -16.19 -42.09
C ARG C 357 -10.78 -17.68 -41.85
N THR C 358 -9.71 -18.45 -42.01
CA THR C 358 -9.75 -19.88 -41.71
C THR C 358 -8.90 -20.19 -40.49
N VAL C 359 -9.28 -21.24 -39.76
CA VAL C 359 -8.51 -21.71 -38.63
C VAL C 359 -8.26 -23.20 -38.83
N GLU C 360 -7.00 -23.63 -38.75
CA GLU C 360 -6.66 -25.03 -38.94
C GLU C 360 -5.46 -25.43 -38.11
N VAL C 361 -5.62 -26.46 -37.28
CA VAL C 361 -4.48 -27.06 -36.61
C VAL C 361 -3.81 -28.01 -37.60
N SER C 362 -2.53 -27.82 -37.81
CA SER C 362 -1.77 -28.67 -38.71
C SER C 362 -0.49 -29.12 -38.02
N GLY C 363 -0.41 -30.40 -37.68
CA GLY C 363 0.72 -30.92 -36.93
C GLY C 363 0.86 -30.22 -35.60
N THR C 364 1.98 -29.53 -35.41
CA THR C 364 2.20 -28.76 -34.19
C THR C 364 2.06 -27.26 -34.44
N THR C 365 1.31 -26.89 -35.48
CA THR C 365 1.09 -25.47 -35.77
C THR C 365 -0.39 -25.10 -35.70
N PHE C 366 -0.64 -23.83 -35.41
CA PHE C 366 -2.00 -23.28 -35.34
C PHE C 366 -2.12 -22.21 -36.42
N LEU C 367 -2.79 -22.57 -37.51
CA LEU C 367 -2.82 -21.72 -38.70
C LEU C 367 -4.07 -20.85 -38.79
N ILE C 368 -3.85 -19.54 -38.82
CA ILE C 368 -4.90 -18.61 -39.15
C ILE C 368 -4.60 -18.04 -40.53
N ASN C 369 -5.52 -18.23 -41.46
CA ASN C 369 -5.28 -17.91 -42.88
C ASN C 369 -3.98 -18.50 -43.40
N GLY C 370 -3.71 -19.75 -43.00
CA GLY C 370 -2.53 -20.47 -43.43
C GLY C 370 -1.22 -20.05 -42.79
N LYS C 371 -1.28 -19.12 -41.84
CA LYS C 371 -0.07 -18.63 -41.17
C LYS C 371 0.05 -19.17 -39.74
N PRO C 372 1.28 -19.56 -39.35
CA PRO C 372 1.54 -20.13 -38.04
C PRO C 372 1.45 -19.10 -36.93
N PHE C 373 0.34 -19.15 -36.18
CA PHE C 373 0.00 -18.17 -35.15
C PHE C 373 0.65 -18.50 -33.81
N TYR C 374 0.98 -17.46 -33.04
CA TYR C 374 1.46 -17.64 -31.67
C TYR C 374 0.59 -16.83 -30.70
N PHE C 375 -0.04 -17.52 -29.75
CA PHE C 375 -0.86 -16.85 -28.75
C PHE C 375 -0.02 -16.06 -27.75
N LYS C 376 -0.34 -14.77 -27.61
CA LYS C 376 0.20 -13.96 -26.52
C LYS C 376 -0.96 -13.40 -25.72
N GLY C 377 -1.04 -13.75 -24.45
CA GLY C 377 -2.11 -13.23 -23.62
C GLY C 377 -2.29 -13.86 -22.25
N PHE C 378 -3.54 -14.09 -21.91
CA PHE C 378 -3.92 -14.36 -20.53
C PHE C 378 -5.35 -14.90 -20.43
N GLY C 379 -5.67 -15.53 -19.30
CA GLY C 379 -7.05 -15.71 -18.94
C GLY C 379 -7.53 -14.39 -18.37
N LYS C 380 -8.77 -14.03 -18.62
CA LYS C 380 -9.36 -12.84 -18.01
C LYS C 380 -10.42 -13.25 -16.99
N HIS C 381 -11.11 -12.25 -16.46
CA HIS C 381 -12.37 -12.45 -15.77
C HIS C 381 -13.27 -11.28 -16.08
N GLU C 382 -14.57 -11.52 -16.09
CA GLU C 382 -15.50 -10.41 -16.02
C GLU C 382 -15.66 -10.09 -14.55
N ASP C 383 -14.86 -9.13 -14.10
CA ASP C 383 -14.74 -8.80 -12.69
C ASP C 383 -14.29 -7.36 -12.56
N SER C 384 -14.99 -6.60 -11.71
CA SER C 384 -14.58 -5.24 -11.41
C SER C 384 -15.26 -4.74 -10.16
N TYR C 385 -14.69 -3.69 -9.58
CA TYR C 385 -15.24 -3.07 -8.40
C TYR C 385 -16.69 -2.65 -8.70
N PHE C 386 -17.56 -2.78 -7.70
CA PHE C 386 -18.98 -2.40 -7.77
C PHE C 386 -19.86 -3.29 -8.66
N HIS C 387 -19.39 -3.57 -9.87
CA HIS C 387 -20.19 -4.35 -10.83
C HIS C 387 -20.10 -5.84 -10.56
N GLY C 388 -19.00 -6.27 -9.94
CA GLY C 388 -18.77 -7.69 -9.74
C GLY C 388 -18.61 -8.35 -11.10
N ARG C 389 -19.52 -9.25 -11.43
CA ARG C 389 -19.52 -9.90 -12.74
C ARG C 389 -20.38 -9.12 -13.75
N GLY C 390 -20.91 -7.98 -13.32
CA GLY C 390 -21.75 -7.18 -14.19
C GLY C 390 -21.02 -6.68 -15.42
N THR C 391 -21.67 -6.77 -16.58
CA THR C 391 -21.05 -6.32 -17.82
C THR C 391 -20.89 -4.79 -17.84
N ASP C 392 -19.74 -4.34 -18.33
CA ASP C 392 -19.37 -2.94 -18.30
C ASP C 392 -18.55 -2.66 -19.57
N ASP C 393 -19.15 -1.96 -20.53
CA ASP C 393 -18.53 -1.77 -21.82
C ASP C 393 -17.45 -0.68 -21.81
N VAL C 394 -17.51 0.24 -20.85
CA VAL C 394 -16.39 1.15 -20.62
C VAL C 394 -15.16 0.34 -20.27
N LEU C 395 -15.34 -0.61 -19.36
CA LEU C 395 -14.24 -1.48 -18.92
C LEU C 395 -13.78 -2.42 -20.03
N ASN C 396 -14.72 -2.91 -20.83
CA ASN C 396 -14.35 -3.75 -21.96
C ASN C 396 -13.49 -3.00 -22.98
N VAL C 397 -13.93 -1.78 -23.33
CA VAL C 397 -13.16 -0.92 -24.23
C VAL C 397 -11.75 -0.66 -23.68
N LYS C 398 -11.69 -0.30 -22.39
CA LYS C 398 -10.42 -0.04 -21.74
C LYS C 398 -9.51 -1.27 -21.74
N ASP C 399 -10.08 -2.42 -21.39
CA ASP C 399 -9.33 -3.66 -21.31
C ASP C 399 -8.76 -4.04 -22.67
N VAL C 400 -9.57 -3.89 -23.70
CA VAL C 400 -9.12 -4.15 -25.06
C VAL C 400 -7.94 -3.25 -25.42
N SER C 401 -8.05 -1.97 -25.03
CA SER C 401 -6.95 -1.04 -25.26
C SER C 401 -5.69 -1.47 -24.49
N LEU C 402 -5.89 -2.04 -23.30
CA LEU C 402 -4.78 -2.50 -22.47
C LEU C 402 -4.11 -3.73 -23.07
N ILE C 403 -4.93 -4.58 -23.68
CA ILE C 403 -4.45 -5.74 -24.40
C ILE C 403 -3.55 -5.28 -25.54
N HIS C 404 -3.97 -4.22 -26.23
CA HIS C 404 -3.10 -3.61 -27.24
C HIS C 404 -1.80 -3.01 -26.65
N TRP C 405 -1.93 -2.29 -25.53
CA TRP C 405 -0.78 -1.70 -24.85
C TRP C 405 0.27 -2.74 -24.48
N LEU C 406 -0.19 -3.92 -24.06
CA LEU C 406 0.68 -5.02 -23.68
C LEU C 406 1.30 -5.74 -24.88
N HIS C 407 0.74 -5.48 -26.06
CA HIS C 407 1.09 -6.15 -27.30
C HIS C 407 0.76 -7.65 -27.23
N ALA C 408 -0.27 -7.96 -26.45
CA ALA C 408 -0.88 -9.28 -26.45
C ALA C 408 -1.83 -9.36 -27.65
N ASN C 409 -2.26 -10.57 -28.00
CA ASN C 409 -3.16 -10.73 -29.14
C ASN C 409 -4.38 -11.60 -28.86
N SER C 410 -4.50 -12.06 -27.63
CA SER C 410 -5.50 -13.09 -27.31
C SER C 410 -5.84 -13.19 -25.83
N PHE C 411 -7.02 -13.74 -25.55
CA PHE C 411 -7.34 -14.20 -24.21
C PHE C 411 -8.36 -15.33 -24.24
N ARG C 412 -8.57 -15.95 -23.07
CA ARG C 412 -9.57 -16.98 -22.92
C ARG C 412 -10.69 -16.47 -22.02
N THR C 413 -11.93 -16.86 -22.32
CA THR C 413 -13.07 -16.44 -21.49
C THR C 413 -13.20 -17.33 -20.27
N SER C 414 -12.15 -17.37 -19.47
CA SER C 414 -12.16 -18.07 -18.19
C SER C 414 -13.12 -17.38 -17.22
N HIS C 415 -14.03 -18.12 -16.60
CA HIS C 415 -14.30 -19.53 -16.89
C HIS C 415 -15.76 -19.70 -17.24
N TYR C 416 -16.22 -18.92 -18.22
CA TYR C 416 -17.62 -18.80 -18.56
C TYR C 416 -17.71 -17.91 -19.81
N PRO C 417 -18.76 -18.11 -20.63
CA PRO C 417 -18.91 -17.18 -21.76
C PRO C 417 -19.08 -15.74 -21.27
N TYR C 418 -18.44 -14.80 -21.97
CA TYR C 418 -18.49 -13.39 -21.59
C TYR C 418 -19.69 -12.70 -22.22
N ALA C 419 -19.89 -11.42 -21.90
CA ALA C 419 -20.91 -10.62 -22.56
C ALA C 419 -20.63 -10.55 -24.06
N GLU C 420 -21.69 -10.62 -24.86
CA GLU C 420 -21.61 -10.65 -26.32
C GLU C 420 -20.86 -9.45 -26.92
N SER C 421 -21.09 -8.29 -26.29
CA SER C 421 -20.45 -7.05 -26.71
C SER C 421 -18.93 -7.14 -26.73
N MET C 422 -18.36 -7.93 -25.83
CA MET C 422 -16.90 -8.07 -25.77
C MET C 422 -16.39 -8.82 -27.01
N TYR C 423 -17.18 -9.78 -27.48
CA TYR C 423 -16.81 -10.51 -28.68
C TYR C 423 -16.92 -9.61 -29.89
N ASP C 424 -17.96 -8.76 -29.93
CA ASP C 424 -18.04 -7.78 -31.02
C ASP C 424 -16.81 -6.86 -31.03
N LEU C 425 -16.45 -6.43 -29.82
CA LEU C 425 -15.32 -5.53 -29.61
C LEU C 425 -14.02 -6.16 -30.10
N CYS C 426 -13.80 -7.42 -29.77
CA CYS C 426 -12.59 -8.11 -30.20
C CYS C 426 -12.63 -8.43 -31.69
N ASP C 427 -13.84 -8.59 -32.24
CA ASP C 427 -14.00 -8.69 -33.68
C ASP C 427 -13.42 -7.46 -34.36
N ARG C 428 -13.83 -6.28 -33.90
CA ARG C 428 -13.37 -5.07 -34.57
C ARG C 428 -11.96 -4.65 -34.15
N GLU C 429 -11.43 -5.23 -33.08
CA GLU C 429 -10.11 -4.84 -32.58
C GLU C 429 -9.02 -5.87 -32.82
N GLY C 430 -9.34 -6.93 -33.56
CA GLY C 430 -8.36 -7.91 -33.96
C GLY C 430 -7.74 -8.70 -32.83
N ILE C 431 -8.56 -9.02 -31.82
CA ILE C 431 -8.10 -9.80 -30.68
C ILE C 431 -8.74 -11.18 -30.68
N VAL C 432 -7.89 -12.20 -30.58
CA VAL C 432 -8.32 -13.59 -30.70
C VAL C 432 -8.85 -14.15 -29.38
N ILE C 433 -9.94 -14.92 -29.45
CA ILE C 433 -10.56 -15.44 -28.23
C ILE C 433 -10.70 -16.97 -28.25
N ILE C 434 -10.38 -17.58 -27.10
CA ILE C 434 -10.74 -18.95 -26.80
C ILE C 434 -11.99 -18.94 -25.95
N ASP C 435 -13.10 -19.43 -26.50
CA ASP C 435 -14.41 -19.34 -25.86
C ASP C 435 -14.69 -20.55 -24.98
N GLU C 436 -14.97 -20.31 -23.70
CA GLU C 436 -15.03 -21.38 -22.70
C GLU C 436 -16.36 -21.43 -21.93
N VAL C 437 -16.89 -22.64 -21.79
CA VAL C 437 -18.11 -22.89 -21.01
C VAL C 437 -17.84 -22.88 -19.51
N PRO C 438 -18.89 -22.69 -18.68
CA PRO C 438 -18.69 -22.63 -17.23
C PRO C 438 -18.47 -23.98 -16.56
N ALA C 439 -17.90 -24.93 -17.29
CA ALA C 439 -17.64 -26.27 -16.75
C ALA C 439 -16.35 -26.28 -15.94
N VAL C 440 -16.37 -25.61 -14.80
CA VAL C 440 -15.22 -25.55 -13.90
C VAL C 440 -15.57 -26.12 -12.53
N GLY C 441 -14.63 -26.88 -11.95
CA GLY C 441 -14.83 -27.50 -10.65
C GLY C 441 -15.28 -28.95 -10.74
N MET C 442 -15.14 -29.53 -11.94
CA MET C 442 -15.64 -30.87 -12.20
C MET C 442 -14.70 -31.99 -11.75
N SER C 443 -15.30 -33.07 -11.23
CA SER C 443 -14.58 -34.32 -10.98
C SER C 443 -15.51 -35.50 -11.22
N TRP C 444 -15.12 -36.68 -10.73
CA TRP C 444 -15.82 -37.92 -11.07
C TRP C 444 -17.24 -38.01 -10.52
N LEU C 445 -17.50 -37.29 -9.44
CA LEU C 445 -18.86 -37.19 -8.92
C LEU C 445 -19.80 -36.63 -10.00
N GLN C 446 -19.30 -35.67 -10.78
CA GLN C 446 -20.11 -35.06 -11.84
C GLN C 446 -20.24 -35.95 -13.08
N TYR C 447 -19.18 -36.67 -13.42
CA TYR C 447 -19.16 -37.46 -14.66
C TYR C 447 -20.22 -38.56 -14.64
N ALA C 448 -20.62 -38.97 -13.44
CA ALA C 448 -21.60 -40.03 -13.27
C ALA C 448 -23.01 -39.46 -13.12
N ASN C 449 -23.11 -38.14 -13.14
CA ASN C 449 -24.40 -37.49 -12.97
C ASN C 449 -24.95 -37.04 -14.33
N PRO C 450 -26.03 -37.69 -14.79
CA PRO C 450 -26.62 -37.43 -16.11
C PRO C 450 -27.11 -36.00 -16.26
N LEU C 451 -27.63 -35.43 -15.18
CA LEU C 451 -28.13 -34.06 -15.20
C LEU C 451 -26.99 -33.07 -15.51
N VAL C 452 -25.83 -33.32 -14.91
CA VAL C 452 -24.64 -32.53 -15.16
C VAL C 452 -24.24 -32.63 -16.62
N ALA C 453 -24.23 -33.85 -17.15
CA ALA C 453 -23.90 -34.08 -18.55
C ALA C 453 -24.82 -33.28 -19.47
N GLU C 454 -26.11 -33.27 -19.15
CA GLU C 454 -27.06 -32.52 -19.98
C GLU C 454 -26.85 -31.01 -19.87
N ARG C 455 -26.57 -30.52 -18.67
CA ARG C 455 -26.29 -29.09 -18.49
C ARG C 455 -25.01 -28.68 -19.21
N HIS C 456 -24.06 -29.61 -19.29
CA HIS C 456 -22.80 -29.40 -19.97
C HIS C 456 -23.01 -29.29 -21.49
N ARG C 457 -23.78 -30.24 -22.03
CA ARG C 457 -24.16 -30.21 -23.43
C ARG C 457 -24.93 -28.92 -23.76
N GLU C 458 -25.82 -28.51 -22.85
CA GLU C 458 -26.56 -27.26 -23.01
C GLU C 458 -25.62 -26.07 -23.08
N ALA C 459 -24.61 -26.05 -22.21
CA ALA C 459 -23.67 -24.94 -22.17
C ALA C 459 -22.88 -24.86 -23.47
N ILE C 460 -22.40 -26.01 -23.94
CA ILE C 460 -21.66 -26.06 -25.19
C ILE C 460 -22.49 -25.60 -26.40
N ARG C 461 -23.68 -26.19 -26.55
CA ARG C 461 -24.56 -25.86 -27.67
C ARG C 461 -24.99 -24.40 -27.62
N GLY C 462 -25.28 -23.90 -26.43
CA GLY C 462 -25.71 -22.52 -26.25
C GLY C 462 -24.61 -21.52 -26.55
N MET C 463 -23.40 -21.83 -26.06
CA MET C 463 -22.26 -20.96 -26.30
C MET C 463 -21.97 -20.86 -27.79
N ILE C 464 -21.91 -22.02 -28.44
CA ILE C 464 -21.56 -22.05 -29.85
C ILE C 464 -22.67 -21.45 -30.72
N ALA C 465 -23.93 -21.74 -30.40
CA ALA C 465 -25.06 -21.13 -31.09
C ALA C 465 -25.02 -19.61 -30.97
N ARG C 466 -24.66 -19.12 -29.79
CA ARG C 466 -24.60 -17.67 -29.56
C ARG C 466 -23.39 -17.01 -30.26
N ASP C 467 -22.28 -17.72 -30.35
CA ASP C 467 -20.99 -17.10 -30.66
C ASP C 467 -20.36 -17.53 -31.99
N LYS C 468 -21.06 -18.35 -32.76
CA LYS C 468 -20.50 -18.97 -33.97
C LYS C 468 -19.96 -17.98 -35.03
N ASN C 469 -20.59 -16.81 -35.14
CA ASN C 469 -20.26 -15.89 -36.22
C ASN C 469 -19.05 -14.99 -35.96
N HIS C 470 -18.53 -15.01 -34.74
CA HIS C 470 -17.39 -14.16 -34.41
C HIS C 470 -16.09 -14.69 -35.01
N PRO C 471 -15.45 -13.89 -35.87
CA PRO C 471 -14.14 -14.25 -36.40
C PRO C 471 -13.06 -14.31 -35.32
N CYS C 472 -13.22 -13.52 -34.25
CA CYS C 472 -12.21 -13.45 -33.20
C CYS C 472 -12.06 -14.77 -32.44
N ILE C 473 -13.14 -15.56 -32.37
CA ILE C 473 -13.10 -16.86 -31.72
C ILE C 473 -12.39 -17.89 -32.59
N VAL C 474 -11.31 -18.48 -32.10
CA VAL C 474 -10.58 -19.45 -32.90
C VAL C 474 -10.58 -20.86 -32.30
N MET C 475 -11.11 -21.00 -31.10
CA MET C 475 -11.07 -22.28 -30.41
C MET C 475 -12.09 -22.34 -29.27
N TRP C 476 -12.66 -23.52 -29.05
CA TRP C 476 -13.59 -23.74 -27.95
C TRP C 476 -12.91 -24.49 -26.81
N SER C 477 -13.18 -24.05 -25.58
CA SER C 477 -12.74 -24.79 -24.40
C SER C 477 -13.95 -25.40 -23.70
N ILE C 478 -13.94 -26.72 -23.53
CA ILE C 478 -15.10 -27.43 -22.99
C ILE C 478 -15.07 -27.58 -21.48
N ALA C 479 -13.97 -27.21 -20.84
CA ALA C 479 -13.86 -27.25 -19.38
C ALA C 479 -12.58 -26.58 -18.89
N ASN C 480 -12.60 -26.18 -17.62
CA ASN C 480 -11.38 -25.75 -16.94
C ASN C 480 -11.05 -26.62 -15.75
N GLU C 481 -9.84 -27.20 -15.78
CA GLU C 481 -9.31 -28.02 -14.70
C GLU C 481 -10.24 -29.09 -14.12
N PRO C 482 -10.80 -29.97 -14.97
CA PRO C 482 -11.54 -31.10 -14.39
C PRO C 482 -10.58 -32.20 -13.96
N GLY C 483 -11.04 -33.14 -13.15
CA GLY C 483 -10.24 -34.30 -12.79
C GLY C 483 -10.04 -35.21 -13.98
N LEU C 484 -8.79 -35.48 -14.35
CA LEU C 484 -8.49 -36.28 -15.54
C LEU C 484 -7.54 -37.45 -15.24
N ASP C 485 -6.82 -37.37 -14.13
CA ASP C 485 -5.75 -38.32 -13.85
C ASP C 485 -6.07 -39.25 -12.68
N GLY C 486 -5.08 -40.04 -12.27
CA GLY C 486 -5.22 -40.97 -11.17
C GLY C 486 -5.04 -42.40 -11.63
N ASP C 487 -5.52 -43.35 -10.84
CA ASP C 487 -5.39 -44.77 -11.17
C ASP C 487 -6.74 -45.47 -11.28
N GLY C 488 -6.69 -46.79 -11.48
CA GLY C 488 -7.90 -47.57 -11.70
C GLY C 488 -8.63 -47.13 -12.96
N GLU C 489 -9.94 -46.96 -12.83
CA GLU C 489 -10.77 -46.62 -13.98
C GLU C 489 -11.01 -45.12 -14.15
N ARG C 490 -10.49 -44.31 -13.23
CA ARG C 490 -10.77 -42.87 -13.25
C ARG C 490 -10.36 -42.12 -14.52
N PRO C 491 -9.12 -42.34 -15.02
CA PRO C 491 -8.77 -41.65 -16.27
C PRO C 491 -9.70 -42.01 -17.42
N ARG C 492 -10.09 -43.28 -17.49
CA ARG C 492 -10.98 -43.74 -18.55
C ARG C 492 -12.38 -43.15 -18.39
N GLN C 493 -12.83 -43.02 -17.15
CA GLN C 493 -14.14 -42.43 -16.88
C GLN C 493 -14.16 -40.97 -17.31
N ALA C 494 -13.07 -40.26 -16.99
CA ALA C 494 -12.93 -38.87 -17.41
C ALA C 494 -12.96 -38.78 -18.93
N TYR C 495 -12.20 -39.64 -19.59
CA TYR C 495 -12.15 -39.70 -21.04
C TYR C 495 -13.52 -39.94 -21.67
N ASP C 496 -14.25 -40.93 -21.15
CA ASP C 496 -15.55 -41.30 -21.68
C ASP C 496 -16.56 -40.18 -21.43
N TYR C 497 -16.34 -39.39 -20.38
CA TYR C 497 -17.19 -38.23 -20.17
C TYR C 497 -16.91 -37.12 -21.18
N PHE C 498 -15.63 -36.83 -21.42
CA PHE C 498 -15.28 -35.65 -22.20
C PHE C 498 -15.23 -35.82 -23.73
N ARG C 499 -14.93 -37.02 -24.22
CA ARG C 499 -14.90 -37.22 -25.68
C ARG C 499 -16.20 -36.85 -26.43
N PRO C 500 -17.37 -37.30 -25.93
CA PRO C 500 -18.57 -36.89 -26.68
C PRO C 500 -18.84 -35.40 -26.63
N LEU C 501 -18.32 -34.72 -25.62
CA LEU C 501 -18.46 -33.27 -25.51
C LEU C 501 -17.50 -32.60 -26.49
N TYR C 502 -16.32 -33.18 -26.63
CA TYR C 502 -15.39 -32.80 -27.69
C TYR C 502 -16.05 -32.92 -29.06
N GLU C 503 -16.69 -34.06 -29.32
CA GLU C 503 -17.34 -34.30 -30.59
C GLU C 503 -18.52 -33.37 -30.79
N LEU C 504 -19.26 -33.11 -29.71
CA LEU C 504 -20.40 -32.20 -29.75
C LEU C 504 -19.99 -30.78 -30.14
N ALA C 505 -18.89 -30.31 -29.59
CA ALA C 505 -18.39 -28.97 -29.88
C ALA C 505 -18.00 -28.86 -31.35
N HIS C 506 -17.43 -29.93 -31.90
CA HIS C 506 -17.08 -29.96 -33.32
C HIS C 506 -18.31 -29.99 -34.24
N ALA C 507 -19.33 -30.75 -33.84
CA ALA C 507 -20.54 -30.87 -34.66
C ALA C 507 -21.42 -29.62 -34.59
N SER C 508 -21.34 -28.89 -33.49
CA SER C 508 -22.20 -27.74 -33.25
C SER C 508 -21.73 -26.50 -33.99
N ASP C 509 -20.42 -26.44 -34.23
CA ASP C 509 -19.80 -25.30 -34.88
C ASP C 509 -19.70 -25.47 -36.39
N PRO C 510 -20.45 -24.66 -37.14
CA PRO C 510 -20.41 -24.73 -38.61
C PRO C 510 -19.03 -24.41 -39.17
N GLN C 511 -18.21 -23.68 -38.40
CA GLN C 511 -16.84 -23.39 -38.82
C GLN C 511 -15.87 -24.51 -38.42
N ASN C 512 -16.33 -25.39 -37.54
CA ASN C 512 -15.52 -26.52 -37.07
C ASN C 512 -14.14 -26.11 -36.53
N ARG C 513 -14.11 -25.12 -35.64
CA ARG C 513 -12.87 -24.69 -35.01
C ARG C 513 -12.27 -25.79 -34.11
N PRO C 514 -10.96 -25.71 -33.84
CA PRO C 514 -10.31 -26.62 -32.90
C PRO C 514 -11.00 -26.61 -31.54
N VAL C 515 -10.91 -27.73 -30.83
CA VAL C 515 -11.57 -27.86 -29.53
C VAL C 515 -10.54 -28.29 -28.50
N THR C 516 -10.53 -27.63 -27.36
CA THR C 516 -9.58 -27.97 -26.31
C THR C 516 -10.26 -28.15 -24.97
N LEU C 517 -9.45 -28.55 -23.98
CA LEU C 517 -9.87 -28.69 -22.60
C LEU C 517 -8.71 -28.16 -21.78
N VAL C 518 -8.97 -27.19 -20.90
CA VAL C 518 -7.89 -26.59 -20.13
C VAL C 518 -7.56 -27.48 -18.94
N CYS C 519 -6.31 -27.95 -18.89
CA CYS C 519 -5.91 -28.99 -17.95
C CYS C 519 -5.19 -28.44 -16.71
N CYS C 520 -5.66 -28.81 -15.52
CA CYS C 520 -4.97 -28.43 -14.29
C CYS C 520 -3.63 -29.12 -14.20
N GLN C 521 -2.75 -28.57 -13.37
CA GLN C 521 -1.50 -29.24 -13.03
C GLN C 521 -1.82 -30.61 -12.45
N ASN C 522 -1.43 -31.66 -13.16
CA ASN C 522 -1.75 -33.01 -12.73
C ASN C 522 -0.67 -34.02 -13.10
N ASP C 523 -0.95 -35.30 -12.82
CA ASP C 523 -0.08 -36.36 -13.28
C ASP C 523 -0.37 -36.58 -14.76
N TYR C 524 0.45 -35.96 -15.60
CA TYR C 524 0.30 -36.03 -17.05
C TYR C 524 0.51 -37.44 -17.60
N THR C 525 1.13 -38.31 -16.81
CA THR C 525 1.37 -39.68 -17.24
C THR C 525 0.13 -40.57 -17.12
N THR C 526 -0.79 -40.21 -16.23
CA THR C 526 -2.03 -40.99 -16.07
C THR C 526 -3.25 -40.30 -16.71
N ASP C 527 -3.12 -38.99 -16.96
CA ASP C 527 -4.12 -38.26 -17.74
C ASP C 527 -4.09 -38.80 -19.17
N ILE C 528 -5.22 -39.33 -19.65
CA ILE C 528 -5.28 -39.84 -21.02
C ILE C 528 -6.25 -39.04 -21.88
N THR C 529 -6.78 -37.95 -21.32
CA THR C 529 -7.80 -37.15 -22.02
C THR C 529 -7.18 -35.94 -22.70
N GLU C 530 -6.38 -35.19 -21.96
CA GLU C 530 -5.79 -33.94 -22.45
C GLU C 530 -5.01 -34.09 -23.76
N ARG C 531 -4.25 -35.17 -23.87
CA ARG C 531 -3.43 -35.42 -25.06
C ARG C 531 -4.25 -35.64 -26.33
N THR C 532 -5.56 -35.83 -26.17
CA THR C 532 -6.43 -36.09 -27.32
C THR C 532 -7.15 -34.85 -27.83
N MET C 533 -6.91 -33.70 -27.21
CA MET C 533 -7.52 -32.46 -27.66
C MET C 533 -6.79 -31.93 -28.91
N ASP C 534 -7.41 -31.00 -29.62
CA ASP C 534 -6.84 -30.47 -30.86
C ASP C 534 -5.63 -29.60 -30.54
N VAL C 535 -5.75 -28.82 -29.48
CA VAL C 535 -4.61 -28.11 -28.91
C VAL C 535 -4.52 -28.48 -27.42
N VAL C 536 -3.32 -28.81 -26.99
CA VAL C 536 -3.08 -29.10 -25.58
C VAL C 536 -2.91 -27.78 -24.83
N CYS C 537 -3.86 -27.48 -23.95
CA CYS C 537 -3.86 -26.24 -23.18
C CYS C 537 -3.61 -26.57 -21.70
N ILE C 538 -2.47 -26.14 -21.18
CA ILE C 538 -2.11 -26.53 -19.83
C ILE C 538 -1.96 -25.36 -18.86
N ASN C 539 -2.43 -25.59 -17.64
CA ASN C 539 -2.22 -24.69 -16.51
C ASN C 539 -1.11 -25.26 -15.64
N ARG C 540 -0.02 -24.53 -15.48
CA ARG C 540 1.12 -25.03 -14.71
C ARG C 540 1.66 -23.96 -13.78
N TYR C 541 1.87 -24.35 -12.52
CA TYR C 541 2.33 -23.41 -11.52
C TYR C 541 3.60 -23.90 -10.83
N TYR C 542 4.52 -24.44 -11.62
CA TYR C 542 5.85 -24.77 -11.13
C TYR C 542 6.52 -23.54 -10.54
N GLY C 543 7.03 -23.67 -9.32
CA GLY C 543 7.66 -22.55 -8.64
C GLY C 543 6.73 -21.73 -7.77
N TRP C 544 5.42 -21.95 -7.90
CA TRP C 544 4.49 -21.26 -7.02
C TRP C 544 3.80 -22.24 -6.05
N TYR C 545 2.94 -23.11 -6.59
CA TYR C 545 2.23 -24.09 -5.75
C TYR C 545 3.12 -25.29 -5.44
N ASN C 546 4.23 -25.43 -6.15
CA ASN C 546 5.22 -26.46 -5.85
C ASN C 546 6.60 -25.89 -6.08
N LEU C 547 7.62 -26.50 -5.48
CA LEU C 547 8.99 -26.01 -5.59
C LEU C 547 9.03 -24.50 -5.34
N SER C 548 8.34 -24.07 -4.29
CA SER C 548 7.95 -22.68 -4.11
C SER C 548 9.14 -21.74 -3.98
N GLY C 549 9.18 -20.74 -4.86
CA GLY C 549 10.24 -19.74 -4.85
C GLY C 549 11.55 -20.20 -5.47
N ASP C 550 11.62 -21.46 -5.85
CA ASP C 550 12.84 -22.02 -6.45
C ASP C 550 12.68 -22.09 -7.96
N LEU C 551 13.15 -21.07 -8.66
CA LEU C 551 12.91 -20.97 -10.10
C LEU C 551 13.78 -21.92 -10.92
N ASP C 552 14.97 -22.25 -10.41
CA ASP C 552 15.82 -23.25 -11.07
C ASP C 552 15.11 -24.60 -11.11
N ALA C 553 14.67 -25.05 -9.95
CA ALA C 553 13.99 -26.34 -9.83
C ALA C 553 12.68 -26.31 -10.61
N ALA C 554 11.99 -25.18 -10.57
CA ALA C 554 10.74 -25.01 -11.29
C ALA C 554 10.94 -25.17 -12.80
N CYS C 555 12.02 -24.58 -13.32
CA CYS C 555 12.33 -24.69 -14.74
C CYS C 555 12.78 -26.11 -15.10
N HIS C 556 13.47 -26.77 -14.18
CA HIS C 556 13.90 -28.15 -14.38
C HIS C 556 12.66 -29.06 -14.52
N ALA C 557 11.72 -28.91 -13.60
CA ALA C 557 10.49 -29.70 -13.62
C ALA C 557 9.65 -29.41 -14.87
N LEU C 558 9.50 -28.11 -15.17
CA LEU C 558 8.79 -27.70 -16.37
C LEU C 558 9.40 -28.37 -17.60
N ASN C 559 10.72 -28.38 -17.68
CA ASN C 559 11.41 -28.98 -18.81
C ASN C 559 11.19 -30.49 -18.89
N ILE C 560 11.10 -31.16 -17.74
CA ILE C 560 10.75 -32.58 -17.75
C ILE C 560 9.36 -32.82 -18.38
N GLU C 561 8.35 -32.04 -17.94
CA GLU C 561 7.03 -32.24 -18.53
C GLU C 561 6.99 -31.84 -20.01
N LEU C 562 7.76 -30.80 -20.35
CA LEU C 562 7.87 -30.38 -21.74
C LEU C 562 8.48 -31.49 -22.59
N ASP C 563 9.42 -32.23 -22.01
CA ASP C 563 9.98 -33.38 -22.72
C ASP C 563 8.89 -34.42 -22.98
N PHE C 564 8.00 -34.61 -22.00
CA PHE C 564 6.82 -35.48 -22.24
C PHE C 564 5.93 -35.00 -23.42
N TRP C 565 5.55 -33.73 -23.37
CA TRP C 565 4.66 -33.20 -24.41
C TRP C 565 5.33 -33.15 -25.78
N GLU C 566 6.66 -33.07 -25.77
CA GLU C 566 7.42 -33.08 -27.01
C GLU C 566 7.18 -34.38 -27.77
N ASN C 567 7.06 -35.47 -27.01
CA ASN C 567 6.82 -36.77 -27.59
C ASN C 567 5.35 -36.98 -27.92
N ILE C 568 4.45 -36.31 -27.21
CA ILE C 568 3.03 -36.43 -27.58
C ILE C 568 2.76 -35.94 -29.02
N GLY C 569 3.47 -34.90 -29.45
CA GLY C 569 3.36 -34.41 -30.82
C GLY C 569 2.17 -33.51 -31.12
N LYS C 570 1.57 -32.96 -30.07
CA LYS C 570 0.48 -32.01 -30.23
C LYS C 570 0.99 -30.58 -30.07
N PRO C 571 0.29 -29.61 -30.69
CA PRO C 571 0.63 -28.22 -30.35
C PRO C 571 0.25 -27.93 -28.91
N VAL C 572 1.09 -27.23 -28.17
CA VAL C 572 0.89 -27.03 -26.74
C VAL C 572 1.00 -25.56 -26.38
N MET C 573 0.12 -25.08 -25.50
CA MET C 573 0.23 -23.71 -25.00
C MET C 573 -0.11 -23.62 -23.52
N PHE C 574 0.47 -22.63 -22.86
CA PHE C 574 0.04 -22.26 -21.51
C PHE C 574 -1.31 -21.58 -21.62
N THR C 575 -2.24 -21.95 -20.74
CA THR C 575 -3.47 -21.16 -20.59
C THR C 575 -3.49 -20.53 -19.20
N GLU C 576 -2.64 -21.03 -18.31
CA GLU C 576 -2.43 -20.41 -17.01
C GLU C 576 -1.02 -20.66 -16.48
N TYR C 577 -0.43 -19.61 -15.93
CA TYR C 577 0.76 -19.69 -15.08
C TYR C 577 1.02 -18.31 -14.51
N GLY C 578 1.50 -18.25 -13.27
CA GLY C 578 1.72 -16.97 -12.64
C GLY C 578 1.95 -17.05 -11.15
N ALA C 579 1.88 -15.91 -10.49
CA ALA C 579 2.26 -15.79 -9.09
C ALA C 579 1.51 -14.64 -8.46
N ASP C 580 0.94 -14.88 -7.28
CA ASP C 580 0.24 -13.81 -6.57
C ASP C 580 1.23 -12.71 -6.24
N THR C 581 0.81 -11.48 -6.46
CA THR C 581 1.70 -10.34 -6.42
C THR C 581 1.01 -9.10 -5.88
N ILE C 582 1.50 -8.59 -4.75
CA ILE C 582 0.95 -7.37 -4.18
C ILE C 582 1.75 -6.18 -4.69
N GLU C 583 1.11 -5.31 -5.47
CA GLU C 583 1.80 -4.13 -5.98
C GLU C 583 2.35 -3.31 -4.83
N GLY C 584 3.61 -2.90 -4.95
CA GLY C 584 4.28 -2.13 -3.90
C GLY C 584 5.18 -2.94 -2.99
N ILE C 585 5.02 -4.27 -3.02
CA ILE C 585 5.97 -5.13 -2.32
C ILE C 585 7.17 -5.36 -3.22
N HIS C 586 8.35 -4.99 -2.74
CA HIS C 586 9.56 -5.01 -3.55
C HIS C 586 10.71 -5.69 -2.80
N GLY C 587 11.63 -6.28 -3.55
CA GLY C 587 12.85 -6.83 -2.98
C GLY C 587 13.96 -6.84 -4.03
N THR C 588 15.20 -6.69 -3.57
CA THR C 588 16.35 -6.79 -4.47
C THR C 588 16.48 -8.22 -4.98
N HIS C 589 16.13 -9.16 -4.11
CA HIS C 589 15.99 -10.55 -4.51
C HIS C 589 14.55 -10.96 -4.25
N GLY C 590 13.75 -10.85 -5.30
CA GLY C 590 12.31 -10.98 -5.22
C GLY C 590 11.83 -12.29 -4.63
N GLU C 591 11.09 -12.20 -3.56
CA GLU C 591 10.48 -13.38 -2.96
C GLU C 591 8.99 -13.39 -3.27
N MET C 592 8.35 -14.53 -3.06
CA MET C 592 6.93 -14.70 -3.38
C MET C 592 6.05 -13.59 -2.81
N PHE C 593 5.22 -13.03 -3.70
CA PHE C 593 4.31 -11.88 -3.50
C PHE C 593 4.95 -10.54 -3.87
N SER C 594 6.26 -10.49 -4.07
CA SER C 594 6.89 -9.26 -4.55
C SER C 594 6.72 -9.11 -6.06
N GLU C 595 6.76 -7.87 -6.56
CA GLU C 595 6.68 -7.59 -7.99
C GLU C 595 7.82 -8.21 -8.77
N GLU C 596 9.01 -8.12 -8.17
CA GLU C 596 10.21 -8.66 -8.77
C GLU C 596 10.06 -10.15 -8.99
N PHE C 597 9.48 -10.86 -8.03
CA PHE C 597 9.33 -12.32 -8.18
C PHE C 597 8.41 -12.67 -9.34
N GLN C 598 7.29 -11.96 -9.49
CA GLN C 598 6.39 -12.21 -10.61
C GLN C 598 7.12 -12.00 -11.95
N ARG C 599 7.86 -10.90 -11.99
CA ARG C 599 8.68 -10.57 -13.15
C ARG C 599 9.69 -11.68 -13.50
N ASP C 600 10.48 -12.07 -12.51
CA ASP C 600 11.49 -13.12 -12.66
C ASP C 600 10.83 -14.42 -13.09
N TYR C 601 9.64 -14.68 -12.54
CA TYR C 601 8.89 -15.88 -12.82
C TYR C 601 8.63 -16.00 -14.30
N TYR C 602 8.01 -14.96 -14.86
CA TYR C 602 7.71 -15.01 -16.29
C TYR C 602 8.99 -15.02 -17.14
N ALA C 603 10.02 -14.32 -16.69
CA ALA C 603 11.28 -14.31 -17.44
C ALA C 603 11.87 -15.71 -17.60
N ARG C 604 11.96 -16.43 -16.47
CA ARG C 604 12.54 -17.76 -16.48
C ARG C 604 11.68 -18.77 -17.27
N ILE C 605 10.38 -18.77 -16.97
CA ILE C 605 9.49 -19.75 -17.60
C ILE C 605 9.44 -19.55 -19.12
N ASN C 606 9.28 -18.29 -19.53
CA ASN C 606 9.19 -17.98 -20.96
C ASN C 606 10.51 -18.26 -21.67
N ALA C 607 11.62 -18.08 -20.94
CA ALA C 607 12.92 -18.43 -21.50
C ALA C 607 12.94 -19.92 -21.80
N GLU C 608 12.31 -20.72 -20.94
CA GLU C 608 12.24 -22.15 -21.22
C GLU C 608 11.31 -22.55 -22.38
N ILE C 609 10.10 -21.98 -22.44
CA ILE C 609 9.20 -22.40 -23.52
C ILE C 609 9.64 -21.88 -24.90
N ASP C 610 10.45 -20.82 -24.93
CA ASP C 610 10.98 -20.32 -26.21
C ASP C 610 11.83 -21.36 -26.96
N LYS C 611 12.33 -22.36 -26.25
CA LYS C 611 13.17 -23.40 -26.87
C LYS C 611 12.37 -24.51 -27.54
N ARG C 612 11.04 -24.45 -27.43
CA ARG C 612 10.19 -25.52 -27.95
C ARG C 612 9.36 -25.04 -29.14
N PRO C 613 9.68 -25.54 -30.34
CA PRO C 613 9.02 -25.13 -31.58
C PRO C 613 7.55 -25.50 -31.61
N TRP C 614 7.19 -26.53 -30.86
CA TRP C 614 5.82 -27.01 -30.79
C TRP C 614 4.98 -26.30 -29.74
N PHE C 615 5.61 -25.41 -28.97
CA PHE C 615 4.89 -24.62 -27.97
C PHE C 615 4.39 -23.34 -28.64
N ILE C 616 3.09 -23.30 -28.90
CA ILE C 616 2.49 -22.32 -29.80
C ILE C 616 1.77 -21.16 -29.11
N GLY C 617 1.89 -21.06 -27.79
CA GLY C 617 1.25 -19.96 -27.10
C GLY C 617 1.54 -19.82 -25.62
N GLU C 618 1.41 -18.58 -25.16
CA GLU C 618 1.58 -18.28 -23.74
C GLU C 618 0.43 -17.40 -23.27
N GLN C 619 -0.54 -18.02 -22.61
CA GLN C 619 -1.58 -17.26 -21.93
C GLN C 619 -1.36 -17.44 -20.44
N LEU C 620 -1.06 -16.33 -19.76
CA LEU C 620 -0.78 -16.37 -18.34
C LEU C 620 -2.04 -16.22 -17.49
N TRP C 621 -1.85 -16.33 -16.17
CA TRP C 621 -2.89 -16.06 -15.20
C TRP C 621 -2.37 -15.01 -14.23
N ASN C 622 -3.03 -13.85 -14.14
CA ASN C 622 -4.24 -13.47 -14.87
C ASN C 622 -4.03 -12.09 -15.49
N PHE C 623 -4.93 -11.68 -16.37
CA PHE C 623 -4.95 -10.30 -16.88
C PHE C 623 -4.96 -9.26 -15.75
N ALA C 624 -5.86 -9.45 -14.79
CA ALA C 624 -6.00 -8.49 -13.69
C ALA C 624 -6.48 -9.19 -12.41
N ASP C 625 -6.01 -8.69 -11.26
CA ASP C 625 -6.50 -9.17 -9.96
C ASP C 625 -8.02 -9.16 -9.92
N PHE C 626 -8.61 -10.18 -9.31
CA PHE C 626 -10.07 -10.32 -9.29
C PHE C 626 -10.56 -10.87 -7.95
N ALA C 627 -11.86 -10.71 -7.69
CA ALA C 627 -12.45 -11.11 -6.41
C ALA C 627 -12.65 -12.62 -6.31
N THR C 628 -12.34 -13.16 -5.13
CA THR C 628 -12.59 -14.56 -4.83
C THR C 628 -13.32 -14.72 -3.50
N PHE C 629 -13.75 -15.94 -3.22
CA PHE C 629 -14.16 -16.34 -1.89
C PHE C 629 -12.98 -16.11 -0.94
N GLN C 630 -13.25 -15.66 0.28
CA GLN C 630 -12.17 -15.34 1.20
C GLN C 630 -11.48 -16.59 1.75
N GLY C 631 -10.18 -16.49 2.01
CA GLY C 631 -9.38 -17.61 2.49
C GLY C 631 -7.95 -17.18 2.75
N ILE C 632 -7.17 -18.07 3.35
CA ILE C 632 -5.82 -17.74 3.81
C ILE C 632 -4.81 -17.54 2.69
N ILE C 633 -5.14 -17.95 1.46
CA ILE C 633 -4.23 -17.73 0.34
C ILE C 633 -4.71 -16.63 -0.61
N ARG C 634 -5.83 -15.99 -0.26
CA ARG C 634 -6.41 -14.96 -1.12
C ARG C 634 -6.34 -13.58 -0.47
N VAL C 635 -5.34 -12.81 -0.86
CA VAL C 635 -5.13 -11.47 -0.30
C VAL C 635 -6.03 -10.46 -1.00
N GLU C 636 -7.22 -10.29 -0.44
CA GLU C 636 -8.31 -9.56 -1.09
C GLU C 636 -8.51 -10.10 -2.51
N GLY C 637 -8.75 -11.40 -2.59
CA GLY C 637 -8.97 -12.08 -3.85
C GLY C 637 -7.70 -12.65 -4.45
N ASN C 638 -7.76 -12.94 -5.74
CA ASN C 638 -6.64 -13.49 -6.48
C ASN C 638 -5.73 -12.38 -6.97
N ARG C 639 -4.44 -12.46 -6.64
CA ARG C 639 -3.51 -11.39 -6.98
C ARG C 639 -2.46 -11.83 -8.01
N LYS C 640 -2.81 -12.80 -8.85
CA LYS C 640 -1.93 -13.22 -9.94
C LYS C 640 -2.05 -12.34 -11.17
N GLY C 641 -2.86 -11.29 -11.07
CA GLY C 641 -2.96 -10.32 -12.14
C GLY C 641 -1.64 -9.66 -12.41
N ILE C 642 -1.32 -9.45 -13.70
CA ILE C 642 -0.17 -8.65 -14.07
C ILE C 642 -0.59 -7.20 -14.01
N LEU C 643 -1.90 -6.98 -14.01
CA LEU C 643 -2.48 -5.68 -13.69
C LEU C 643 -3.25 -5.77 -12.37
N THR C 644 -3.32 -4.67 -11.64
CA THR C 644 -4.19 -4.58 -10.47
C THR C 644 -5.66 -4.65 -10.92
N ARG C 645 -6.56 -4.76 -9.95
CA ARG C 645 -8.00 -4.80 -10.25
C ARG C 645 -8.46 -3.49 -10.88
N ASP C 646 -7.71 -2.42 -10.62
CA ASP C 646 -7.97 -1.12 -11.23
C ASP C 646 -7.19 -0.94 -12.53
N ARG C 647 -6.65 -2.04 -13.03
CA ARG C 647 -5.97 -2.11 -14.33
C ARG C 647 -4.67 -1.31 -14.38
N GLN C 648 -3.95 -1.25 -13.27
CA GLN C 648 -2.65 -0.59 -13.23
C GLN C 648 -1.54 -1.63 -13.33
N PRO C 649 -0.49 -1.32 -14.09
CA PRO C 649 0.55 -2.31 -14.44
C PRO C 649 1.57 -2.56 -13.33
N LYS C 650 1.68 -3.83 -12.93
CA LYS C 650 2.77 -4.26 -12.05
C LYS C 650 4.03 -4.41 -12.91
N MET C 651 5.18 -4.52 -12.27
CA MET C 651 6.47 -4.67 -12.96
C MET C 651 6.43 -5.74 -14.05
N ALA C 652 5.80 -6.86 -13.74
CA ALA C 652 5.67 -7.96 -14.69
C ALA C 652 4.95 -7.52 -15.96
N ALA C 653 3.94 -6.67 -15.82
CA ALA C 653 3.22 -6.15 -16.97
C ALA C 653 4.14 -5.38 -17.93
N HIS C 654 5.02 -4.56 -17.38
CA HIS C 654 5.98 -3.82 -18.20
C HIS C 654 6.96 -4.77 -18.89
N TRP C 655 7.44 -5.75 -18.13
CA TRP C 655 8.38 -6.71 -18.69
C TRP C 655 7.74 -7.48 -19.85
N LEU C 656 6.52 -7.94 -19.63
CA LEU C 656 5.78 -8.68 -20.63
C LEU C 656 5.45 -7.84 -21.85
N ARG C 657 5.12 -6.57 -21.62
CA ARG C 657 4.88 -5.63 -22.71
C ARG C 657 6.11 -5.56 -23.61
N GLU C 658 7.27 -5.41 -22.98
CA GLU C 658 8.54 -5.39 -23.71
C GLU C 658 8.79 -6.69 -24.48
N ARG C 659 8.56 -7.83 -23.83
CA ARG C 659 8.74 -9.12 -24.48
C ARG C 659 7.80 -9.32 -25.68
N TRP C 660 6.52 -9.02 -25.49
CA TRP C 660 5.48 -9.27 -26.48
C TRP C 660 5.61 -8.32 -27.66
N ALA C 661 6.19 -7.15 -27.42
CA ALA C 661 6.44 -6.22 -28.51
C ALA C 661 7.38 -6.81 -29.56
N GLY C 662 8.25 -7.73 -29.15
CA GLY C 662 9.20 -8.33 -30.06
C GLY C 662 8.79 -9.68 -30.61
N ILE C 663 7.55 -10.07 -30.34
CA ILE C 663 7.02 -11.34 -30.81
C ILE C 663 5.88 -11.12 -31.80
N PRO C 664 6.08 -11.54 -33.06
CA PRO C 664 5.08 -11.35 -34.11
C PRO C 664 3.92 -12.32 -33.99
N ASP C 665 2.73 -11.91 -34.40
CA ASP C 665 1.55 -12.77 -34.36
C ASP C 665 1.76 -14.02 -35.21
N TYR C 666 2.43 -13.87 -36.35
CA TYR C 666 2.73 -14.98 -37.26
C TYR C 666 4.23 -15.23 -37.41
N GLY C 667 4.61 -16.50 -37.44
CA GLY C 667 5.98 -16.85 -37.81
C GLY C 667 7.00 -16.82 -36.69
N TYR C 668 6.54 -16.66 -35.45
CA TYR C 668 7.44 -16.67 -34.29
C TYR C 668 8.14 -18.03 -34.25
N LYS C 669 7.40 -19.09 -34.57
CA LYS C 669 7.94 -20.43 -34.59
C LYS C 669 7.64 -21.15 -35.91
N ASN D 1 -37.96 25.47 -22.29
CA ASN D 1 -37.32 25.56 -20.97
C ASN D 1 -37.33 24.23 -20.22
N GLY D 2 -38.44 23.51 -20.32
CA GLY D 2 -38.58 22.23 -19.64
C GLY D 2 -37.70 21.14 -20.24
N MET D 3 -37.08 20.35 -19.36
CA MET D 3 -36.27 19.21 -19.78
C MET D 3 -36.62 17.94 -19.01
N LEU D 4 -37.88 17.53 -19.12
CA LEU D 4 -38.36 16.30 -18.46
C LEU D 4 -37.61 15.09 -19.01
N TYR D 5 -37.18 14.17 -18.13
CA TYR D 5 -36.47 13.00 -18.62
C TYR D 5 -37.39 12.16 -19.50
N PRO D 6 -36.87 11.71 -20.67
CA PRO D 6 -37.63 10.90 -21.61
C PRO D 6 -38.33 9.72 -20.94
N GLN D 7 -39.59 9.53 -21.30
CA GLN D 7 -40.46 8.56 -20.65
C GLN D 7 -41.16 7.73 -21.71
N SER D 8 -41.33 6.44 -21.44
CA SER D 8 -42.09 5.58 -22.34
C SER D 8 -43.46 5.26 -21.77
N ASN D 9 -44.49 5.45 -22.58
CA ASN D 9 -45.85 5.11 -22.20
C ASN D 9 -46.65 4.84 -23.47
N ASP D 10 -47.98 4.98 -23.40
CA ASP D 10 -48.81 4.61 -24.53
C ASP D 10 -48.70 5.58 -25.71
N SER D 11 -48.29 6.82 -25.44
CA SER D 11 -48.13 7.82 -26.49
C SER D 11 -46.67 8.21 -26.76
N ARG D 12 -45.74 7.63 -26.00
CA ARG D 12 -44.32 8.01 -26.11
C ARG D 12 -43.39 6.81 -26.08
N ILE D 13 -42.34 6.84 -26.89
CA ILE D 13 -41.33 5.80 -26.83
C ILE D 13 -39.92 6.39 -26.74
N VAL D 14 -39.06 5.71 -25.98
CA VAL D 14 -37.66 6.08 -25.87
C VAL D 14 -36.77 5.00 -26.49
N PHE D 15 -35.87 5.44 -27.35
CA PHE D 15 -34.88 4.59 -28.00
C PHE D 15 -33.48 5.02 -27.62
N PRO D 16 -32.88 4.31 -26.65
CA PRO D 16 -31.53 4.62 -26.17
C PRO D 16 -30.47 4.45 -27.27
N LEU D 17 -29.47 5.33 -27.27
CA LEU D 17 -28.41 5.28 -28.27
C LEU D 17 -27.06 5.02 -27.61
N ASP D 18 -27.10 4.52 -26.37
CA ASP D 18 -25.90 4.13 -25.66
C ASP D 18 -25.26 2.90 -26.29
N GLY D 19 -24.01 2.65 -25.95
CA GLY D 19 -23.31 1.46 -26.43
C GLY D 19 -21.89 1.79 -26.85
N VAL D 20 -21.34 0.96 -27.72
CA VAL D 20 -19.98 1.17 -28.21
C VAL D 20 -19.99 1.96 -29.53
N TRP D 21 -19.57 3.22 -29.45
CA TRP D 21 -19.51 4.09 -30.62
C TRP D 21 -18.14 4.08 -31.29
N ASP D 22 -18.11 4.72 -32.45
CA ASP D 22 -16.87 5.05 -33.14
C ASP D 22 -16.35 6.38 -32.61
N PHE D 23 -15.03 6.57 -32.68
CA PHE D 23 -14.39 7.68 -32.00
C PHE D 23 -13.07 8.02 -32.67
N ARG D 24 -12.78 9.32 -32.82
CA ARG D 24 -11.47 9.76 -33.28
C ARG D 24 -11.06 11.01 -32.52
N THR D 25 -9.77 11.13 -32.19
CA THR D 25 -9.30 12.42 -31.68
C THR D 25 -9.19 13.40 -32.85
N ALA D 26 -9.33 14.68 -32.55
CA ALA D 26 -9.21 15.70 -33.59
C ALA D 26 -8.23 16.79 -33.16
N GLY D 27 -8.39 18.00 -33.70
CA GLY D 27 -7.40 19.04 -33.48
C GLY D 27 -7.56 19.83 -32.20
N GLU D 28 -6.55 20.62 -31.87
CA GLU D 28 -6.57 21.48 -30.69
C GLU D 28 -7.67 22.54 -30.76
N ASP D 29 -7.99 23.00 -31.96
CA ASP D 29 -9.06 23.98 -32.13
C ASP D 29 -9.91 23.78 -33.39
N SER D 30 -9.86 22.58 -33.96
CA SER D 30 -10.71 22.26 -35.11
C SER D 30 -10.90 20.75 -35.27
N TYR D 31 -11.86 20.38 -36.11
CA TYR D 31 -12.06 18.99 -36.49
C TYR D 31 -12.59 18.98 -37.92
N PRO D 32 -12.33 17.89 -38.66
CA PRO D 32 -12.86 17.80 -40.03
C PRO D 32 -14.38 17.67 -40.04
N ALA D 33 -15.08 18.68 -40.56
CA ALA D 33 -16.54 18.65 -40.58
C ALA D 33 -17.10 17.56 -41.50
N GLU D 34 -16.30 17.17 -42.48
CA GLU D 34 -16.74 16.18 -43.47
C GLU D 34 -16.83 14.78 -42.87
N TRP D 35 -16.31 14.64 -41.66
CA TRP D 35 -16.47 13.40 -40.90
C TRP D 35 -17.94 13.16 -40.58
N ALA D 36 -18.75 14.21 -40.67
CA ALA D 36 -20.18 14.07 -40.43
C ALA D 36 -20.90 13.49 -41.65
N ASP D 37 -20.19 13.40 -42.77
CA ASP D 37 -20.82 13.00 -44.03
C ASP D 37 -20.65 11.51 -44.32
N ALA D 38 -19.73 10.87 -43.61
CA ALA D 38 -19.38 9.48 -43.89
C ALA D 38 -18.85 8.81 -42.62
N PRO D 39 -18.77 7.47 -42.61
CA PRO D 39 -18.18 6.78 -41.45
C PRO D 39 -16.80 7.33 -41.09
N LEU D 40 -16.52 7.48 -39.80
CA LEU D 40 -15.19 7.93 -39.37
C LEU D 40 -14.12 6.99 -39.93
N PRO D 41 -13.06 7.57 -40.49
CA PRO D 41 -11.95 6.72 -40.93
C PRO D 41 -11.17 6.15 -39.74
N GLU D 42 -10.82 4.87 -39.83
CA GLU D 42 -10.04 4.17 -38.80
C GLU D 42 -10.46 4.50 -37.36
N PRO D 43 -11.73 4.24 -37.02
CA PRO D 43 -12.26 4.67 -35.73
C PRO D 43 -11.79 3.79 -34.57
N LEU D 44 -11.69 4.40 -33.40
CA LEU D 44 -11.49 3.70 -32.14
C LEU D 44 -12.85 3.39 -31.55
N PRO D 45 -12.94 2.34 -30.73
CA PRO D 45 -14.18 2.12 -30.00
C PRO D 45 -14.25 3.03 -28.77
N MET D 46 -15.45 3.48 -28.42
CA MET D 46 -15.63 4.29 -27.23
C MET D 46 -17.02 4.05 -26.67
N ALA D 47 -17.09 3.51 -25.45
CA ALA D 47 -18.37 3.19 -24.85
C ALA D 47 -19.05 4.47 -24.37
N VAL D 48 -20.37 4.60 -24.61
CA VAL D 48 -20.99 5.78 -24.05
C VAL D 48 -22.34 5.63 -23.34
N PRO D 49 -22.27 5.74 -22.02
CA PRO D 49 -22.10 7.07 -21.46
C PRO D 49 -20.70 6.92 -20.85
N GLY D 50 -19.91 7.98 -20.70
CA GLY D 50 -18.58 7.78 -20.13
C GLY D 50 -17.55 8.81 -20.57
N SER D 51 -16.57 9.08 -19.72
CA SER D 51 -15.44 9.90 -20.15
C SER D 51 -14.59 9.09 -21.13
N TYR D 52 -13.98 9.75 -22.11
CA TYR D 52 -13.15 9.06 -23.09
C TYR D 52 -11.72 8.91 -22.59
N ASN D 53 -11.34 9.70 -21.59
CA ASN D 53 -9.93 9.86 -21.20
C ASN D 53 -9.29 8.58 -20.68
N ASP D 54 -10.05 7.76 -19.95
CA ASP D 54 -9.52 6.53 -19.39
C ASP D 54 -9.98 5.27 -20.13
N GLN D 55 -10.45 5.44 -21.37
CA GLN D 55 -10.90 4.31 -22.18
C GLN D 55 -9.93 3.87 -23.27
N ASN D 56 -8.70 4.36 -23.22
CA ASN D 56 -7.67 3.90 -24.16
C ASN D 56 -6.26 4.14 -23.64
N ASP D 57 -5.64 3.07 -23.16
CA ASP D 57 -4.31 3.16 -22.56
C ASP D 57 -3.18 3.16 -23.60
N GLU D 58 -3.51 2.94 -24.87
CA GLU D 58 -2.50 3.10 -25.92
C GLU D 58 -2.21 4.57 -26.15
N LEU D 59 -3.25 5.37 -26.01
CA LEU D 59 -3.14 6.81 -26.15
C LEU D 59 -3.09 7.43 -24.77
N ASN D 60 -2.74 8.71 -24.70
CA ASN D 60 -2.77 9.43 -23.44
C ASN D 60 -3.86 10.49 -23.52
N LEU D 61 -5.11 10.03 -23.49
CA LEU D 61 -6.25 10.92 -23.72
C LEU D 61 -6.47 11.89 -22.57
N ARG D 62 -5.87 11.62 -21.43
CA ARG D 62 -5.88 12.58 -20.32
C ARG D 62 -5.14 13.85 -20.72
N ALA D 63 -4.16 13.72 -21.62
CA ALA D 63 -3.40 14.86 -22.08
C ALA D 63 -4.04 15.56 -23.27
N HIS D 64 -5.13 15.01 -23.78
CA HIS D 64 -5.72 15.57 -25.00
C HIS D 64 -6.26 16.99 -24.82
N TYR D 65 -6.01 17.83 -25.80
CA TYR D 65 -6.47 19.21 -25.81
C TYR D 65 -7.28 19.51 -27.07
N GLY D 66 -8.54 19.89 -26.90
CA GLY D 66 -9.36 20.27 -28.03
C GLY D 66 -10.48 19.29 -28.35
N TRP D 67 -10.60 18.93 -29.61
CA TRP D 67 -11.77 18.21 -30.10
C TRP D 67 -11.58 16.70 -30.21
N VAL D 68 -12.67 15.98 -29.98
CA VAL D 68 -12.78 14.58 -30.37
C VAL D 68 -14.10 14.44 -31.12
N VAL D 69 -14.26 13.37 -31.88
CA VAL D 69 -15.48 13.15 -32.64
C VAL D 69 -16.02 11.74 -32.39
N TYR D 70 -17.25 11.70 -31.89
CA TYR D 70 -18.02 10.48 -31.70
C TYR D 70 -18.87 10.23 -32.93
N GLN D 71 -19.19 8.97 -33.21
CA GLN D 71 -20.12 8.67 -34.28
C GLN D 71 -20.74 7.30 -34.11
N ARG D 72 -22.01 7.16 -34.47
CA ARG D 72 -22.62 5.84 -34.56
C ARG D 72 -23.76 5.86 -35.56
N SER D 73 -24.20 4.68 -35.98
CA SER D 73 -25.40 4.59 -36.80
C SER D 73 -26.56 4.02 -35.98
N PHE D 74 -27.77 4.32 -36.43
CA PHE D 74 -28.96 3.71 -35.85
C PHE D 74 -30.12 3.71 -36.84
N ALA D 75 -31.04 2.78 -36.65
CA ALA D 75 -32.24 2.69 -37.47
C ALA D 75 -33.44 2.34 -36.58
N VAL D 76 -34.59 2.93 -36.88
CA VAL D 76 -35.82 2.63 -36.16
C VAL D 76 -36.96 2.40 -37.15
N PRO D 77 -37.97 1.60 -36.76
CA PRO D 77 -39.08 1.36 -37.68
C PRO D 77 -39.80 2.66 -38.08
N SER D 78 -40.04 2.83 -39.36
CA SER D 78 -40.74 4.01 -39.88
C SER D 78 -42.14 4.16 -39.29
N ARG D 79 -42.77 3.05 -38.95
CA ARG D 79 -44.13 3.07 -38.43
C ARG D 79 -44.17 3.68 -37.03
N LEU D 80 -43.03 3.64 -36.35
CA LEU D 80 -42.90 4.24 -35.01
C LEU D 80 -42.70 5.75 -35.05
N VAL D 81 -41.97 6.23 -36.06
CA VAL D 81 -41.67 7.66 -36.15
C VAL D 81 -42.81 8.38 -36.85
N ALA D 82 -43.63 7.62 -37.55
CA ALA D 82 -44.72 8.15 -38.36
C ALA D 82 -45.67 9.01 -37.54
N GLY D 83 -45.77 10.28 -37.90
CA GLY D 83 -46.69 11.19 -37.24
C GLY D 83 -46.20 11.70 -35.91
N GLN D 84 -44.99 11.32 -35.53
CA GLN D 84 -44.48 11.69 -34.21
C GLN D 84 -43.47 12.84 -34.26
N ARG D 85 -43.35 13.53 -33.14
CA ARG D 85 -42.31 14.50 -32.91
C ARG D 85 -41.09 13.77 -32.38
N MET D 86 -39.99 13.85 -33.13
CA MET D 86 -38.77 13.11 -32.82
C MET D 86 -37.71 14.01 -32.20
N ILE D 87 -37.29 13.66 -30.99
CA ILE D 87 -36.35 14.48 -30.25
C ILE D 87 -35.08 13.71 -29.91
N LEU D 88 -33.92 14.29 -30.23
CA LEU D 88 -32.65 13.69 -29.89
C LEU D 88 -32.08 14.38 -28.67
N ARG D 89 -31.92 13.61 -27.59
CA ARG D 89 -31.48 14.18 -26.32
C ARG D 89 -30.10 13.68 -25.87
N PHE D 90 -29.24 14.64 -25.52
CA PHE D 90 -27.95 14.37 -24.90
C PHE D 90 -27.99 14.76 -23.43
N ASP D 91 -27.91 13.80 -22.53
CA ASP D 91 -27.97 14.09 -21.11
C ASP D 91 -26.78 14.93 -20.66
N ALA D 92 -25.61 14.72 -21.28
CA ALA D 92 -24.44 15.56 -21.05
C ALA D 92 -23.32 15.32 -22.05
N ALA D 93 -22.84 16.41 -22.65
CA ALA D 93 -21.64 16.38 -23.47
C ALA D 93 -20.66 17.39 -22.89
N THR D 94 -19.50 16.90 -22.45
CA THR D 94 -18.56 17.72 -21.69
C THR D 94 -17.32 18.06 -22.53
N HIS D 95 -17.09 19.34 -22.79
CA HIS D 95 -17.92 20.42 -22.27
C HIS D 95 -18.86 20.98 -23.33
N ALA D 96 -18.42 21.01 -24.58
CA ALA D 96 -19.23 21.61 -25.64
C ALA D 96 -19.34 20.66 -26.81
N ALA D 97 -20.43 20.75 -27.55
CA ALA D 97 -20.67 19.81 -28.64
C ALA D 97 -21.29 20.45 -29.87
N ASP D 98 -20.87 19.97 -31.03
CA ASP D 98 -21.57 20.20 -32.29
C ASP D 98 -22.20 18.88 -32.69
N VAL D 99 -23.49 18.90 -33.02
CA VAL D 99 -24.19 17.66 -33.34
C VAL D 99 -24.70 17.63 -34.78
N TYR D 100 -24.38 16.54 -35.47
CA TYR D 100 -24.78 16.30 -36.85
C TYR D 100 -25.60 15.02 -36.98
N LEU D 101 -26.67 15.09 -37.76
CA LEU D 101 -27.44 13.91 -38.13
C LEU D 101 -27.55 13.86 -39.65
N ASN D 102 -27.01 12.80 -40.25
CA ASN D 102 -27.00 12.62 -41.69
C ASN D 102 -26.38 13.81 -42.43
N GLY D 103 -25.32 14.37 -41.85
CA GLY D 103 -24.60 15.47 -42.48
C GLY D 103 -25.15 16.85 -42.16
N GLN D 104 -26.32 16.91 -41.52
CA GLN D 104 -26.89 18.20 -41.18
C GLN D 104 -26.47 18.63 -39.79
N LEU D 105 -25.94 19.84 -39.67
CA LEU D 105 -25.65 20.40 -38.37
C LEU D 105 -26.97 20.70 -37.65
N LEU D 106 -27.22 20.00 -36.55
CA LEU D 106 -28.42 20.24 -35.77
C LEU D 106 -28.24 21.48 -34.91
N GLY D 107 -27.01 21.68 -34.44
CA GLY D 107 -26.70 22.81 -33.58
C GLY D 107 -25.59 22.48 -32.60
N SER D 108 -25.39 23.39 -31.65
CA SER D 108 -24.28 23.29 -30.71
C SER D 108 -24.76 23.55 -29.29
N HIS D 109 -23.91 23.20 -28.32
CA HIS D 109 -24.20 23.39 -26.90
C HIS D 109 -22.92 23.60 -26.13
N PHE D 110 -22.95 24.42 -25.07
CA PHE D 110 -21.78 24.53 -24.20
C PHE D 110 -21.85 23.96 -22.78
N GLY D 111 -22.98 24.02 -22.11
CA GLY D 111 -23.05 23.50 -20.75
C GLY D 111 -22.67 22.03 -20.64
N GLY D 112 -21.58 21.73 -19.94
CA GLY D 112 -21.03 20.38 -19.95
C GLY D 112 -21.66 19.37 -19.00
N PHE D 113 -22.64 19.81 -18.22
CA PHE D 113 -23.17 18.97 -17.15
C PHE D 113 -24.69 19.05 -17.07
N LEU D 114 -25.30 19.59 -18.12
CA LEU D 114 -26.75 19.71 -18.22
C LEU D 114 -27.20 19.25 -19.60
N PRO D 115 -28.40 18.67 -19.68
CA PRO D 115 -28.88 18.08 -20.94
C PRO D 115 -29.33 19.11 -21.96
N PHE D 116 -29.26 18.72 -23.24
CA PHE D 116 -29.76 19.54 -24.33
C PHE D 116 -30.34 18.61 -25.38
N GLU D 117 -31.22 19.14 -26.23
CA GLU D 117 -31.90 18.29 -27.20
C GLU D 117 -32.24 19.02 -28.50
N PHE D 118 -32.48 18.24 -29.55
CA PHE D 118 -32.76 18.78 -30.88
C PHE D 118 -34.00 18.12 -31.48
N ASP D 119 -34.82 18.90 -32.16
CA ASP D 119 -35.92 18.31 -32.92
C ASP D 119 -35.35 17.77 -34.22
N VAL D 120 -35.34 16.45 -34.37
CA VAL D 120 -34.76 15.81 -35.55
C VAL D 120 -35.85 15.18 -36.42
N THR D 121 -37.09 15.59 -36.22
CA THR D 121 -38.23 15.07 -36.97
C THR D 121 -37.98 15.13 -38.47
N SER D 122 -37.46 16.26 -38.94
CA SER D 122 -37.22 16.46 -40.37
C SER D 122 -35.87 15.91 -40.82
N ALA D 123 -34.94 15.76 -39.88
CA ALA D 123 -33.59 15.31 -40.20
C ALA D 123 -33.50 13.78 -40.32
N LEU D 124 -34.42 13.08 -39.64
CA LEU D 124 -34.46 11.63 -39.71
C LEU D 124 -34.90 11.14 -41.08
N HIS D 125 -34.40 9.98 -41.48
CA HIS D 125 -34.97 9.25 -42.60
C HIS D 125 -34.94 7.75 -42.33
N ALA D 126 -35.59 6.97 -43.19
CA ALA D 126 -35.69 5.53 -43.00
C ALA D 126 -34.33 4.85 -43.14
N GLY D 127 -34.21 3.65 -42.57
CA GLY D 127 -32.95 2.93 -42.58
C GLY D 127 -31.91 3.54 -41.67
N GLU D 128 -30.63 3.29 -41.98
CA GLU D 128 -29.54 3.75 -41.12
C GLU D 128 -29.36 5.26 -41.12
N ASN D 129 -29.30 5.83 -39.93
CA ASN D 129 -29.01 7.24 -39.77
C ASN D 129 -27.60 7.40 -39.20
N LEU D 130 -26.87 8.40 -39.66
CA LEU D 130 -25.50 8.60 -39.21
C LEU D 130 -25.40 9.77 -38.25
N LEU D 131 -25.08 9.47 -37.00
CA LEU D 131 -25.02 10.47 -35.95
C LEU D 131 -23.58 10.78 -35.57
N THR D 132 -23.17 12.03 -35.81
CA THR D 132 -21.80 12.48 -35.57
C THR D 132 -21.80 13.58 -34.51
N VAL D 133 -21.01 13.42 -33.46
CA VAL D 133 -20.99 14.38 -32.37
C VAL D 133 -19.57 14.83 -32.04
N ALA D 134 -19.24 16.08 -32.36
CA ALA D 134 -17.93 16.62 -32.02
C ALA D 134 -18.00 17.19 -30.61
N VAL D 135 -17.04 16.81 -29.78
CA VAL D 135 -17.01 17.22 -28.37
C VAL D 135 -15.72 17.98 -28.07
N ASP D 136 -15.87 19.15 -27.46
CA ASP D 136 -14.77 20.06 -27.16
C ASP D 136 -14.49 20.05 -25.66
N ASN D 137 -13.24 19.74 -25.28
CA ASN D 137 -12.90 19.61 -23.86
C ASN D 137 -12.26 20.87 -23.26
N ARG D 138 -12.12 21.90 -24.08
CA ARG D 138 -11.30 23.04 -23.70
C ARG D 138 -11.96 23.90 -22.64
N ILE D 139 -11.16 24.28 -21.65
CA ILE D 139 -11.59 25.20 -20.61
C ILE D 139 -10.66 26.42 -20.60
N GLY D 140 -11.18 27.54 -20.13
CA GLY D 140 -10.42 28.78 -20.11
C GLY D 140 -11.11 29.84 -19.29
N SER D 141 -10.69 31.09 -19.46
CA SER D 141 -11.17 32.19 -18.65
C SER D 141 -12.65 32.50 -18.91
N SER D 142 -13.21 31.94 -19.97
CA SER D 142 -14.62 32.20 -20.28
C SER D 142 -15.50 30.95 -20.17
N THR D 143 -14.95 29.84 -19.69
CA THR D 143 -15.75 28.64 -19.47
C THR D 143 -16.16 28.45 -18.02
N LEU D 144 -17.26 27.74 -17.82
CA LEU D 144 -17.64 27.22 -16.50
C LEU D 144 -17.74 25.71 -16.65
N PRO D 145 -16.89 24.95 -15.93
CA PRO D 145 -15.88 25.40 -14.95
C PRO D 145 -14.73 26.18 -15.57
N VAL D 146 -14.03 26.95 -14.76
CA VAL D 146 -13.09 27.96 -15.26
C VAL D 146 -11.73 27.31 -15.56
N GLY D 147 -11.11 27.66 -16.67
CA GLY D 147 -9.73 27.25 -16.94
C GLY D 147 -8.80 28.45 -16.91
N ASN D 148 -7.50 28.19 -16.79
CA ASN D 148 -6.50 29.26 -16.88
C ASN D 148 -5.93 29.36 -18.28
N ASP D 149 -5.81 30.59 -18.78
CA ASP D 149 -5.35 30.80 -20.15
C ASP D 149 -3.82 30.65 -20.27
N ALA D 150 -3.11 30.81 -19.15
CA ALA D 150 -1.67 30.54 -19.10
C ALA D 150 -1.20 30.16 -17.70
N GLY D 151 0.03 29.68 -17.60
CA GLY D 151 0.66 29.43 -16.32
C GLY D 151 0.58 28.00 -15.82
N THR D 152 -0.03 27.83 -14.65
CA THR D 152 -0.12 26.53 -14.02
C THR D 152 -1.58 26.19 -13.65
N ALA D 153 -1.86 24.91 -13.43
CA ALA D 153 -3.09 24.38 -12.83
C ALA D 153 -3.03 24.65 -11.30
N PHE D 154 -4.03 24.20 -10.53
CA PHE D 154 -4.10 24.39 -9.03
C PHE D 154 -3.21 23.68 -8.23
N MET D 155 -2.60 24.54 -7.43
CA MET D 155 -1.85 24.05 -6.40
C MET D 155 -0.81 23.43 -7.30
N GLY D 156 -0.48 24.16 -8.38
CA GLY D 156 0.54 23.69 -9.28
C GLY D 156 1.80 24.34 -8.74
N SER D 157 2.92 23.68 -8.97
CA SER D 157 4.20 24.17 -8.51
C SER D 157 4.91 24.91 -9.63
N ASP D 158 5.74 25.90 -9.28
CA ASP D 158 6.48 26.65 -10.28
C ASP D 158 7.81 27.20 -9.75
N ASN D 159 8.75 27.40 -10.66
CA ASN D 159 9.98 28.16 -10.38
C ASN D 159 10.13 29.24 -11.45
N ALA D 160 9.20 30.18 -11.46
CA ALA D 160 9.09 31.17 -12.53
C ALA D 160 10.33 32.05 -12.67
N ASN D 161 11.11 32.18 -11.59
CA ASN D 161 12.31 33.01 -11.61
C ASN D 161 13.48 32.38 -12.37
N VAL D 162 13.33 31.12 -12.77
CA VAL D 162 14.35 30.44 -13.55
C VAL D 162 14.10 30.70 -15.04
N PRO D 163 15.04 31.39 -15.71
CA PRO D 163 14.88 31.80 -17.11
C PRO D 163 14.58 30.63 -18.04
N ALA D 164 15.24 29.50 -17.81
CA ALA D 164 15.03 28.29 -18.62
C ALA D 164 13.60 27.79 -18.50
N VAL D 165 13.01 27.92 -17.32
CA VAL D 165 11.63 27.51 -17.09
C VAL D 165 10.66 28.40 -17.86
N ALA D 166 10.85 29.70 -17.72
CA ALA D 166 10.02 30.69 -18.42
C ALA D 166 10.07 30.50 -19.93
N GLU D 167 11.27 30.22 -20.44
CA GLU D 167 11.42 29.98 -21.88
C GLU D 167 10.79 28.68 -22.34
N ALA D 168 11.03 27.60 -21.60
CA ALA D 168 10.47 26.29 -21.95
C ALA D 168 8.94 26.31 -21.91
N LYS D 169 8.42 27.09 -20.98
CA LYS D 169 6.98 27.25 -20.78
C LYS D 169 6.24 27.71 -22.04
N LYS D 170 6.88 28.57 -22.82
CA LYS D 170 6.28 29.14 -24.03
C LYS D 170 6.17 28.13 -25.19
N HIS D 171 6.93 27.05 -25.12
CA HIS D 171 6.95 26.07 -26.20
C HIS D 171 6.37 24.73 -25.75
N ALA D 172 5.88 24.70 -24.51
CA ALA D 172 5.30 23.49 -23.95
C ALA D 172 4.04 23.11 -24.71
N ARG D 173 3.77 21.81 -24.77
CA ARG D 173 2.52 21.33 -25.36
C ARG D 173 1.33 21.97 -24.66
N ARG D 174 0.37 22.40 -25.48
CA ARG D 174 -0.84 23.05 -25.00
C ARG D 174 -1.70 22.10 -24.18
N GLN D 175 -2.09 22.54 -22.99
CA GLN D 175 -2.90 21.73 -22.10
C GLN D 175 -4.01 22.56 -21.50
N ASN D 176 -5.11 21.92 -21.16
CA ASN D 176 -6.10 22.60 -20.32
C ASN D 176 -5.52 22.83 -18.92
N LEU D 177 -5.63 24.07 -18.45
CA LEU D 177 -5.16 24.49 -17.14
C LEU D 177 -6.45 24.85 -16.38
N PRO D 178 -6.98 23.86 -15.64
CA PRO D 178 -8.25 23.93 -14.94
C PRO D 178 -8.32 25.11 -13.99
N ASN D 179 -9.47 25.75 -13.82
CA ASN D 179 -9.52 26.56 -12.57
C ASN D 179 -10.23 25.79 -11.47
N PHE D 180 -9.92 24.51 -11.28
CA PHE D 180 -10.59 23.71 -10.20
C PHE D 180 -9.81 22.52 -9.86
N ASP D 181 -10.06 21.85 -8.73
CA ASP D 181 -9.27 20.73 -8.24
C ASP D 181 -9.92 19.37 -8.50
N PHE D 182 -10.30 19.09 -9.74
CA PHE D 182 -10.69 17.75 -10.15
C PHE D 182 -10.38 17.55 -11.63
N PHE D 183 -10.08 16.34 -12.07
CA PHE D 183 -9.63 16.16 -13.46
C PHE D 183 -10.70 16.52 -14.49
N ASN D 184 -10.26 17.10 -15.60
CA ASN D 184 -11.13 17.59 -16.66
C ASN D 184 -11.62 16.46 -17.56
N PHE D 185 -12.34 15.50 -16.98
CA PHE D 185 -12.94 14.41 -17.75
C PHE D 185 -13.95 14.95 -18.76
N ALA D 186 -13.81 14.52 -20.02
CA ALA D 186 -14.64 15.03 -21.10
C ALA D 186 -15.30 13.93 -21.93
N GLY D 187 -16.19 14.32 -22.83
CA GLY D 187 -16.86 13.37 -23.70
C GLY D 187 -18.35 13.23 -23.41
N LEU D 188 -18.94 12.15 -23.91
CA LEU D 188 -20.34 11.87 -23.71
C LEU D 188 -20.53 11.20 -22.35
N ASN D 189 -20.43 12.00 -21.30
CA ASN D 189 -20.42 11.50 -19.93
C ASN D 189 -21.73 10.90 -19.47
N ARG D 190 -22.82 11.26 -20.13
CA ARG D 190 -24.13 10.73 -19.75
C ARG D 190 -24.90 10.27 -20.97
N HIS D 191 -26.08 9.69 -20.75
CA HIS D 191 -26.81 8.98 -21.79
C HIS D 191 -27.20 9.84 -23.00
N VAL D 192 -27.35 9.16 -24.12
CA VAL D 192 -27.88 9.73 -25.34
C VAL D 192 -29.09 8.90 -25.72
N GLU D 193 -30.21 9.56 -26.03
CA GLU D 193 -31.39 8.80 -26.43
C GLU D 193 -32.28 9.60 -27.36
N LEU D 194 -32.87 8.89 -28.32
CA LEU D 194 -33.91 9.47 -29.17
C LEU D 194 -35.24 9.19 -28.49
N TYR D 195 -36.15 10.16 -28.46
CA TYR D 195 -37.47 9.87 -27.90
C TYR D 195 -38.59 10.51 -28.69
N THR D 196 -39.81 10.10 -28.38
CA THR D 196 -41.00 10.42 -29.17
C THR D 196 -42.03 11.18 -28.35
N THR D 197 -42.68 12.18 -28.95
CA THR D 197 -43.93 12.70 -28.38
C THR D 197 -44.94 12.84 -29.50
N PRO D 198 -46.23 13.01 -29.14
CA PRO D 198 -47.17 13.42 -30.20
C PRO D 198 -46.79 14.78 -30.79
N ALA D 199 -47.11 15.01 -32.06
CA ALA D 199 -46.65 16.21 -32.76
C ALA D 199 -47.57 17.42 -32.60
N ASP D 200 -48.87 17.18 -32.64
CA ASP D 200 -49.85 18.27 -32.65
C ASP D 200 -49.93 19.01 -31.31
N ALA D 201 -49.90 18.25 -30.22
CA ALA D 201 -49.90 18.84 -28.88
C ALA D 201 -49.24 17.88 -27.90
N TYR D 202 -48.44 18.40 -26.98
CA TYR D 202 -47.69 17.53 -26.08
C TYR D 202 -47.32 18.23 -24.78
N ILE D 203 -47.11 17.44 -23.73
CA ILE D 203 -46.63 17.97 -22.46
C ILE D 203 -45.14 18.26 -22.57
N ALA D 204 -44.78 19.52 -22.34
CA ALA D 204 -43.41 19.99 -22.49
C ALA D 204 -42.71 20.19 -21.16
N ASP D 205 -43.49 20.49 -20.12
CA ASP D 205 -42.92 20.71 -18.79
C ASP D 205 -43.95 20.51 -17.68
N ILE D 206 -43.49 20.05 -16.53
CA ILE D 206 -44.32 19.89 -15.35
C ILE D 206 -43.58 20.42 -14.12
N ALA D 207 -44.25 21.22 -13.31
CA ALA D 207 -43.69 21.66 -12.05
C ALA D 207 -44.68 21.40 -10.93
N ILE D 208 -44.23 20.66 -9.92
CA ILE D 208 -45.04 20.40 -8.73
C ILE D 208 -44.37 21.08 -7.54
N THR D 209 -45.16 21.80 -6.76
CA THR D 209 -44.63 22.47 -5.58
C THR D 209 -45.47 22.15 -4.35
N THR D 210 -44.82 22.11 -3.19
CA THR D 210 -45.53 22.00 -1.93
C THR D 210 -45.79 23.40 -1.40
N GLU D 211 -47.04 23.84 -1.47
CA GLU D 211 -47.36 25.21 -1.14
C GLU D 211 -47.59 25.44 0.34
N ARG D 212 -48.34 24.56 0.97
CA ARG D 212 -48.61 24.76 2.39
C ARG D 212 -48.85 23.45 3.12
N LEU D 213 -48.46 23.39 4.38
CA LEU D 213 -48.76 22.23 5.20
C LEU D 213 -49.58 22.66 6.40
N ASP D 214 -50.71 21.98 6.60
CA ASP D 214 -51.56 22.27 7.73
C ASP D 214 -51.48 21.15 8.76
N HIS D 215 -51.20 21.53 10.01
CA HIS D 215 -51.19 20.62 11.14
C HIS D 215 -50.27 19.41 10.89
N ILE D 216 -48.98 19.70 10.80
CA ILE D 216 -47.96 18.66 10.69
C ILE D 216 -47.89 17.84 11.98
N ALA D 217 -47.89 16.52 11.84
CA ALA D 217 -47.75 15.62 12.99
C ALA D 217 -46.44 15.86 13.72
N GLY D 218 -46.38 15.45 14.98
CA GLY D 218 -45.18 15.61 15.79
C GLY D 218 -43.96 14.95 15.20
N ASP D 219 -44.17 13.82 14.53
CA ASP D 219 -43.07 13.08 13.90
C ASP D 219 -42.87 13.44 12.43
N ALA D 220 -43.68 14.38 11.95
CA ALA D 220 -43.60 14.88 10.57
C ALA D 220 -43.88 13.80 9.52
N CYS D 221 -44.46 12.68 9.94
CA CYS D 221 -44.80 11.62 9.00
C CYS D 221 -45.97 12.06 8.13
N THR D 222 -46.85 12.88 8.70
CA THR D 222 -48.03 13.38 8.00
C THR D 222 -48.32 14.85 8.28
N ALA D 223 -49.16 15.42 7.45
CA ALA D 223 -49.83 16.69 7.72
C ALA D 223 -51.32 16.46 7.50
N ALA D 224 -52.16 17.09 8.31
CA ALA D 224 -53.61 16.93 8.18
C ALA D 224 -54.07 17.34 6.79
N ASN D 225 -53.47 18.41 6.27
CA ASN D 225 -53.72 18.84 4.90
C ASN D 225 -52.45 19.39 4.26
N ALA D 226 -52.24 19.03 3.01
CA ALA D 226 -51.16 19.60 2.22
C ALA D 226 -51.74 20.23 0.97
N LEU D 227 -51.37 21.48 0.75
CA LEU D 227 -51.76 22.18 -0.47
C LEU D 227 -50.58 22.19 -1.41
N ILE D 228 -50.74 21.51 -2.55
CA ILE D 228 -49.70 21.45 -3.56
C ILE D 228 -50.14 22.17 -4.84
N ALA D 229 -49.19 22.60 -5.64
CA ALA D 229 -49.52 23.29 -6.88
C ALA D 229 -48.97 22.55 -8.09
N TYR D 230 -49.67 22.67 -9.21
CA TYR D 230 -49.22 22.11 -10.47
C TYR D 230 -49.14 23.19 -11.54
N ASP D 231 -48.21 22.99 -12.46
CA ASP D 231 -47.97 23.89 -13.58
C ASP D 231 -47.47 23.03 -14.74
N VAL D 232 -48.33 22.83 -15.72
CA VAL D 232 -48.04 21.99 -16.87
C VAL D 232 -47.95 22.86 -18.12
N THR D 233 -46.82 22.77 -18.81
CA THR D 233 -46.57 23.55 -20.01
C THR D 233 -46.77 22.64 -21.22
N PHE D 234 -47.27 23.19 -22.32
CA PHE D 234 -47.52 22.41 -23.52
C PHE D 234 -46.84 22.98 -24.75
N GLY D 235 -46.53 22.10 -25.70
CA GLY D 235 -46.05 22.51 -27.00
C GLY D 235 -47.01 22.02 -28.07
N GLY D 236 -46.83 22.52 -29.29
CA GLY D 236 -47.69 22.15 -30.40
C GLY D 236 -48.68 23.22 -30.84
N ASP D 237 -49.50 22.87 -31.83
CA ASP D 237 -50.45 23.81 -32.46
C ASP D 237 -49.71 25.00 -33.08
N GLY D 276 -60.21 25.49 -25.59
CA GLY D 276 -61.09 24.61 -24.84
C GLY D 276 -60.47 23.23 -24.64
N ARG D 277 -59.16 23.18 -24.51
CA ARG D 277 -58.44 21.93 -24.31
C ARG D 277 -58.20 21.69 -22.82
N GLN D 278 -58.12 20.44 -22.42
CA GLN D 278 -58.01 20.12 -21.01
C GLN D 278 -56.91 19.10 -20.71
N VAL D 279 -56.38 19.18 -19.49
CA VAL D 279 -55.48 18.15 -18.98
C VAL D 279 -56.03 17.63 -17.66
N ARG D 280 -56.01 16.30 -17.51
CA ARG D 280 -56.40 15.66 -16.27
C ARG D 280 -55.18 15.36 -15.43
N ILE D 281 -55.24 15.75 -14.16
CA ILE D 281 -54.14 15.50 -13.24
C ILE D 281 -54.54 14.59 -12.10
N SER D 282 -53.87 13.46 -11.99
CA SER D 282 -54.16 12.49 -10.95
C SER D 282 -52.98 12.38 -9.98
N ILE D 283 -53.26 12.43 -8.68
CA ILE D 283 -52.22 12.24 -7.70
C ILE D 283 -52.28 10.81 -7.18
N LEU D 284 -51.19 10.07 -7.40
CA LEU D 284 -51.08 8.67 -7.01
C LEU D 284 -50.19 8.57 -5.78
N ASP D 285 -50.63 7.85 -4.76
CA ASP D 285 -49.81 7.67 -3.58
C ASP D 285 -48.81 6.53 -3.80
N GLY D 286 -48.07 6.17 -2.75
CA GLY D 286 -47.04 5.15 -2.86
C GLY D 286 -47.54 3.78 -3.33
N GLU D 287 -48.85 3.57 -3.24
CA GLU D 287 -49.43 2.28 -3.61
C GLU D 287 -50.16 2.33 -4.96
N GLY D 288 -50.13 3.50 -5.61
CA GLY D 288 -50.75 3.65 -6.91
C GLY D 288 -52.20 4.08 -6.81
N THR D 289 -52.65 4.38 -5.59
CA THR D 289 -54.04 4.79 -5.38
C THR D 289 -54.21 6.26 -5.74
N VAL D 290 -55.22 6.55 -6.56
CA VAL D 290 -55.55 7.94 -6.87
C VAL D 290 -56.20 8.57 -5.65
N VAL D 291 -55.49 9.49 -4.99
CA VAL D 291 -55.99 10.10 -3.76
C VAL D 291 -56.56 11.48 -4.02
N ALA D 292 -56.24 12.03 -5.19
CA ALA D 292 -56.76 13.32 -5.60
C ALA D 292 -56.69 13.42 -7.11
N GLY D 293 -57.53 14.27 -7.68
CA GLY D 293 -57.62 14.40 -9.11
C GLY D 293 -58.40 15.63 -9.49
N VAL D 294 -57.95 16.31 -10.55
CA VAL D 294 -58.66 17.47 -11.06
C VAL D 294 -58.46 17.56 -12.56
N THR D 295 -59.45 18.10 -13.26
CA THR D 295 -59.34 18.36 -14.68
C THR D 295 -59.21 19.86 -14.84
N ALA D 296 -58.12 20.29 -15.48
CA ALA D 296 -57.83 21.72 -15.58
C ALA D 296 -57.89 22.18 -17.02
N ASP D 297 -58.22 23.45 -17.21
CA ASP D 297 -58.31 24.03 -18.54
C ASP D 297 -56.93 24.47 -19.03
N ILE D 298 -56.69 24.30 -20.32
CA ILE D 298 -55.42 24.74 -20.90
C ILE D 298 -55.60 26.13 -21.50
N GLU D 299 -54.90 27.10 -20.91
CA GLU D 299 -55.00 28.50 -21.31
C GLU D 299 -53.71 28.98 -21.99
N ARG D 300 -53.84 29.77 -23.05
CA ARG D 300 -52.67 30.29 -23.73
C ARG D 300 -52.39 31.73 -23.30
N THR D 305 -47.48 29.87 -25.71
CA THR D 305 -47.17 29.14 -24.49
C THR D 305 -48.43 28.64 -23.78
N ALA D 306 -48.90 27.47 -24.20
CA ALA D 306 -50.12 26.90 -23.64
C ALA D 306 -49.75 26.29 -22.29
N LYS D 307 -50.57 26.58 -21.28
CA LYS D 307 -50.19 26.24 -19.91
C LYS D 307 -51.44 26.04 -19.05
N ALA D 308 -51.39 25.03 -18.17
CA ALA D 308 -52.46 24.78 -17.21
C ALA D 308 -51.89 24.75 -15.80
N SER D 309 -52.57 25.36 -14.86
CA SER D 309 -52.01 25.56 -13.52
C SER D 309 -53.08 25.61 -12.46
N GLY D 310 -52.76 25.11 -11.26
CA GLY D 310 -53.74 25.12 -10.19
C GLY D 310 -53.25 24.51 -8.90
N GLU D 311 -54.17 24.30 -7.97
CA GLU D 311 -53.82 23.73 -6.67
C GLU D 311 -54.64 22.48 -6.38
N ILE D 312 -54.05 21.60 -5.59
CA ILE D 312 -54.71 20.36 -5.19
C ILE D 312 -54.50 20.18 -3.70
N ALA D 313 -55.61 19.92 -3.00
CA ALA D 313 -55.57 19.67 -1.56
C ALA D 313 -55.52 18.18 -1.31
N ILE D 314 -54.62 17.76 -0.43
CA ILE D 314 -54.42 16.35 -0.11
C ILE D 314 -54.49 16.16 1.39
N ARG D 315 -55.53 15.46 1.85
CA ARG D 315 -55.74 15.27 3.28
C ARG D 315 -54.88 14.13 3.80
N ASP D 316 -54.37 14.30 5.02
CA ASP D 316 -53.49 13.32 5.65
C ASP D 316 -52.34 12.94 4.72
N ALA D 317 -51.75 13.94 4.08
CA ALA D 317 -50.67 13.72 3.14
C ALA D 317 -49.46 13.15 3.89
N LYS D 318 -48.82 12.16 3.28
CA LYS D 318 -47.61 11.59 3.87
C LYS D 318 -46.40 12.35 3.36
N LEU D 319 -45.64 12.90 4.29
CA LEU D 319 -44.57 13.82 3.94
C LEU D 319 -43.25 13.14 3.61
N TRP D 320 -42.45 13.80 2.78
CA TRP D 320 -41.11 13.36 2.47
C TRP D 320 -40.17 13.91 3.53
N ASN D 321 -39.41 13.03 4.17
CA ASN D 321 -38.39 13.45 5.12
C ASN D 321 -37.07 12.75 4.85
N PRO D 322 -35.96 13.38 5.26
CA PRO D 322 -34.67 12.67 5.26
C PRO D 322 -34.76 11.42 6.14
N GLY D 323 -34.26 10.29 5.64
CA GLY D 323 -34.33 9.04 6.39
C GLY D 323 -35.69 8.36 6.37
N ALA D 324 -36.66 9.01 5.74
CA ALA D 324 -38.02 8.48 5.68
C ALA D 324 -38.74 9.07 4.47
N ALA D 325 -38.29 8.68 3.29
CA ALA D 325 -38.84 9.19 2.05
C ALA D 325 -40.24 8.66 1.80
N TYR D 326 -41.08 9.49 1.18
CA TYR D 326 -42.35 9.06 0.64
C TYR D 326 -42.61 9.83 -0.65
N LEU D 327 -42.97 9.11 -1.70
CA LEU D 327 -43.12 9.73 -3.01
C LEU D 327 -44.52 9.52 -3.59
N TYR D 328 -45.06 10.60 -4.14
CA TYR D 328 -46.28 10.55 -4.92
C TYR D 328 -45.93 10.63 -6.40
N THR D 329 -46.92 10.35 -7.25
CA THR D 329 -46.79 10.54 -8.68
C THR D 329 -47.89 11.44 -9.19
N ALA D 330 -47.51 12.53 -9.87
CA ALA D 330 -48.49 13.38 -10.52
C ALA D 330 -48.57 12.96 -11.97
N VAL D 331 -49.71 12.37 -12.33
CA VAL D 331 -49.94 11.90 -13.69
C VAL D 331 -50.72 12.94 -14.46
N ALA D 332 -50.08 13.46 -15.52
CA ALA D 332 -50.71 14.44 -16.39
C ALA D 332 -51.14 13.78 -17.69
N GLU D 333 -52.43 13.91 -18.01
CA GLU D 333 -52.98 13.35 -19.24
C GLU D 333 -53.68 14.41 -20.09
N LEU D 334 -53.14 14.67 -21.27
CA LEU D 334 -53.75 15.61 -22.20
C LEU D 334 -54.97 14.99 -22.85
N LEU D 335 -56.12 15.63 -22.67
CA LEU D 335 -57.37 15.09 -23.19
C LEU D 335 -57.70 15.62 -24.59
N PRO D 336 -58.33 14.79 -25.42
CA PRO D 336 -58.87 15.22 -26.72
C PRO D 336 -60.16 16.03 -26.56
N SER D 344 -62.76 9.71 -24.10
CA SER D 344 -62.22 8.84 -23.06
C SER D 344 -60.77 8.42 -23.35
N ARG D 345 -60.34 8.59 -24.60
CA ARG D 345 -58.99 8.23 -25.00
C ARG D 345 -58.01 9.32 -24.56
N ILE D 346 -56.72 8.99 -24.52
CA ILE D 346 -55.71 9.94 -24.04
C ILE D 346 -54.68 10.28 -25.13
N ILE D 347 -54.45 11.57 -25.32
CA ILE D 347 -53.52 12.08 -26.34
C ILE D 347 -52.05 12.00 -25.94
N ASP D 348 -51.73 12.47 -24.74
CA ASP D 348 -50.35 12.46 -24.27
C ASP D 348 -50.37 12.27 -22.76
N ALA D 349 -49.28 11.77 -22.20
CA ALA D 349 -49.22 11.55 -20.77
C ALA D 349 -47.80 11.66 -20.24
N TYR D 350 -47.66 12.08 -18.99
CA TYR D 350 -46.36 12.05 -18.32
C TYR D 350 -46.56 11.81 -16.84
N ARG D 351 -45.70 10.96 -16.28
CA ARG D 351 -45.77 10.64 -14.86
C ARG D 351 -44.61 11.30 -14.13
N GLN D 352 -44.93 12.29 -13.30
CA GLN D 352 -43.90 13.05 -12.60
C GLN D 352 -43.84 12.72 -11.12
N THR D 353 -42.74 12.10 -10.69
CA THR D 353 -42.55 11.79 -9.28
C THR D 353 -42.38 13.09 -8.50
N PHE D 354 -42.91 13.14 -7.29
CA PHE D 354 -42.66 14.27 -6.42
C PHE D 354 -42.81 13.89 -4.96
N GLY D 355 -42.38 14.77 -4.08
CA GLY D 355 -42.50 14.53 -2.66
C GLY D 355 -43.05 15.76 -1.98
N ILE D 356 -43.86 15.55 -0.95
CA ILE D 356 -44.52 16.64 -0.27
C ILE D 356 -43.76 17.04 0.99
N ARG D 357 -43.16 18.23 0.95
CA ARG D 357 -42.35 18.74 2.06
C ARG D 357 -42.06 20.22 1.89
N THR D 358 -41.86 20.93 2.99
CA THR D 358 -41.49 22.33 2.93
C THR D 358 -40.05 22.53 3.42
N VAL D 359 -39.41 23.57 2.88
CA VAL D 359 -38.08 23.96 3.31
C VAL D 359 -38.11 25.44 3.66
N GLU D 360 -37.67 25.79 4.87
CA GLU D 360 -37.66 27.18 5.30
C GLU D 360 -36.51 27.49 6.24
N VAL D 361 -35.71 28.48 5.87
CA VAL D 361 -34.71 28.99 6.79
C VAL D 361 -35.38 29.98 7.74
N SER D 362 -35.25 29.74 9.03
CA SER D 362 -35.82 30.62 10.04
C SER D 362 -34.78 30.96 11.10
N GLY D 363 -34.34 32.21 11.11
CA GLY D 363 -33.27 32.63 12.01
C GLY D 363 -32.02 31.83 11.73
N THR D 364 -31.58 31.07 12.73
CA THR D 364 -30.42 30.20 12.57
C THR D 364 -30.81 28.73 12.45
N THR D 365 -32.03 28.47 12.00
CA THR D 365 -32.47 27.08 11.82
C THR D 365 -32.83 26.76 10.36
N PHE D 366 -32.69 25.49 10.01
CA PHE D 366 -33.03 24.99 8.70
C PHE D 366 -34.18 24.00 8.87
N LEU D 367 -35.38 24.47 8.54
CA LEU D 367 -36.59 23.72 8.84
C LEU D 367 -37.08 22.91 7.64
N ILE D 368 -37.13 21.60 7.82
CA ILE D 368 -37.79 20.71 6.87
C ILE D 368 -39.06 20.23 7.54
N ASN D 369 -40.20 20.51 6.90
CA ASN D 369 -41.51 20.26 7.49
C ASN D 369 -41.61 20.81 8.91
N GLY D 370 -41.07 22.00 9.10
CA GLY D 370 -41.11 22.67 10.39
C GLY D 370 -40.16 22.10 11.44
N LYS D 371 -39.35 21.13 11.03
CA LYS D 371 -38.42 20.49 11.96
C LYS D 371 -36.99 20.98 11.74
N PRO D 372 -36.27 21.25 12.83
CA PRO D 372 -34.91 21.79 12.73
C PRO D 372 -33.92 20.71 12.26
N PHE D 373 -33.54 20.80 10.99
CA PHE D 373 -32.70 19.78 10.35
C PHE D 373 -31.21 20.03 10.60
N TYR D 374 -30.43 18.95 10.68
CA TYR D 374 -28.96 19.05 10.75
C TYR D 374 -28.33 18.22 9.64
N PHE D 375 -27.53 18.87 8.80
CA PHE D 375 -26.84 18.16 7.72
C PHE D 375 -25.72 17.26 8.24
N LYS D 376 -25.78 16.00 7.85
CA LYS D 376 -24.65 15.10 8.03
C LYS D 376 -24.25 14.57 6.66
N GLY D 377 -23.02 14.84 6.24
CA GLY D 377 -22.59 14.33 4.97
C GLY D 377 -21.27 14.86 4.45
N PHE D 378 -21.24 15.16 3.16
CA PHE D 378 -20.00 15.36 2.43
C PHE D 378 -20.23 15.98 1.07
N GLY D 379 -19.18 16.56 0.49
CA GLY D 379 -19.19 16.82 -0.93
C GLY D 379 -18.86 15.51 -1.63
N LYS D 380 -19.48 15.26 -2.78
CA LYS D 380 -19.11 14.09 -3.58
C LYS D 380 -18.40 14.50 -4.86
N HIS D 381 -18.12 13.51 -5.69
CA HIS D 381 -17.79 13.73 -7.09
C HIS D 381 -18.41 12.60 -7.88
N GLU D 382 -18.76 12.87 -9.13
CA GLU D 382 -19.01 11.78 -10.06
C GLU D 382 -17.67 11.39 -10.64
N ASP D 383 -17.08 10.36 -10.03
CA ASP D 383 -15.71 9.95 -10.30
C ASP D 383 -15.56 8.48 -9.98
N SER D 384 -14.96 7.74 -10.90
CA SER D 384 -14.66 6.32 -10.70
C SER D 384 -13.59 5.89 -11.70
N TYR D 385 -12.92 4.78 -11.41
CA TYR D 385 -11.74 4.34 -12.16
C TYR D 385 -11.74 4.27 -13.69
N PHE D 386 -12.81 3.77 -14.31
CA PHE D 386 -12.78 3.62 -15.75
C PHE D 386 -13.71 4.62 -16.46
N HIS D 387 -14.80 4.94 -15.77
CA HIS D 387 -15.83 5.80 -16.30
C HIS D 387 -15.44 7.27 -16.24
N GLY D 388 -14.53 7.61 -15.33
CA GLY D 388 -14.18 8.99 -15.09
C GLY D 388 -15.37 9.75 -14.54
N ARG D 389 -15.86 10.72 -15.29
CA ARG D 389 -17.06 11.47 -14.91
C ARG D 389 -18.31 10.79 -15.48
N GLY D 390 -18.10 9.65 -16.13
CA GLY D 390 -19.20 8.91 -16.72
C GLY D 390 -20.17 8.40 -15.68
N THR D 391 -21.46 8.54 -15.96
CA THR D 391 -22.51 8.09 -15.06
C THR D 391 -22.53 6.57 -14.95
N ASP D 392 -22.72 6.08 -13.73
CA ASP D 392 -22.69 4.66 -13.44
C ASP D 392 -23.70 4.39 -12.33
N ASP D 393 -24.83 3.78 -12.67
CA ASP D 393 -25.92 3.61 -11.72
C ASP D 393 -25.66 2.48 -10.72
N VAL D 394 -24.80 1.53 -11.09
CA VAL D 394 -24.31 0.54 -10.13
C VAL D 394 -23.59 1.27 -9.00
N LEU D 395 -22.74 2.21 -9.39
CA LEU D 395 -21.97 3.01 -8.45
C LEU D 395 -22.86 3.97 -7.67
N ASN D 396 -23.88 4.54 -8.31
CA ASN D 396 -24.84 5.39 -7.62
C ASN D 396 -25.62 4.63 -6.55
N VAL D 397 -26.13 3.46 -6.90
CA VAL D 397 -26.83 2.60 -5.94
C VAL D 397 -25.92 2.24 -4.76
N LYS D 398 -24.70 1.82 -5.07
CA LYS D 398 -23.73 1.47 -4.03
C LYS D 398 -23.41 2.65 -3.13
N ASP D 399 -23.17 3.81 -3.73
CA ASP D 399 -22.81 5.02 -2.99
C ASP D 399 -23.94 5.45 -2.06
N VAL D 400 -25.17 5.37 -2.54
CA VAL D 400 -26.34 5.69 -1.72
C VAL D 400 -26.42 4.73 -0.52
N SER D 401 -26.16 3.45 -0.78
CA SER D 401 -26.13 2.47 0.29
C SER D 401 -25.03 2.79 1.31
N LEU D 402 -23.91 3.32 0.82
CA LEU D 402 -22.78 3.70 1.67
C LEU D 402 -23.11 4.93 2.52
N ILE D 403 -23.85 5.84 1.93
CA ILE D 403 -24.34 7.01 2.64
C ILE D 403 -25.23 6.54 3.79
N HIS D 404 -26.07 5.55 3.53
CA HIS D 404 -26.85 4.94 4.61
C HIS D 404 -25.97 4.27 5.68
N TRP D 405 -24.99 3.49 5.22
CA TRP D 405 -24.06 2.80 6.11
C TRP D 405 -23.36 3.78 7.05
N LEU D 406 -23.00 4.94 6.52
CA LEU D 406 -22.31 5.97 7.29
C LEU D 406 -23.24 6.71 8.24
N HIS D 407 -24.55 6.54 8.03
CA HIS D 407 -25.60 7.28 8.74
C HIS D 407 -25.53 8.77 8.43
N ALA D 408 -25.06 9.08 7.22
CA ALA D 408 -25.15 10.44 6.69
C ALA D 408 -26.56 10.65 6.16
N ASN D 409 -26.93 11.90 5.91
CA ASN D 409 -28.27 12.20 5.40
C ASN D 409 -28.28 13.15 4.20
N SER D 410 -27.09 13.56 3.75
CA SER D 410 -27.01 14.61 2.75
C SER D 410 -25.67 14.62 2.01
N PHE D 411 -25.68 15.22 0.82
CA PHE D 411 -24.45 15.63 0.17
C PHE D 411 -24.69 16.80 -0.76
N ARG D 412 -23.60 17.36 -1.29
CA ARG D 412 -23.66 18.44 -2.27
C ARG D 412 -23.14 17.94 -3.62
N THR D 413 -23.74 18.40 -4.71
CA THR D 413 -23.29 18.00 -6.04
C THR D 413 -22.10 18.84 -6.50
N SER D 414 -21.03 18.79 -5.71
CA SER D 414 -19.76 19.43 -6.06
C SER D 414 -19.13 18.74 -7.26
N HIS D 415 -18.74 19.48 -8.29
CA HIS D 415 -19.02 20.91 -8.42
C HIS D 415 -19.75 21.17 -9.74
N TYR D 416 -20.86 20.47 -9.93
CA TYR D 416 -21.60 20.45 -11.19
C TYR D 416 -22.86 19.63 -10.95
N PRO D 417 -23.93 19.91 -11.72
CA PRO D 417 -25.09 19.03 -11.57
C PRO D 417 -24.76 17.58 -11.90
N TYR D 418 -25.29 16.65 -11.12
CA TYR D 418 -25.00 15.23 -11.32
C TYR D 418 -25.99 14.62 -12.31
N ALA D 419 -25.81 13.35 -12.63
CA ALA D 419 -26.78 12.63 -13.46
C ALA D 419 -28.14 12.60 -12.78
N GLU D 420 -29.19 12.75 -13.57
CA GLU D 420 -30.58 12.84 -13.08
C GLU D 420 -31.00 11.63 -12.24
N SER D 421 -30.55 10.45 -12.66
CA SER D 421 -30.86 9.20 -11.97
C SER D 421 -30.45 9.23 -10.50
N MET D 422 -29.38 9.95 -10.19
CA MET D 422 -28.90 10.04 -8.81
C MET D 422 -29.91 10.80 -7.95
N TYR D 423 -30.53 11.80 -8.56
CA TYR D 423 -31.56 12.57 -7.85
C TYR D 423 -32.80 11.72 -7.66
N ASP D 424 -33.16 10.93 -8.66
CA ASP D 424 -34.30 10.01 -8.47
C ASP D 424 -34.03 9.03 -7.33
N LEU D 425 -32.81 8.53 -7.31
CA LEU D 425 -32.37 7.58 -6.30
C LEU D 425 -32.44 8.18 -4.90
N CYS D 426 -31.98 9.42 -4.76
CA CYS D 426 -32.03 10.09 -3.46
C CYS D 426 -33.43 10.51 -3.08
N ASP D 427 -34.28 10.75 -4.08
CA ASP D 427 -35.70 10.95 -3.83
C ASP D 427 -36.28 9.72 -3.14
N ARG D 428 -36.03 8.53 -3.68
CA ARG D 428 -36.63 7.34 -3.08
C ARG D 428 -35.88 6.85 -1.83
N GLU D 429 -34.66 7.33 -1.60
CA GLU D 429 -33.86 6.84 -0.47
C GLU D 429 -33.73 7.84 0.67
N GLY D 430 -34.45 8.95 0.58
CA GLY D 430 -34.50 9.90 1.67
C GLY D 430 -33.18 10.58 1.97
N ILE D 431 -32.42 10.88 0.92
CA ILE D 431 -31.15 11.56 1.09
C ILE D 431 -31.24 12.97 0.51
N VAL D 432 -30.87 13.95 1.33
CA VAL D 432 -31.01 15.36 1.01
C VAL D 432 -29.86 15.88 0.15
N ILE D 433 -30.16 16.70 -0.86
CA ILE D 433 -29.14 17.19 -1.79
C ILE D 433 -29.09 18.72 -1.87
N ILE D 434 -27.86 19.23 -1.87
CA ILE D 434 -27.56 20.60 -2.24
C ILE D 434 -27.07 20.63 -3.69
N ASP D 435 -27.87 21.24 -4.56
CA ASP D 435 -27.63 21.21 -6.00
C ASP D 435 -26.77 22.39 -6.49
N GLU D 436 -25.65 22.09 -7.14
CA GLU D 436 -24.65 23.11 -7.47
C GLU D 436 -24.27 23.17 -8.96
N VAL D 437 -24.21 24.39 -9.50
CA VAL D 437 -23.78 24.63 -10.89
C VAL D 437 -22.25 24.56 -11.03
N PRO D 438 -21.75 24.39 -12.27
CA PRO D 438 -20.30 24.28 -12.47
C PRO D 438 -19.54 25.59 -12.37
N ALA D 439 -20.02 26.52 -11.55
CA ALA D 439 -19.35 27.80 -11.38
C ALA D 439 -18.23 27.69 -10.36
N VAL D 440 -17.20 26.96 -10.74
CA VAL D 440 -16.05 26.79 -9.86
C VAL D 440 -14.80 27.34 -10.53
N GLY D 441 -14.00 28.08 -9.76
CA GLY D 441 -12.78 28.66 -10.26
C GLY D 441 -12.90 30.11 -10.68
N MET D 442 -13.97 30.75 -10.25
CA MET D 442 -14.24 32.12 -10.67
C MET D 442 -13.46 33.10 -9.83
N SER D 443 -12.98 34.15 -10.49
CA SER D 443 -12.42 35.30 -9.81
C SER D 443 -12.82 36.52 -10.62
N TRP D 444 -12.15 37.64 -10.35
CA TRP D 444 -12.58 38.93 -10.89
C TRP D 444 -12.44 39.04 -12.41
N LEU D 445 -11.54 38.25 -12.99
CA LEU D 445 -11.43 38.17 -14.43
C LEU D 445 -12.74 37.73 -15.07
N GLN D 446 -13.47 36.84 -14.40
CA GLN D 446 -14.74 36.32 -14.91
C GLN D 446 -15.92 37.27 -14.75
N TYR D 447 -15.94 38.04 -13.66
CA TYR D 447 -17.10 38.88 -13.33
C TYR D 447 -17.35 39.98 -14.37
N ALA D 448 -16.30 40.34 -15.10
CA ALA D 448 -16.40 41.40 -16.10
C ALA D 448 -16.67 40.81 -17.50
N ASN D 449 -16.78 39.50 -17.56
CA ASN D 449 -16.97 38.79 -18.83
C ASN D 449 -18.43 38.42 -19.07
N PRO D 450 -19.05 39.05 -20.06
CA PRO D 450 -20.47 38.87 -20.39
C PRO D 450 -20.82 37.44 -20.80
N LEU D 451 -19.90 36.80 -21.51
CA LEU D 451 -20.10 35.43 -21.95
C LEU D 451 -20.14 34.48 -20.74
N VAL D 452 -19.24 34.73 -19.79
CA VAL D 452 -19.23 33.97 -18.54
C VAL D 452 -20.52 34.18 -17.77
N ALA D 453 -20.92 35.44 -17.62
CA ALA D 453 -22.15 35.77 -16.92
C ALA D 453 -23.37 35.08 -17.53
N GLU D 454 -23.45 35.08 -18.85
CA GLU D 454 -24.59 34.46 -19.52
C GLU D 454 -24.55 32.95 -19.34
N ARG D 455 -23.35 32.35 -19.41
CA ARG D 455 -23.21 30.91 -19.21
C ARG D 455 -23.56 30.51 -17.77
N HIS D 456 -23.29 31.41 -16.83
CA HIS D 456 -23.62 31.21 -15.43
C HIS D 456 -25.13 31.21 -15.24
N ARG D 457 -25.77 32.21 -15.83
CA ARG D 457 -27.23 32.28 -15.82
C ARG D 457 -27.87 31.06 -16.48
N GLU D 458 -27.28 30.62 -17.59
CA GLU D 458 -27.73 29.42 -18.29
C GLU D 458 -27.63 28.20 -17.41
N ALA D 459 -26.52 28.08 -16.67
CA ALA D 459 -26.32 26.94 -15.79
C ALA D 459 -27.34 26.93 -14.65
N ILE D 460 -27.57 28.09 -14.03
CA ILE D 460 -28.55 28.19 -12.96
C ILE D 460 -29.97 27.86 -13.43
N ARG D 461 -30.39 28.51 -14.51
CA ARG D 461 -31.72 28.30 -15.06
C ARG D 461 -31.91 26.86 -15.54
N GLY D 462 -30.88 26.29 -16.15
CA GLY D 462 -30.92 24.93 -16.64
C GLY D 462 -30.99 23.89 -15.53
N MET D 463 -30.16 24.10 -14.51
CA MET D 463 -30.14 23.19 -13.37
C MET D 463 -31.49 23.19 -12.69
N ILE D 464 -32.00 24.38 -12.39
CA ILE D 464 -33.26 24.47 -11.66
C ILE D 464 -34.42 23.98 -12.52
N ALA D 465 -34.40 24.28 -13.81
CA ALA D 465 -35.41 23.75 -14.72
C ALA D 465 -35.42 22.22 -14.74
N ARG D 466 -34.22 21.63 -14.70
CA ARG D 466 -34.09 20.17 -14.72
C ARG D 466 -34.48 19.50 -13.40
N ASP D 467 -34.20 20.15 -12.29
CA ASP D 467 -34.21 19.48 -11.00
C ASP D 467 -35.28 19.95 -10.01
N LYS D 468 -36.14 20.86 -10.45
CA LYS D 468 -37.11 21.53 -9.57
C LYS D 468 -38.05 20.60 -8.81
N ASN D 469 -38.39 19.47 -9.42
CA ASN D 469 -39.39 18.56 -8.87
C ASN D 469 -38.88 17.60 -7.79
N HIS D 470 -37.57 17.52 -7.62
CA HIS D 470 -37.00 16.61 -6.62
C HIS D 470 -37.19 17.11 -5.20
N PRO D 471 -37.91 16.32 -4.37
CA PRO D 471 -38.04 16.65 -2.95
C PRO D 471 -36.70 16.58 -2.21
N CYS D 472 -35.78 15.75 -2.67
CA CYS D 472 -34.50 15.56 -1.99
C CYS D 472 -33.63 16.83 -2.01
N ILE D 473 -33.80 17.65 -3.04
CA ILE D 473 -33.08 18.91 -3.15
C ILE D 473 -33.66 19.96 -2.21
N VAL D 474 -32.83 20.49 -1.31
CA VAL D 474 -33.35 21.47 -0.35
C VAL D 474 -32.71 22.85 -0.49
N MET D 475 -31.69 22.95 -1.32
CA MET D 475 -30.92 24.20 -1.45
C MET D 475 -30.12 24.25 -2.74
N TRP D 476 -29.99 25.44 -3.31
CA TRP D 476 -29.18 25.65 -4.51
C TRP D 476 -27.86 26.31 -4.14
N SER D 477 -26.77 25.84 -4.76
CA SER D 477 -25.47 26.48 -4.64
C SER D 477 -25.10 27.11 -5.99
N ILE D 478 -24.87 28.43 -5.99
CA ILE D 478 -24.64 29.15 -7.24
C ILE D 478 -23.16 29.25 -7.64
N ALA D 479 -22.26 28.80 -6.76
CA ALA D 479 -20.83 28.78 -7.05
C ALA D 479 -20.04 28.05 -5.98
N ASN D 480 -18.85 27.55 -6.36
CA ASN D 480 -17.91 27.02 -5.38
C ASN D 480 -16.58 27.78 -5.36
N GLU D 481 -16.25 28.30 -4.19
CA GLU D 481 -14.99 29.00 -3.95
C GLU D 481 -14.61 30.08 -4.98
N PRO D 482 -15.52 31.04 -5.24
CA PRO D 482 -15.10 32.17 -6.08
C PRO D 482 -14.34 33.20 -5.25
N GLY D 483 -13.62 34.10 -5.92
CA GLY D 483 -12.96 35.20 -5.23
C GLY D 483 -14.00 36.19 -4.73
N LEU D 484 -14.03 36.43 -3.42
CA LEU D 484 -15.05 37.29 -2.83
C LEU D 484 -14.46 38.41 -1.95
N ASP D 485 -13.21 38.24 -1.51
CA ASP D 485 -12.61 39.12 -0.52
C ASP D 485 -11.46 39.96 -1.09
N GLY D 486 -10.77 40.68 -0.20
CA GLY D 486 -9.66 41.52 -0.59
C GLY D 486 -9.93 42.98 -0.25
N ASP D 487 -9.20 43.89 -0.87
CA ASP D 487 -9.41 45.32 -0.61
C ASP D 487 -9.81 46.05 -1.88
N GLY D 488 -9.91 47.37 -1.78
CA GLY D 488 -10.41 48.20 -2.87
C GLY D 488 -11.84 47.86 -3.21
N GLU D 489 -12.13 47.74 -4.50
CA GLU D 489 -13.50 47.49 -4.97
C GLU D 489 -13.81 46.02 -5.23
N ARG D 490 -12.84 45.14 -5.03
CA ARG D 490 -13.00 43.73 -5.36
C ARG D 490 -14.18 43.05 -4.63
N PRO D 491 -14.32 43.25 -3.30
CA PRO D 491 -15.50 42.65 -2.65
C PRO D 491 -16.83 43.15 -3.21
N ARG D 492 -16.89 44.44 -3.54
CA ARG D 492 -18.12 45.01 -4.09
C ARG D 492 -18.40 44.48 -5.51
N GLN D 493 -17.33 44.29 -6.28
CA GLN D 493 -17.47 43.74 -7.63
C GLN D 493 -18.00 42.31 -7.55
N ALA D 494 -17.46 41.54 -6.61
CA ALA D 494 -17.93 40.18 -6.38
C ALA D 494 -19.41 40.17 -5.99
N TYR D 495 -19.77 41.03 -5.04
CA TYR D 495 -21.16 41.16 -4.59
C TYR D 495 -22.10 41.49 -5.74
N ASP D 496 -21.72 42.49 -6.54
CA ASP D 496 -22.53 42.95 -7.65
C ASP D 496 -22.66 41.87 -8.72
N TYR D 497 -21.66 41.02 -8.83
CA TYR D 497 -21.76 39.89 -9.74
C TYR D 497 -22.71 38.80 -9.22
N PHE D 498 -22.60 38.48 -7.94
CA PHE D 498 -23.30 37.30 -7.41
C PHE D 498 -24.75 37.53 -6.95
N ARG D 499 -25.08 38.74 -6.50
CA ARG D 499 -26.46 39.02 -6.07
C ARG D 499 -27.54 38.75 -7.12
N PRO D 500 -27.36 39.23 -8.37
CA PRO D 500 -28.43 38.91 -9.33
C PRO D 500 -28.54 37.41 -9.62
N LEU D 501 -27.46 36.67 -9.37
CA LEU D 501 -27.51 35.22 -9.54
C LEU D 501 -28.22 34.57 -8.35
N TYR D 502 -28.01 35.13 -7.16
CA TYR D 502 -28.79 34.76 -5.97
C TYR D 502 -30.29 34.96 -6.23
N GLU D 503 -30.63 36.13 -6.77
CA GLU D 503 -32.01 36.49 -7.04
C GLU D 503 -32.59 35.62 -8.16
N LEU D 504 -31.77 35.31 -9.16
CA LEU D 504 -32.21 34.47 -10.27
C LEU D 504 -32.58 33.06 -9.81
N ALA D 505 -31.76 32.51 -8.90
CA ALA D 505 -32.03 31.18 -8.38
C ALA D 505 -33.35 31.14 -7.63
N HIS D 506 -33.64 32.21 -6.91
CA HIS D 506 -34.90 32.33 -6.18
C HIS D 506 -36.08 32.49 -7.13
N ALA D 507 -35.88 33.24 -8.21
CA ALA D 507 -36.96 33.49 -9.17
C ALA D 507 -37.25 32.27 -10.05
N SER D 508 -36.23 31.46 -10.30
CA SER D 508 -36.36 30.32 -11.20
C SER D 508 -37.00 29.11 -10.52
N ASP D 509 -36.81 29.02 -9.21
CA ASP D 509 -37.30 27.88 -8.44
C ASP D 509 -38.70 28.14 -7.89
N PRO D 510 -39.70 27.42 -8.41
CA PRO D 510 -41.09 27.56 -7.98
C PRO D 510 -41.30 27.18 -6.51
N GLN D 511 -40.40 26.38 -5.96
CA GLN D 511 -40.46 26.02 -4.54
C GLN D 511 -39.77 27.09 -3.69
N ASN D 512 -39.00 27.95 -4.35
CA ASN D 512 -38.26 29.02 -3.68
C ASN D 512 -37.40 28.51 -2.53
N ARG D 513 -36.61 27.46 -2.79
CA ARG D 513 -35.69 26.93 -1.80
C ARG D 513 -34.60 27.94 -1.45
N PRO D 514 -33.97 27.78 -0.28
CA PRO D 514 -32.83 28.61 0.09
C PRO D 514 -31.71 28.56 -0.95
N VAL D 515 -30.93 29.63 -1.03
CA VAL D 515 -29.87 29.75 -2.02
C VAL D 515 -28.57 30.07 -1.29
N THR D 516 -27.50 29.34 -1.63
CA THR D 516 -26.22 29.58 -1.01
C THR D 516 -25.11 29.73 -2.04
N LEU D 517 -23.91 30.04 -1.53
CA LEU D 517 -22.71 30.13 -2.32
C LEU D 517 -21.63 29.50 -1.46
N VAL D 518 -20.94 28.49 -1.98
CA VAL D 518 -19.94 27.81 -1.18
C VAL D 518 -18.65 28.62 -1.17
N CYS D 519 -18.22 29.02 0.02
CA CYS D 519 -17.14 29.99 0.18
C CYS D 519 -15.80 29.33 0.50
N CYS D 520 -14.76 29.70 -0.24
CA CYS D 520 -13.41 29.22 0.07
C CYS D 520 -12.92 29.83 1.37
N GLN D 521 -11.93 29.19 1.96
CA GLN D 521 -11.23 29.75 3.09
C GLN D 521 -10.65 31.10 2.69
N ASN D 522 -11.15 32.17 3.30
CA ASN D 522 -10.71 33.51 2.91
C ASN D 522 -10.70 34.48 4.09
N ASP D 523 -10.43 35.74 3.80
CA ASP D 523 -10.58 36.79 4.80
C ASP D 523 -12.06 37.11 4.93
N TYR D 524 -12.71 36.47 5.91
CA TYR D 524 -14.14 36.62 6.12
C TYR D 524 -14.55 38.05 6.51
N THR D 525 -13.58 38.86 6.96
CA THR D 525 -13.87 40.24 7.35
C THR D 525 -14.02 41.20 6.16
N THR D 526 -13.40 40.87 5.03
CA THR D 526 -13.52 41.71 3.85
C THR D 526 -14.48 41.12 2.82
N ASP D 527 -14.77 39.82 2.97
CA ASP D 527 -15.83 39.18 2.20
C ASP D 527 -17.17 39.77 2.63
N ILE D 528 -17.90 40.36 1.69
CA ILE D 528 -19.19 40.95 1.99
C ILE D 528 -20.35 40.22 1.29
N THR D 529 -20.03 39.13 0.59
CA THR D 529 -21.04 38.40 -0.19
C THR D 529 -21.59 37.19 0.55
N GLU D 530 -20.69 36.37 1.09
CA GLU D 530 -21.09 35.11 1.74
C GLU D 530 -22.12 35.29 2.84
N ARG D 531 -21.96 36.35 3.64
CA ARG D 531 -22.88 36.60 4.76
C ARG D 531 -24.31 36.93 4.32
N THR D 532 -24.51 37.19 3.02
CA THR D 532 -25.83 37.56 2.52
C THR D 532 -26.61 36.37 1.92
N MET D 533 -26.02 35.19 1.96
CA MET D 533 -26.71 34.00 1.47
C MET D 533 -27.74 33.52 2.49
N ASP D 534 -28.64 32.65 2.07
CA ASP D 534 -29.70 32.17 2.97
C ASP D 534 -29.12 31.24 4.02
N VAL D 535 -28.17 30.40 3.59
CA VAL D 535 -27.36 29.61 4.50
C VAL D 535 -25.89 29.89 4.18
N VAL D 536 -25.10 30.12 5.23
CA VAL D 536 -23.67 30.33 5.06
C VAL D 536 -22.97 28.98 4.94
N CYS D 537 -22.39 28.70 3.76
CA CYS D 537 -21.71 27.43 3.53
C CYS D 537 -20.23 27.67 3.38
N ILE D 538 -19.44 27.16 4.32
CA ILE D 538 -18.01 27.46 4.31
C ILE D 538 -17.12 26.24 4.14
N ASN D 539 -16.05 26.42 3.36
CA ASN D 539 -14.98 25.45 3.22
C ASN D 539 -13.81 25.92 4.07
N ARG D 540 -13.43 25.12 5.07
CA ARG D 540 -12.36 25.52 5.99
C ARG D 540 -11.39 24.38 6.22
N TYR D 541 -10.09 24.68 6.14
CA TYR D 541 -9.07 23.67 6.29
C TYR D 541 -8.04 24.06 7.34
N TYR D 542 -8.52 24.60 8.45
CA TYR D 542 -7.68 24.87 9.61
C TYR D 542 -7.01 23.57 10.05
N GLY D 543 -5.70 23.61 10.20
CA GLY D 543 -4.95 22.42 10.57
C GLY D 543 -4.41 21.60 9.41
N TRP D 544 -4.87 21.89 8.20
CA TRP D 544 -4.34 21.23 7.00
C TRP D 544 -3.53 22.19 6.11
N TYR D 545 -4.22 23.13 5.46
CA TYR D 545 -3.56 24.10 4.60
C TYR D 545 -2.91 25.24 5.39
N ASN D 546 -3.29 25.35 6.65
CA ASN D 546 -2.69 26.31 7.57
C ASN D 546 -2.57 25.69 8.94
N LEU D 547 -1.68 26.23 9.77
CA LEU D 547 -1.44 25.67 11.11
C LEU D 547 -1.27 24.16 11.01
N SER D 548 -0.45 23.73 10.05
CA SER D 548 -0.44 22.34 9.58
C SER D 548 -0.07 21.34 10.67
N GLY D 549 -0.95 20.37 10.90
CA GLY D 549 -0.72 19.32 11.88
C GLY D 549 -0.94 19.73 13.33
N ASP D 550 -1.20 21.01 13.54
CA ASP D 550 -1.40 21.53 14.89
C ASP D 550 -2.90 21.69 15.16
N LEU D 551 -3.51 20.69 15.76
CA LEU D 551 -4.97 20.66 15.93
C LEU D 551 -5.46 21.61 17.02
N ASP D 552 -4.63 21.85 18.04
CA ASP D 552 -4.97 22.83 19.07
C ASP D 552 -5.11 24.22 18.44
N ALA D 553 -4.11 24.61 17.69
CA ALA D 553 -4.10 25.92 17.02
C ALA D 553 -5.21 26.01 15.99
N ALA D 554 -5.44 24.90 15.29
CA ALA D 554 -6.50 24.83 14.30
C ALA D 554 -7.88 25.07 14.92
N CYS D 555 -8.11 24.44 16.08
CA CYS D 555 -9.39 24.60 16.78
C CYS D 555 -9.53 26.03 17.34
N HIS D 556 -8.42 26.59 17.79
CA HIS D 556 -8.43 27.98 18.27
C HIS D 556 -8.82 28.96 17.16
N ALA D 557 -8.18 28.81 16.00
CA ALA D 557 -8.46 29.67 14.85
C ALA D 557 -9.90 29.50 14.39
N LEU D 558 -10.31 28.23 14.29
CA LEU D 558 -11.68 27.92 13.92
C LEU D 558 -12.66 28.62 14.84
N ASN D 559 -12.39 28.57 16.15
CA ASN D 559 -13.28 29.19 17.13
C ASN D 559 -13.32 30.71 16.99
N ILE D 560 -12.20 31.32 16.63
CA ILE D 560 -12.20 32.76 16.33
C ILE D 560 -13.15 33.10 15.17
N GLU D 561 -13.03 32.35 14.07
CA GLU D 561 -13.92 32.63 12.94
C GLU D 561 -15.38 32.32 13.28
N LEU D 562 -15.59 31.28 14.07
CA LEU D 562 -16.92 30.91 14.53
C LEU D 562 -17.51 32.03 15.37
N ASP D 563 -16.67 32.70 16.16
CA ASP D 563 -17.13 33.85 16.93
C ASP D 563 -17.59 34.97 15.99
N PHE D 564 -16.86 35.16 14.89
CA PHE D 564 -17.35 36.09 13.85
C PHE D 564 -18.74 35.71 13.29
N TRP D 565 -18.88 34.45 12.88
CA TRP D 565 -20.13 34.02 12.28
C TRP D 565 -21.28 34.00 13.28
N GLU D 566 -20.95 33.85 14.56
CA GLU D 566 -21.94 33.88 15.63
C GLU D 566 -22.63 35.24 15.66
N ASN D 567 -21.86 36.28 15.38
CA ASN D 567 -22.39 37.64 15.34
C ASN D 567 -23.12 37.91 14.04
N ILE D 568 -22.71 37.23 12.96
CA ILE D 568 -23.45 37.44 11.70
C ILE D 568 -24.94 37.06 11.85
N GLY D 569 -25.23 36.01 12.63
CA GLY D 569 -26.61 35.64 12.89
C GLY D 569 -27.32 34.82 11.82
N LYS D 570 -26.54 34.25 10.92
CA LYS D 570 -27.06 33.36 9.88
C LYS D 570 -26.85 31.89 10.28
N PRO D 571 -27.67 30.98 9.74
CA PRO D 571 -27.32 29.56 9.90
C PRO D 571 -26.04 29.24 9.13
N VAL D 572 -25.15 28.46 9.72
CA VAL D 572 -23.84 28.19 9.12
C VAL D 572 -23.56 26.70 9.07
N MET D 573 -22.98 26.23 7.97
CA MET D 573 -22.57 24.83 7.88
C MET D 573 -21.23 24.67 7.14
N PHE D 574 -20.51 23.61 7.48
CA PHE D 574 -19.36 23.17 6.69
C PHE D 574 -19.86 22.56 5.39
N THR D 575 -19.25 22.94 4.29
CA THR D 575 -19.47 22.22 3.04
C THR D 575 -18.19 21.51 2.61
N GLU D 576 -17.07 21.92 3.21
CA GLU D 576 -15.79 21.21 3.05
C GLU D 576 -14.92 21.37 4.29
N TYR D 577 -14.29 20.27 4.70
CA TYR D 577 -13.17 20.28 5.64
C TYR D 577 -12.64 18.86 5.69
N GLY D 578 -11.31 18.71 5.80
CA GLY D 578 -10.71 17.39 5.77
C GLY D 578 -9.21 17.39 5.57
N ALA D 579 -8.67 16.22 5.26
CA ALA D 579 -7.23 16.01 5.23
C ALA D 579 -6.90 14.86 4.30
N ASP D 580 -5.90 15.06 3.43
CA ASP D 580 -5.46 14.00 2.55
C ASP D 580 -4.94 12.83 3.37
N THR D 581 -5.35 11.63 2.96
CA THR D 581 -5.12 10.44 3.76
C THR D 581 -4.86 9.22 2.90
N ILE D 582 -3.67 8.66 3.02
CA ILE D 582 -3.33 7.45 2.29
C ILE D 582 -3.64 6.24 3.16
N GLU D 583 -4.62 5.44 2.74
CA GLU D 583 -5.00 4.25 3.48
C GLU D 583 -3.80 3.35 3.67
N GLY D 584 -3.61 2.88 4.89
CA GLY D 584 -2.48 2.03 5.23
C GLY D 584 -1.31 2.75 5.89
N ILE D 585 -1.30 4.08 5.80
CA ILE D 585 -0.32 4.86 6.54
C ILE D 585 -0.82 5.06 7.96
N HIS D 586 -0.04 4.60 8.94
CA HIS D 586 -0.48 4.59 10.33
C HIS D 586 0.58 5.18 11.27
N GLY D 587 0.13 5.75 12.37
CA GLY D 587 1.02 6.23 13.42
C GLY D 587 0.30 6.20 14.75
N THR D 588 1.04 5.93 15.82
CA THR D 588 0.49 5.99 17.17
C THR D 588 0.12 7.42 17.50
N HIS D 589 0.90 8.36 16.97
CA HIS D 589 0.55 9.76 17.01
C HIS D 589 0.41 10.25 15.58
N GLY D 590 -0.83 10.23 15.11
CA GLY D 590 -1.15 10.46 13.71
C GLY D 590 -0.65 11.76 13.13
N GLU D 591 0.16 11.66 12.09
CA GLU D 591 0.64 12.84 11.37
C GLU D 591 -0.07 12.94 10.02
N MET D 592 0.04 14.10 9.39
CA MET D 592 -0.63 14.37 8.11
C MET D 592 -0.36 13.27 7.09
N PHE D 593 -1.45 12.76 6.50
CA PHE D 593 -1.53 11.65 5.53
C PHE D 593 -1.79 10.29 6.20
N SER D 594 -1.64 10.21 7.52
CA SER D 594 -2.00 8.97 8.22
C SER D 594 -3.52 8.90 8.45
N GLU D 595 -4.04 7.68 8.58
CA GLU D 595 -5.46 7.46 8.86
C GLU D 595 -5.85 8.07 10.20
N GLU D 596 -4.95 7.89 11.17
CA GLU D 596 -5.15 8.41 12.51
C GLU D 596 -5.31 9.93 12.48
N PHE D 597 -4.52 10.62 11.67
CA PHE D 597 -4.63 12.08 11.61
C PHE D 597 -5.98 12.53 11.07
N GLN D 598 -6.48 11.86 10.03
CA GLN D 598 -7.79 12.21 9.48
C GLN D 598 -8.86 12.04 10.55
N ARG D 599 -8.80 10.91 11.24
CA ARG D 599 -9.72 10.63 12.36
C ARG D 599 -9.67 11.72 13.44
N ASP D 600 -8.46 11.99 13.93
CA ASP D 600 -8.26 12.98 14.99
C ASP D 600 -8.76 14.34 14.54
N TYR D 601 -8.54 14.63 13.25
CA TYR D 601 -8.93 15.90 12.65
C TYR D 601 -10.42 16.12 12.79
N TYR D 602 -11.19 15.14 12.32
CA TYR D 602 -12.64 15.28 12.42
C TYR D 602 -13.12 15.28 13.87
N ALA D 603 -12.47 14.49 14.73
CA ALA D 603 -12.86 14.47 16.14
C ALA D 603 -12.74 15.84 16.80
N ARG D 604 -11.59 16.48 16.61
CA ARG D 604 -11.35 17.79 17.23
C ARG D 604 -12.28 18.86 16.65
N ILE D 605 -12.35 18.92 15.32
CA ILE D 605 -13.15 19.97 14.69
C ILE D 605 -14.63 19.85 15.04
N ASN D 606 -15.15 18.63 14.92
CA ASN D 606 -16.57 18.40 15.21
C ASN D 606 -16.87 18.67 16.67
N ALA D 607 -15.90 18.38 17.53
CA ALA D 607 -16.06 18.70 18.95
C ALA D 607 -16.23 20.20 19.11
N GLU D 608 -15.53 20.98 18.29
CA GLU D 608 -15.72 22.43 18.36
C GLU D 608 -17.07 22.92 17.80
N ILE D 609 -17.50 22.41 16.64
CA ILE D 609 -18.77 22.91 16.09
C ILE D 609 -19.99 22.46 16.89
N ASP D 610 -19.86 21.37 17.65
CA ASP D 610 -20.97 20.93 18.52
C ASP D 610 -21.39 21.96 19.57
N LYS D 611 -20.49 22.91 19.87
CA LYS D 611 -20.76 23.95 20.86
C LYS D 611 -21.55 25.13 20.29
N ARG D 612 -21.80 25.13 18.98
CA ARG D 612 -22.47 26.27 18.34
C ARG D 612 -23.86 25.88 17.84
N PRO D 613 -24.90 26.38 18.50
CA PRO D 613 -26.30 26.06 18.20
C PRO D 613 -26.72 26.53 16.82
N TRP D 614 -26.05 27.56 16.31
CA TRP D 614 -26.35 28.14 15.01
C TRP D 614 -25.62 27.41 13.89
N PHE D 615 -24.77 26.45 14.26
CA PHE D 615 -24.06 25.64 13.28
C PHE D 615 -24.89 24.41 12.94
N ILE D 616 -25.50 24.43 11.76
CA ILE D 616 -26.57 23.52 11.40
C ILE D 616 -26.19 22.36 10.49
N GLY D 617 -24.90 22.17 10.22
CA GLY D 617 -24.50 21.06 9.38
C GLY D 617 -23.02 20.80 9.23
N GLU D 618 -22.69 19.55 8.93
CA GLU D 618 -21.32 19.15 8.69
C GLU D 618 -21.24 18.31 7.41
N GLN D 619 -20.84 18.96 6.32
CA GLN D 619 -20.50 18.23 5.11
C GLN D 619 -19.00 18.33 4.90
N LEU D 620 -18.33 17.19 4.97
CA LEU D 620 -16.88 17.17 4.83
C LEU D 620 -16.43 17.03 3.38
N TRP D 621 -15.12 17.10 3.18
CA TRP D 621 -14.50 16.81 1.90
C TRP D 621 -13.47 15.69 2.14
N ASN D 622 -13.60 14.55 1.47
CA ASN D 622 -14.64 14.26 0.49
C ASN D 622 -15.28 12.90 0.82
N PHE D 623 -16.39 12.59 0.17
CA PHE D 623 -16.97 11.25 0.26
C PHE D 623 -15.95 10.17 -0.12
N ALA D 624 -15.26 10.36 -1.25
CA ALA D 624 -14.32 9.36 -1.74
C ALA D 624 -13.17 10.01 -2.51
N ASP D 625 -11.98 9.42 -2.40
CA ASP D 625 -10.84 9.85 -3.22
C ASP D 625 -11.22 9.95 -4.69
N PHE D 626 -10.72 10.97 -5.38
CA PHE D 626 -11.08 11.20 -6.78
C PHE D 626 -9.91 11.72 -7.59
N ALA D 627 -10.03 11.63 -8.91
CA ALA D 627 -8.94 12.01 -9.81
C ALA D 627 -8.80 13.52 -9.97
N THR D 628 -7.55 13.99 -10.00
CA THR D 628 -7.24 15.39 -10.25
C THR D 628 -6.17 15.51 -11.32
N PHE D 629 -5.94 16.74 -11.77
CA PHE D 629 -4.73 17.08 -12.51
C PHE D 629 -3.53 16.69 -11.64
N GLN D 630 -2.48 16.19 -12.25
CA GLN D 630 -1.33 15.72 -11.48
C GLN D 630 -0.55 16.90 -10.90
N GLY D 631 0.06 16.70 -9.74
CA GLY D 631 0.80 17.76 -9.07
C GLY D 631 1.44 17.27 -7.79
N ILE D 632 2.29 18.10 -7.19
CA ILE D 632 3.09 17.68 -6.04
C ILE D 632 2.29 17.51 -4.75
N ILE D 633 1.05 17.99 -4.71
CA ILE D 633 0.20 17.79 -3.54
C ILE D 633 -0.92 16.78 -3.81
N ARG D 634 -0.93 16.18 -4.99
CA ARG D 634 -1.98 15.23 -5.35
C ARG D 634 -1.42 13.82 -5.53
N VAL D 635 -1.56 13.00 -4.48
CA VAL D 635 -1.05 11.63 -4.46
C VAL D 635 -2.02 10.69 -5.14
N GLU D 636 -1.84 10.51 -6.45
CA GLU D 636 -2.81 9.81 -7.28
C GLU D 636 -4.19 10.44 -7.08
N GLY D 637 -4.26 11.74 -7.29
CA GLY D 637 -5.50 12.49 -7.13
C GLY D 637 -5.67 13.07 -5.75
N ASN D 638 -6.91 13.43 -5.42
CA ASN D 638 -7.27 13.97 -4.12
C ASN D 638 -7.56 12.85 -3.15
N ARG D 639 -6.89 12.86 -2.00
CA ARG D 639 -7.04 11.76 -1.04
C ARG D 639 -7.71 12.19 0.26
N LYS D 640 -8.55 13.22 0.17
CA LYS D 640 -9.33 13.65 1.34
C LYS D 640 -10.61 12.84 1.51
N GLY D 641 -10.79 11.82 0.67
CA GLY D 641 -11.91 10.92 0.82
C GLY D 641 -11.87 10.20 2.15
N ILE D 642 -13.04 10.04 2.78
CA ILE D 642 -13.12 9.20 3.97
C ILE D 642 -13.24 7.76 3.51
N LEU D 643 -13.61 7.60 2.24
CA LEU D 643 -13.50 6.32 1.57
C LEU D 643 -12.44 6.40 0.48
N THR D 644 -11.80 5.26 0.19
CA THR D 644 -10.94 5.16 -0.97
C THR D 644 -11.76 5.32 -2.24
N ARG D 645 -11.08 5.42 -3.38
CA ARG D 645 -11.75 5.53 -4.68
C ARG D 645 -12.56 4.29 -5.00
N ASP D 646 -12.18 3.17 -4.39
CA ASP D 646 -12.90 1.91 -4.53
C ASP D 646 -13.96 1.75 -3.44
N ARG D 647 -14.24 2.86 -2.75
CA ARG D 647 -15.31 2.94 -1.74
C ARG D 647 -15.04 2.10 -0.51
N GLN D 648 -13.77 1.97 -0.13
CA GLN D 648 -13.41 1.24 1.08
C GLN D 648 -13.16 2.21 2.23
N PRO D 649 -13.62 1.86 3.44
CA PRO D 649 -13.62 2.78 4.57
C PRO D 649 -12.27 2.97 5.25
N LYS D 650 -11.80 4.21 5.33
CA LYS D 650 -10.65 4.54 6.15
C LYS D 650 -11.10 4.65 7.60
N MET D 651 -10.15 4.68 8.54
CA MET D 651 -10.46 4.78 9.98
C MET D 651 -11.47 5.90 10.27
N ALA D 652 -11.26 7.04 9.61
CA ALA D 652 -12.13 8.19 9.80
C ALA D 652 -13.57 7.87 9.43
N ALA D 653 -13.78 7.06 8.39
CA ALA D 653 -15.11 6.65 8.00
C ALA D 653 -15.82 5.89 9.11
N HIS D 654 -15.09 5.01 9.80
CA HIS D 654 -15.67 4.26 10.92
C HIS D 654 -16.01 5.21 12.06
N TRP D 655 -15.09 6.12 12.36
CA TRP D 655 -15.32 7.06 13.45
C TRP D 655 -16.55 7.95 13.18
N LEU D 656 -16.63 8.47 11.96
CA LEU D 656 -17.73 9.33 11.54
C LEU D 656 -19.04 8.57 11.54
N ARG D 657 -18.99 7.32 11.11
CA ARG D 657 -20.16 6.45 11.16
C ARG D 657 -20.69 6.34 12.58
N GLU D 658 -19.78 6.09 13.52
CA GLU D 658 -20.15 6.00 14.94
C GLU D 658 -20.76 7.32 15.46
N ARG D 659 -20.12 8.44 15.13
CA ARG D 659 -20.64 9.75 15.53
C ARG D 659 -22.04 10.03 14.96
N TRP D 660 -22.19 9.80 13.67
CA TRP D 660 -23.42 10.14 12.95
C TRP D 660 -24.57 9.24 13.33
N ALA D 661 -24.26 8.02 13.77
CA ALA D 661 -25.29 7.11 14.25
C ALA D 661 -26.02 7.69 15.46
N GLY D 662 -25.33 8.52 16.23
CA GLY D 662 -25.90 9.13 17.41
C GLY D 662 -26.42 10.54 17.21
N ILE D 663 -26.44 11.00 15.97
CA ILE D 663 -26.94 12.33 15.65
C ILE D 663 -28.20 12.25 14.79
N PRO D 664 -29.33 12.74 15.32
CA PRO D 664 -30.64 12.68 14.65
C PRO D 664 -30.79 13.73 13.54
N ASP D 665 -31.56 13.39 12.52
CA ASP D 665 -31.83 14.31 11.41
C ASP D 665 -32.53 15.57 11.91
N TYR D 666 -33.44 15.39 12.88
CA TYR D 666 -34.16 16.51 13.47
C TYR D 666 -33.87 16.69 14.95
N GLY D 667 -33.70 17.94 15.39
CA GLY D 667 -33.62 18.25 16.81
C GLY D 667 -32.27 18.12 17.48
N TYR D 668 -31.22 17.89 16.70
CA TYR D 668 -29.86 17.80 17.26
C TYR D 668 -29.51 19.10 17.96
N LYS D 669 -29.92 20.22 17.36
CA LYS D 669 -29.68 21.53 17.96
C LYS D 669 -30.96 22.36 18.02
#